data_2HE4
# 
_entry.id   2HE4 
# 
_audit_conform.dict_name       mmcif_pdbx.dic 
_audit_conform.dict_version    5.377 
_audit_conform.dict_location   http://mmcif.pdb.org/dictionaries/ascii/mmcif_pdbx.dic 
# 
loop_
_database_2.database_id 
_database_2.database_code 
_database_2.pdbx_database_accession 
_database_2.pdbx_DOI 
PDB   2HE4         pdb_00002he4 10.2210/pdb2he4/pdb 
RCSB  RCSB038247   ?            ?                   
WWPDB D_1000038247 ?            ?                   
# 
_pdbx_database_status.status_code                     REL 
_pdbx_database_status.entry_id                        2HE4 
_pdbx_database_status.recvd_initial_deposition_date   2006-06-21 
_pdbx_database_status.deposit_site                    RCSB 
_pdbx_database_status.process_site                    RCSB 
_pdbx_database_status.status_code_sf                  REL 
_pdbx_database_status.status_code_mr                  ? 
_pdbx_database_status.SG_entry                        Y 
_pdbx_database_status.pdb_format_compatible           Y 
_pdbx_database_status.status_code_cs                  ? 
_pdbx_database_status.status_code_nmr_data            ? 
_pdbx_database_status.methods_development_category    ? 
# 
loop_
_audit_author.name 
_audit_author.pdbx_ordinal 
'Papagrigoriou, E.'                    1  
'Elkins, J.M.'                         2  
'Berridge, G.'                         3  
'Gileady, O.'                          4  
'Colebrook, S.'                        5  
'Gileadi, C.'                          6  
'Salah, E.'                            7  
'Savitsky, P.'                         8  
'Pantic, N.'                           9  
'Gorrec, F.'                           10 
'Bunkoczi, G.'                         11 
'Weigelt, J.'                          12 
'Arrowsmith, C.'                       13 
'Sundstrom, M.'                        14 
'Edwards, A.'                          15 
'Doyle, D.A.'                          16 
'Structural Genomics Consortium (SGC)' 17 
# 
_citation.id                        primary 
_citation.title                     
'Structure of PICK1 and other PDZ domains obtained with the help of self-binding C-terminal extensions.' 
_citation.journal_abbrev            'Protein Sci.' 
_citation.journal_volume            16 
_citation.page_first                683 
_citation.page_last                 694 
_citation.year                      2007 
_citation.journal_id_ASTM           PRCIEI 
_citation.country                   US 
_citation.journal_id_ISSN           0961-8368 
_citation.journal_id_CSD            0795 
_citation.book_publisher            ? 
_citation.pdbx_database_id_PubMed   17384233 
_citation.pdbx_database_id_DOI      10.1110/ps.062657507 
# 
loop_
_citation_author.citation_id 
_citation_author.name 
_citation_author.ordinal 
_citation_author.identifier_ORCID 
primary 'Elkins, J.M.'      1 ? 
primary 'Papagrigoriou, E.' 2 ? 
primary 'Berridge, G.'      3 ? 
primary 'Yang, X.'          4 ? 
primary 'Phillips, C.'      5 ? 
primary 'Gileadi, C.'       6 ? 
primary 'Savitsky, P.'      7 ? 
primary 'Doyle, D.A.'       8 ? 
# 
_cell.entry_id           2HE4 
_cell.length_a           49.803 
_cell.length_b           37.677 
_cell.length_c           40.340 
_cell.angle_alpha        90.00 
_cell.angle_beta         97.70 
_cell.angle_gamma        90.00 
_cell.Z_PDB              4 
_cell.pdbx_unique_axis   ? 
_cell.length_a_esd       ? 
_cell.length_b_esd       ? 
_cell.length_c_esd       ? 
_cell.angle_alpha_esd    ? 
_cell.angle_beta_esd     ? 
_cell.angle_gamma_esd    ? 
# 
_symmetry.entry_id                         2HE4 
_symmetry.space_group_name_H-M             'C 1 2 1' 
_symmetry.pdbx_full_space_group_name_H-M   ? 
_symmetry.cell_setting                     ? 
_symmetry.Int_Tables_number                5 
_symmetry.space_group_name_Hall            ? 
# 
loop_
_entity.id 
_entity.type 
_entity.src_method 
_entity.pdbx_description 
_entity.formula_weight 
_entity.pdbx_number_of_molecules 
_entity.pdbx_ec 
_entity.pdbx_mutation 
_entity.pdbx_fragment 
_entity.details 
1 polymer     man 'Na(+)/H(+) exchange regulatory cofactor NHE-RF2' 9931.314 1   ? D229G 'PDZ 2 Domain (Residues 147-230)' ? 
2 non-polymer syn 1,2-ETHANEDIOL                                    62.068   1   ? ?     ?                                 ? 
3 water       nat water                                             18.015   113 ? ?     ?                                 ? 
# 
_entity_name_com.entity_id   1 
_entity_name_com.name        
;NHERF-2, Tyrosine kinase activator protein 1, TKA-1, SRY-interacting protein 1, SIP- 1, Solute carrier family 9 isoform A3 regulatory factor 2, NHE3 kinase A regulatory protein E3KARP, Sodium-hydrogen exchanger regulatory factor 2
;
# 
_entity_poly.entity_id                      1 
_entity_poly.type                           'polypeptide(L)' 
_entity_poly.nstd_linkage                   no 
_entity_poly.nstd_monomer                   no 
_entity_poly.pdbx_seq_one_letter_code       
;SMLRPRLCHLRKGPQGYGFNLHSDKSRPGQYIRSVDPGSPAARSGLRAQDRLIEVNGQNVEGLRHAEVVASIKAREDEAR
LLVVGPSTRL
;
_entity_poly.pdbx_seq_one_letter_code_can   
;SMLRPRLCHLRKGPQGYGFNLHSDKSRPGQYIRSVDPGSPAARSGLRAQDRLIEVNGQNVEGLRHAEVVASIKAREDEAR
LLVVGPSTRL
;
_entity_poly.pdbx_strand_id                 A 
_entity_poly.pdbx_target_identifier         ? 
# 
loop_
_entity_poly_seq.entity_id 
_entity_poly_seq.num 
_entity_poly_seq.mon_id 
_entity_poly_seq.hetero 
1 1  SER n 
1 2  MET n 
1 3  LEU n 
1 4  ARG n 
1 5  PRO n 
1 6  ARG n 
1 7  LEU n 
1 8  CYS n 
1 9  HIS n 
1 10 LEU n 
1 11 ARG n 
1 12 LYS n 
1 13 GLY n 
1 14 PRO n 
1 15 GLN n 
1 16 GLY n 
1 17 TYR n 
1 18 GLY n 
1 19 PHE n 
1 20 ASN n 
1 21 LEU n 
1 22 HIS n 
1 23 SER n 
1 24 ASP n 
1 25 LYS n 
1 26 SER n 
1 27 ARG n 
1 28 PRO n 
1 29 GLY n 
1 30 GLN n 
1 31 TYR n 
1 32 ILE n 
1 33 ARG n 
1 34 SER n 
1 35 VAL n 
1 36 ASP n 
1 37 PRO n 
1 38 GLY n 
1 39 SER n 
1 40 PRO n 
1 41 ALA n 
1 42 ALA n 
1 43 ARG n 
1 44 SER n 
1 45 GLY n 
1 46 LEU n 
1 47 ARG n 
1 48 ALA n 
1 49 GLN n 
1 50 ASP n 
1 51 ARG n 
1 52 LEU n 
1 53 ILE n 
1 54 GLU n 
1 55 VAL n 
1 56 ASN n 
1 57 GLY n 
1 58 GLN n 
1 59 ASN n 
1 60 VAL n 
1 61 GLU n 
1 62 GLY n 
1 63 LEU n 
1 64 ARG n 
1 65 HIS n 
1 66 ALA n 
1 67 GLU n 
1 68 VAL n 
1 69 VAL n 
1 70 ALA n 
1 71 SER n 
1 72 ILE n 
1 73 LYS n 
1 74 ALA n 
1 75 ARG n 
1 76 GLU n 
1 77 ASP n 
1 78 GLU n 
1 79 ALA n 
1 80 ARG n 
1 81 LEU n 
1 82 LEU n 
1 83 VAL n 
1 84 VAL n 
1 85 GLY n 
1 86 PRO n 
1 87 SER n 
1 88 THR n 
1 89 ARG n 
1 90 LEU n 
# 
_entity_src_gen.entity_id                          1 
_entity_src_gen.pdbx_src_id                        1 
_entity_src_gen.pdbx_alt_source_flag               sample 
_entity_src_gen.pdbx_seq_type                      ? 
_entity_src_gen.pdbx_beg_seq_num                   ? 
_entity_src_gen.pdbx_end_seq_num                   ? 
_entity_src_gen.gene_src_common_name               human 
_entity_src_gen.gene_src_genus                     Homo 
_entity_src_gen.pdbx_gene_src_gene                 SLC9A3R2 
_entity_src_gen.gene_src_species                   ? 
_entity_src_gen.gene_src_strain                    ? 
_entity_src_gen.gene_src_tissue                    ? 
_entity_src_gen.gene_src_tissue_fraction           ? 
_entity_src_gen.gene_src_details                   ? 
_entity_src_gen.pdbx_gene_src_fragment             ? 
_entity_src_gen.pdbx_gene_src_scientific_name      'Homo sapiens' 
_entity_src_gen.pdbx_gene_src_ncbi_taxonomy_id     9606 
_entity_src_gen.pdbx_gene_src_variant              ? 
_entity_src_gen.pdbx_gene_src_cell_line            ? 
_entity_src_gen.pdbx_gene_src_atcc                 ? 
_entity_src_gen.pdbx_gene_src_organ                ? 
_entity_src_gen.pdbx_gene_src_organelle            ? 
_entity_src_gen.pdbx_gene_src_cell                 ? 
_entity_src_gen.pdbx_gene_src_cellular_location    ? 
_entity_src_gen.host_org_common_name               ? 
_entity_src_gen.pdbx_host_org_scientific_name      'Escherichia coli' 
_entity_src_gen.pdbx_host_org_ncbi_taxonomy_id     562 
_entity_src_gen.host_org_genus                     Escherichia 
_entity_src_gen.pdbx_host_org_gene                 ? 
_entity_src_gen.pdbx_host_org_organ                ? 
_entity_src_gen.host_org_species                   ? 
_entity_src_gen.pdbx_host_org_tissue               ? 
_entity_src_gen.pdbx_host_org_tissue_fraction      ? 
_entity_src_gen.pdbx_host_org_strain               'BL21(DE3)-R3 Rosetta' 
_entity_src_gen.pdbx_host_org_variant              ? 
_entity_src_gen.pdbx_host_org_cell_line            ? 
_entity_src_gen.pdbx_host_org_atcc                 ? 
_entity_src_gen.pdbx_host_org_culture_collection   ? 
_entity_src_gen.pdbx_host_org_cell                 ? 
_entity_src_gen.pdbx_host_org_organelle            ? 
_entity_src_gen.pdbx_host_org_cellular_location    ? 
_entity_src_gen.pdbx_host_org_vector_type          plasmid 
_entity_src_gen.pdbx_host_org_vector               ? 
_entity_src_gen.host_org_details                   ? 
_entity_src_gen.expression_system_id               ? 
_entity_src_gen.plasmid_name                       pNIC28-Bsa4 
_entity_src_gen.plasmid_details                    ? 
_entity_src_gen.pdbx_description                   ? 
# 
_struct_ref.id                         1 
_struct_ref.db_name                    UNP 
_struct_ref.db_code                    NHRF2_HUMAN 
_struct_ref.pdbx_db_accession          Q15599 
_struct_ref.entity_id                  1 
_struct_ref.pdbx_align_begin           147 
_struct_ref.pdbx_seq_one_letter_code   ? 
_struct_ref.pdbx_db_isoform            ? 
# 
_struct_ref_seq.align_id                      1 
_struct_ref_seq.ref_id                        1 
_struct_ref_seq.pdbx_PDB_id_code              2HE4 
_struct_ref_seq.pdbx_strand_id                A 
_struct_ref_seq.seq_align_beg                 3 
_struct_ref_seq.pdbx_seq_align_beg_ins_code   ? 
_struct_ref_seq.seq_align_end                 86 
_struct_ref_seq.pdbx_seq_align_end_ins_code   ? 
_struct_ref_seq.pdbx_db_accession             Q15599 
_struct_ref_seq.db_align_beg                  147 
_struct_ref_seq.pdbx_db_align_beg_ins_code    ? 
_struct_ref_seq.db_align_end                  232 
_struct_ref_seq.pdbx_db_align_end_ins_code    ? 
_struct_ref_seq.pdbx_auth_seq_align_beg       147 
_struct_ref_seq.pdbx_auth_seq_align_end       230 
# 
loop_
_struct_ref_seq_dif.align_id 
_struct_ref_seq_dif.pdbx_pdb_id_code 
_struct_ref_seq_dif.mon_id 
_struct_ref_seq_dif.pdbx_pdb_strand_id 
_struct_ref_seq_dif.seq_num 
_struct_ref_seq_dif.pdbx_pdb_ins_code 
_struct_ref_seq_dif.pdbx_seq_db_name 
_struct_ref_seq_dif.pdbx_seq_db_accession_code 
_struct_ref_seq_dif.db_mon_id 
_struct_ref_seq_dif.pdbx_seq_db_seq_num 
_struct_ref_seq_dif.details 
_struct_ref_seq_dif.pdbx_auth_seq_num 
_struct_ref_seq_dif.pdbx_ordinal 
1 2HE4 SER A 1  ? UNP Q15599 ?   ?   'cloning artifact'    145 1 
1 2HE4 MET A 2  ? UNP Q15599 ?   ?   'cloning artifact'    146 2 
1 2HE4 GLY A 85 ? UNP Q15599 ASP 229 'engineered mutation' 229 3 
1 2HE4 SER A 87 ? UNP Q15599 ?   ?   'cloning artifact'    231 4 
1 2HE4 THR A 88 ? UNP Q15599 ?   ?   'cloning artifact'    232 5 
1 2HE4 ARG A 89 ? UNP Q15599 ?   ?   'cloning artifact'    233 6 
1 2HE4 LEU A 90 ? UNP Q15599 ?   ?   'cloning artifact'    234 7 
# 
loop_
_chem_comp.id 
_chem_comp.type 
_chem_comp.mon_nstd_flag 
_chem_comp.name 
_chem_comp.pdbx_synonyms 
_chem_comp.formula 
_chem_comp.formula_weight 
ALA 'L-peptide linking' y ALANINE         ?                 'C3 H7 N O2'     89.093  
ARG 'L-peptide linking' y ARGININE        ?                 'C6 H15 N4 O2 1' 175.209 
ASN 'L-peptide linking' y ASPARAGINE      ?                 'C4 H8 N2 O3'    132.118 
ASP 'L-peptide linking' y 'ASPARTIC ACID' ?                 'C4 H7 N O4'     133.103 
CYS 'L-peptide linking' y CYSTEINE        ?                 'C3 H7 N O2 S'   121.158 
EDO non-polymer         . 1,2-ETHANEDIOL  'ETHYLENE GLYCOL' 'C2 H6 O2'       62.068  
GLN 'L-peptide linking' y GLUTAMINE       ?                 'C5 H10 N2 O3'   146.144 
GLU 'L-peptide linking' y 'GLUTAMIC ACID' ?                 'C5 H9 N O4'     147.129 
GLY 'peptide linking'   y GLYCINE         ?                 'C2 H5 N O2'     75.067  
HIS 'L-peptide linking' y HISTIDINE       ?                 'C6 H10 N3 O2 1' 156.162 
HOH non-polymer         . WATER           ?                 'H2 O'           18.015  
ILE 'L-peptide linking' y ISOLEUCINE      ?                 'C6 H13 N O2'    131.173 
LEU 'L-peptide linking' y LEUCINE         ?                 'C6 H13 N O2'    131.173 
LYS 'L-peptide linking' y LYSINE          ?                 'C6 H15 N2 O2 1' 147.195 
MET 'L-peptide linking' y METHIONINE      ?                 'C5 H11 N O2 S'  149.211 
PHE 'L-peptide linking' y PHENYLALANINE   ?                 'C9 H11 N O2'    165.189 
PRO 'L-peptide linking' y PROLINE         ?                 'C5 H9 N O2'     115.130 
SER 'L-peptide linking' y SERINE          ?                 'C3 H7 N O3'     105.093 
THR 'L-peptide linking' y THREONINE       ?                 'C4 H9 N O3'     119.119 
TYR 'L-peptide linking' y TYROSINE        ?                 'C9 H11 N O3'    181.189 
VAL 'L-peptide linking' y VALINE          ?                 'C5 H11 N O2'    117.146 
# 
_exptl.entry_id          2HE4 
_exptl.method            'X-RAY DIFFRACTION' 
_exptl.crystals_number   1 
# 
_exptl_crystal.id                    1 
_exptl_crystal.density_meas          ? 
_exptl_crystal.density_Matthews      1.89 
_exptl_crystal.density_percent_sol   34.82 
_exptl_crystal.description           ? 
_exptl_crystal.F_000                 ? 
_exptl_crystal.preparation           ? 
# 
_diffrn.id                     1 
_diffrn.ambient_temp           100 
_diffrn.ambient_temp_details   ? 
_diffrn.crystal_id             1 
# 
_diffrn_detector.diffrn_id              1 
_diffrn_detector.detector               CCD 
_diffrn_detector.type                   MARRESEARCH 
_diffrn_detector.pdbx_collection_date   2006-05-06 
_diffrn_detector.details                ? 
# 
_diffrn_radiation.diffrn_id                        1 
_diffrn_radiation.wavelength_id                    1 
_diffrn_radiation.pdbx_monochromatic_or_laue_m_l   M 
_diffrn_radiation.monochromator                    'Si(111)' 
_diffrn_radiation.pdbx_diffrn_protocol             'SINGLE WAVELENGTH' 
_diffrn_radiation.pdbx_scattering_type             x-ray 
# 
_diffrn_radiation_wavelength.id           1 
_diffrn_radiation_wavelength.wavelength   0.97646 
_diffrn_radiation_wavelength.wt           1.0 
# 
_diffrn_source.diffrn_id                   1 
_diffrn_source.source                      SYNCHROTRON 
_diffrn_source.type                        'SLS BEAMLINE X10SA' 
_diffrn_source.pdbx_synchrotron_site       SLS 
_diffrn_source.pdbx_synchrotron_beamline   X10SA 
_diffrn_source.pdbx_wavelength             ? 
_diffrn_source.pdbx_wavelength_list        0.97646 
# 
_reflns.entry_id                     2HE4 
_reflns.observed_criterion_sigma_F   0 
_reflns.observed_criterion_sigma_I   0 
_reflns.d_resolution_high            1.45 
_reflns.d_resolution_low             39.97 
_reflns.number_all                   13265 
_reflns.number_obs                   13060 
_reflns.percent_possible_obs         98.5 
_reflns.pdbx_Rmerge_I_obs            0.0385 
_reflns.pdbx_Rsym_value              ? 
_reflns.pdbx_netI_over_sigmaI        ? 
_reflns.B_iso_Wilson_estimate        ? 
_reflns.pdbx_redundancy              0.98 
_reflns.R_free_details               ? 
_reflns.limit_h_max                  ? 
_reflns.limit_h_min                  ? 
_reflns.limit_k_max                  ? 
_reflns.limit_k_min                  ? 
_reflns.limit_l_max                  ? 
_reflns.limit_l_min                  ? 
_reflns.observed_criterion_F_max     ? 
_reflns.observed_criterion_F_min     ? 
_reflns.pdbx_chi_squared             ? 
_reflns.pdbx_scaling_rejects         ? 
_reflns.pdbx_diffrn_id               1 
_reflns.pdbx_ordinal                 1 
# 
_reflns_shell.d_res_high             1.45 
_reflns_shell.d_res_low              1.55 
_reflns_shell.percent_possible_all   98.0 
_reflns_shell.Rmerge_I_obs           0.1403 
_reflns_shell.pdbx_Rsym_value        ? 
_reflns_shell.meanI_over_sigI_obs    6.45 
_reflns_shell.pdbx_redundancy        0.98 
_reflns_shell.percent_possible_obs   ? 
_reflns_shell.number_unique_all      2349 
_reflns_shell.number_measured_all    ? 
_reflns_shell.number_measured_obs    ? 
_reflns_shell.number_unique_obs      ? 
_reflns_shell.pdbx_chi_squared       ? 
_reflns_shell.pdbx_diffrn_id         ? 
_reflns_shell.pdbx_ordinal           1 
# 
_refine.entry_id                                 2HE4 
_refine.ls_number_reflns_obs                     12418 
_refine.ls_number_reflns_all                     13060 
_refine.pdbx_ls_sigma_I                          ? 
_refine.pdbx_ls_sigma_F                          0 
_refine.pdbx_data_cutoff_high_absF               ? 
_refine.pdbx_data_cutoff_low_absF                ? 
_refine.pdbx_data_cutoff_high_rms_absF           ? 
_refine.ls_d_res_low                             39.97 
_refine.ls_d_res_high                            1.45 
_refine.ls_percent_reflns_obs                    98.46 
_refine.ls_R_factor_obs                          0.13203 
_refine.ls_R_factor_all                          0.13203 
_refine.ls_R_factor_R_work                       0.12965 
_refine.ls_R_factor_R_free                       0.18003 
_refine.ls_R_factor_R_free_error                 ? 
_refine.ls_R_factor_R_free_error_details         ? 
_refine.ls_percent_reflns_R_free                 4.9 
_refine.ls_number_reflns_R_free                  641 
_refine.ls_number_parameters                     ? 
_refine.ls_number_restraints                     ? 
_refine.occupancy_min                            ? 
_refine.occupancy_max                            ? 
_refine.correlation_coeff_Fo_to_Fc               0.975 
_refine.correlation_coeff_Fo_to_Fc_free          0.956 
_refine.B_iso_mean                               14.015 
_refine.aniso_B[1][1]                            2.05 
_refine.aniso_B[2][2]                            -1.13 
_refine.aniso_B[3][3]                            -0.57 
_refine.aniso_B[1][2]                            0.00 
_refine.aniso_B[1][3]                            1.34 
_refine.aniso_B[2][3]                            0.00 
_refine.solvent_model_details                    'BABINET MODEL WITH MASK' 
_refine.solvent_model_param_ksol                 ? 
_refine.solvent_model_param_bsol                 ? 
_refine.pdbx_solvent_vdw_probe_radii             1.20 
_refine.pdbx_solvent_ion_probe_radii             0.80 
_refine.pdbx_solvent_shrinkage_radii             0.80 
_refine.pdbx_ls_cross_valid_method               THROUGHOUT 
_refine.details                                  'HYDROGENS HAVE BEEN ADDED IN THE RIDING POSITIONS' 
_refine.pdbx_starting_model                      '1i92 and 1g9o' 
_refine.pdbx_method_to_determine_struct          'MOLECULAR REPLACEMENT' 
_refine.pdbx_isotropic_thermal_model             ? 
_refine.pdbx_stereochemistry_target_values       'MAXIMUM LIKELIHOOD' 
_refine.pdbx_stereochem_target_val_spec_case     ? 
_refine.pdbx_R_Free_selection_details            RANDOM 
_refine.pdbx_overall_ESU_R                       0.080 
_refine.pdbx_overall_ESU_R_Free                  0.069 
_refine.overall_SU_ML                            0.038 
_refine.overall_SU_B                             2.089 
_refine.ls_redundancy_reflns_obs                 ? 
_refine.B_iso_min                                ? 
_refine.B_iso_max                                ? 
_refine.overall_SU_R_Cruickshank_DPI             ? 
_refine.overall_SU_R_free                        ? 
_refine.ls_wR_factor_R_free                      ? 
_refine.ls_wR_factor_R_work                      ? 
_refine.overall_FOM_free_R_set                   ? 
_refine.overall_FOM_work_R_set                   ? 
_refine.pdbx_overall_phase_error                 ? 
_refine.pdbx_refine_id                           'X-RAY DIFFRACTION' 
_refine.pdbx_diffrn_id                           1 
_refine.pdbx_TLS_residual_ADP_flag               ? 
_refine.pdbx_overall_SU_R_free_Cruickshank_DPI   ? 
_refine.pdbx_overall_SU_R_Blow_DPI               ? 
_refine.pdbx_overall_SU_R_free_Blow_DPI          ? 
# 
_refine_hist.pdbx_refine_id                   'X-RAY DIFFRACTION' 
_refine_hist.cycle_id                         LAST 
_refine_hist.pdbx_number_atoms_protein        719 
_refine_hist.pdbx_number_atoms_nucleic_acid   0 
_refine_hist.pdbx_number_atoms_ligand         4 
_refine_hist.number_atoms_solvent             117 
_refine_hist.number_atoms_total               840 
_refine_hist.d_res_high                       1.45 
_refine_hist.d_res_low                        39.97 
# 
loop_
_refine_ls_restr.type 
_refine_ls_restr.dev_ideal 
_refine_ls_restr.dev_ideal_target 
_refine_ls_restr.weight 
_refine_ls_restr.number 
_refine_ls_restr.pdbx_refine_id 
_refine_ls_restr.pdbx_restraint_function 
r_bond_refined_d             0.015  0.021  ? 733  'X-RAY DIFFRACTION' ? 
r_bond_other_d               0.003  0.020  ? 553  'X-RAY DIFFRACTION' ? 
r_angle_refined_deg          1.594  1.988  ? 987  'X-RAY DIFFRACTION' ? 
r_angle_other_deg            0.957  3.000  ? 1330 'X-RAY DIFFRACTION' ? 
r_dihedral_angle_1_deg       6.535  5.000  ? 89   'X-RAY DIFFRACTION' ? 
r_dihedral_angle_2_deg       35.109 21.111 ? 36   'X-RAY DIFFRACTION' ? 
r_dihedral_angle_3_deg       10.620 15.000 ? 134  'X-RAY DIFFRACTION' ? 
r_dihedral_angle_4_deg       13.576 15.000 ? 13   'X-RAY DIFFRACTION' ? 
r_chiral_restr               0.094  0.200  ? 110  'X-RAY DIFFRACTION' ? 
r_gen_planes_refined         0.007  0.020  ? 807  'X-RAY DIFFRACTION' ? 
r_gen_planes_other           0.001  0.020  ? 154  'X-RAY DIFFRACTION' ? 
r_nbd_refined                0.217  0.200  ? 107  'X-RAY DIFFRACTION' ? 
r_nbd_other                  0.197  0.200  ? 570  'X-RAY DIFFRACTION' ? 
r_nbtor_refined              0.160  0.200  ? 346  'X-RAY DIFFRACTION' ? 
r_nbtor_other                0.082  0.200  ? 456  'X-RAY DIFFRACTION' ? 
r_xyhbond_nbd_refined        0.188  0.200  ? 62   'X-RAY DIFFRACTION' ? 
r_xyhbond_nbd_other          ?      ?      ? ?    'X-RAY DIFFRACTION' ? 
r_metal_ion_refined          ?      ?      ? ?    'X-RAY DIFFRACTION' ? 
r_metal_ion_other            ?      ?      ? ?    'X-RAY DIFFRACTION' ? 
r_symmetry_vdw_refined       0.248  0.200  ? 22   'X-RAY DIFFRACTION' ? 
r_symmetry_vdw_other         0.290  0.200  ? 66   'X-RAY DIFFRACTION' ? 
r_symmetry_hbond_refined     0.231  0.200  ? 23   'X-RAY DIFFRACTION' ? 
r_symmetry_hbond_other       ?      ?      ? ?    'X-RAY DIFFRACTION' ? 
r_symmetry_metal_ion_refined ?      ?      ? ?    'X-RAY DIFFRACTION' ? 
r_symmetry_metal_ion_other   ?      ?      ? ?    'X-RAY DIFFRACTION' ? 
r_mcbond_it                  3.816  3.000  ? 470  'X-RAY DIFFRACTION' ? 
r_mcbond_other               2.470  3.000  ? 182  'X-RAY DIFFRACTION' ? 
r_mcangle_it                 4.686  5.000  ? 732  'X-RAY DIFFRACTION' ? 
r_scbond_it                  6.273  8.000  ? 290  'X-RAY DIFFRACTION' ? 
r_scangle_it                 8.624  11.000 ? 255  'X-RAY DIFFRACTION' ? 
r_rigid_bond_restr           2.851  3.000  ? 1368 'X-RAY DIFFRACTION' ? 
r_sphericity_free            10.418 3.000  ? 117  'X-RAY DIFFRACTION' ? 
r_sphericity_bonded          5.954  3.000  ? 1276 'X-RAY DIFFRACTION' ? 
# 
_refine_ls_shell.pdbx_total_number_of_bins_used   20 
_refine_ls_shell.d_res_high                       1.450 
_refine_ls_shell.d_res_low                        1.488 
_refine_ls_shell.number_reflns_R_work             919 
_refine_ls_shell.R_factor_R_work                  0.101 
_refine_ls_shell.percent_reflns_obs               98.17 
_refine_ls_shell.R_factor_R_free                  0.216 
_refine_ls_shell.R_factor_R_free_error            ? 
_refine_ls_shell.percent_reflns_R_free            ? 
_refine_ls_shell.number_reflns_R_free             49 
_refine_ls_shell.number_reflns_all                ? 
_refine_ls_shell.R_factor_all                     ? 
_refine_ls_shell.number_reflns_obs                ? 
_refine_ls_shell.redundancy_reflns_obs            ? 
_refine_ls_shell.pdbx_refine_id                   'X-RAY DIFFRACTION' 
# 
_struct.entry_id                  2HE4 
_struct.title                     
'The crystal structure of the second PDZ domain of human NHERF-2 (SLC9A3R2) interacting with a mode 1 PDZ binding motif' 
_struct.pdbx_model_details        ? 
_struct.pdbx_CASP_flag            ? 
_struct.pdbx_model_type_details   ? 
# 
_struct_keywords.entry_id        2HE4 
_struct_keywords.pdbx_keywords   'STRUCTURAL GENOMICS, UNKNOWN FUNCTION' 
_struct_keywords.text            'Phosphorylation, Structural Genomics, Structural Genomics Consortium, SGC, UNKNOWN FUNCTION' 
# 
loop_
_struct_asym.id 
_struct_asym.pdbx_blank_PDB_chainid_flag 
_struct_asym.pdbx_modified 
_struct_asym.entity_id 
_struct_asym.details 
A N N 1 ? 
B N N 2 ? 
C N N 3 ? 
# 
loop_
_struct_conf.conf_type_id 
_struct_conf.id 
_struct_conf.pdbx_PDB_helix_id 
_struct_conf.beg_label_comp_id 
_struct_conf.beg_label_asym_id 
_struct_conf.beg_label_seq_id 
_struct_conf.pdbx_beg_PDB_ins_code 
_struct_conf.end_label_comp_id 
_struct_conf.end_label_asym_id 
_struct_conf.end_label_seq_id 
_struct_conf.pdbx_end_PDB_ins_code 
_struct_conf.beg_auth_comp_id 
_struct_conf.beg_auth_asym_id 
_struct_conf.beg_auth_seq_id 
_struct_conf.end_auth_comp_id 
_struct_conf.end_auth_asym_id 
_struct_conf.end_auth_seq_id 
_struct_conf.pdbx_PDB_helix_class 
_struct_conf.details 
_struct_conf.pdbx_PDB_helix_length 
HELX_P HELX_P1 1 SER A 39 ? GLY A 45 ? SER A 183 GLY A 189 1 ? 7  
HELX_P HELX_P2 2 ARG A 64 ? LYS A 73 ? ARG A 208 LYS A 217 1 ? 10 
# 
_struct_conf_type.id          HELX_P 
_struct_conf_type.criteria    ? 
_struct_conf_type.reference   ? 
# 
loop_
_struct_sheet.id 
_struct_sheet.type 
_struct_sheet.number_strands 
_struct_sheet.details 
A ? 4 ? 
B ? 2 ? 
# 
loop_
_struct_sheet_order.sheet_id 
_struct_sheet_order.range_id_1 
_struct_sheet_order.range_id_2 
_struct_sheet_order.offset 
_struct_sheet_order.sense 
A 1 2 ? anti-parallel 
A 2 3 ? anti-parallel 
A 3 4 ? anti-parallel 
B 1 2 ? anti-parallel 
# 
loop_
_struct_sheet_range.sheet_id 
_struct_sheet_range.id 
_struct_sheet_range.beg_label_comp_id 
_struct_sheet_range.beg_label_asym_id 
_struct_sheet_range.beg_label_seq_id 
_struct_sheet_range.pdbx_beg_PDB_ins_code 
_struct_sheet_range.end_label_comp_id 
_struct_sheet_range.end_label_asym_id 
_struct_sheet_range.end_label_seq_id 
_struct_sheet_range.pdbx_end_PDB_ins_code 
_struct_sheet_range.beg_auth_comp_id 
_struct_sheet_range.beg_auth_asym_id 
_struct_sheet_range.beg_auth_seq_id 
_struct_sheet_range.end_auth_comp_id 
_struct_sheet_range.end_auth_asym_id 
_struct_sheet_range.end_auth_seq_id 
A 1 ARG A 6  ? ARG A 11 ? ARG A 150 ARG A 155 
A 2 GLU A 78 ? VAL A 84 ? GLU A 222 VAL A 228 
A 3 ARG A 51 ? VAL A 55 ? ARG A 195 VAL A 199 
A 4 GLN A 58 ? ASN A 59 ? GLN A 202 ASN A 203 
B 1 PHE A 19 ? SER A 23 ? PHE A 163 SER A 167 
B 2 GLN A 30 ? VAL A 35 ? GLN A 174 VAL A 179 
# 
loop_
_pdbx_struct_sheet_hbond.sheet_id 
_pdbx_struct_sheet_hbond.range_id_1 
_pdbx_struct_sheet_hbond.range_id_2 
_pdbx_struct_sheet_hbond.range_1_label_atom_id 
_pdbx_struct_sheet_hbond.range_1_label_comp_id 
_pdbx_struct_sheet_hbond.range_1_label_asym_id 
_pdbx_struct_sheet_hbond.range_1_label_seq_id 
_pdbx_struct_sheet_hbond.range_1_PDB_ins_code 
_pdbx_struct_sheet_hbond.range_1_auth_atom_id 
_pdbx_struct_sheet_hbond.range_1_auth_comp_id 
_pdbx_struct_sheet_hbond.range_1_auth_asym_id 
_pdbx_struct_sheet_hbond.range_1_auth_seq_id 
_pdbx_struct_sheet_hbond.range_2_label_atom_id 
_pdbx_struct_sheet_hbond.range_2_label_comp_id 
_pdbx_struct_sheet_hbond.range_2_label_asym_id 
_pdbx_struct_sheet_hbond.range_2_label_seq_id 
_pdbx_struct_sheet_hbond.range_2_PDB_ins_code 
_pdbx_struct_sheet_hbond.range_2_auth_atom_id 
_pdbx_struct_sheet_hbond.range_2_auth_comp_id 
_pdbx_struct_sheet_hbond.range_2_auth_asym_id 
_pdbx_struct_sheet_hbond.range_2_auth_seq_id 
A 1 2 N CYS A 8  ? N CYS A 152 O LEU A 81 ? O LEU A 225 
A 2 3 O LEU A 82 ? O LEU A 226 N ILE A 53 ? N ILE A 197 
A 3 4 N VAL A 55 ? N VAL A 199 O GLN A 58 ? O GLN A 202 
B 1 2 N HIS A 22 ? N HIS A 166 O TYR A 31 ? O TYR A 175 
# 
_struct_site.id                   AC1 
_struct_site.pdbx_evidence_code   Software 
_struct_site.pdbx_auth_asym_id    A 
_struct_site.pdbx_auth_comp_id    EDO 
_struct_site.pdbx_auth_seq_id     235 
_struct_site.pdbx_auth_ins_code   ? 
_struct_site.pdbx_num_residues    6 
_struct_site.details              'BINDING SITE FOR RESIDUE EDO A 235' 
# 
loop_
_struct_site_gen.id 
_struct_site_gen.site_id 
_struct_site_gen.pdbx_num_res 
_struct_site_gen.label_comp_id 
_struct_site_gen.label_asym_id 
_struct_site_gen.label_seq_id 
_struct_site_gen.pdbx_auth_ins_code 
_struct_site_gen.auth_comp_id 
_struct_site_gen.auth_asym_id 
_struct_site_gen.auth_seq_id 
_struct_site_gen.label_atom_id 
_struct_site_gen.label_alt_id 
_struct_site_gen.symmetry 
_struct_site_gen.details 
1 AC1 6 HOH C .  ? HOH A 27  . ? 4_545 ? 
2 AC1 6 SER A 23 ? SER A 167 . ? 1_555 ? 
3 AC1 6 GLN A 30 ? GLN A 174 . ? 1_555 ? 
4 AC1 6 GLN A 49 ? GLN A 193 . ? 4_545 ? 
5 AC1 6 ARG A 64 ? ARG A 208 . ? 1_555 ? 
6 AC1 6 HIS A 65 ? HIS A 209 . ? 1_555 ? 
# 
_atom_sites.entry_id                    2HE4 
_atom_sites.fract_transf_matrix[1][1]   0.00103415 
_atom_sites.fract_transf_matrix[1][2]   0.01037997 
_atom_sites.fract_transf_matrix[1][3]   -0.01737037 
_atom_sites.fract_transf_matrix[2][1]   0.02594564 
_atom_sites.fract_transf_matrix[2][2]   -0.00534179 
_atom_sites.fract_transf_matrix[2][3]   -0.00164739 
_atom_sites.fract_transf_matrix[3][1]   -0.00489433 
_atom_sites.fract_transf_matrix[3][2]   -0.01897864 
_atom_sites.fract_transf_matrix[3][3]   -0.01554371 
_atom_sites.fract_transf_vector[1]      0.224995 
_atom_sites.fract_transf_vector[2]      0.685556 
_atom_sites.fract_transf_vector[3]      0.225915 
# 
loop_
_atom_type.symbol 
C 
N 
O 
S 
# 
loop_
_atom_site.group_PDB 
_atom_site.id 
_atom_site.type_symbol 
_atom_site.label_atom_id 
_atom_site.label_alt_id 
_atom_site.label_comp_id 
_atom_site.label_asym_id 
_atom_site.label_entity_id 
_atom_site.label_seq_id 
_atom_site.pdbx_PDB_ins_code 
_atom_site.Cartn_x 
_atom_site.Cartn_y 
_atom_site.Cartn_z 
_atom_site.occupancy 
_atom_site.B_iso_or_equiv 
_atom_site.pdbx_formal_charge 
_atom_site.auth_seq_id 
_atom_site.auth_comp_id 
_atom_site.auth_asym_id 
_atom_site.auth_atom_id 
_atom_site.pdbx_PDB_model_num 
ATOM   1   N N   . SER A 1 1  ? 18.695  -3.996  -3.789  1.00 34.87 ? 145 SER A N   1 
ATOM   2   C CA  . SER A 1 1  ? 19.745  -3.030  -3.344  1.00 31.69 ? 145 SER A CA  1 
ATOM   3   C C   . SER A 1 1  ? 19.105  -1.874  -2.586  1.00 30.77 ? 145 SER A C   1 
ATOM   4   O O   . SER A 1 1  ? 17.884  -1.810  -2.448  1.00 32.05 ? 145 SER A O   1 
ATOM   5   C CB  . SER A 1 1  ? 20.583  -2.519  -4.526  1.00 30.56 ? 145 SER A CB  1 
ATOM   6   O OG  . SER A 1 1  ? 19.817  -1.784  -5.466  1.00 33.05 ? 145 SER A OG  1 
ATOM   7   N N   . MET A 1 2  ? 19.934  -0.971  -2.085  1.00 30.68 ? 146 MET A N   1 
ATOM   8   C CA  . MET A 1 2  ? 19.458  0.123   -1.249  1.00 30.08 ? 146 MET A CA  1 
ATOM   9   C C   . MET A 1 2  ? 18.479  1.030   -1.966  1.00 26.80 ? 146 MET A C   1 
ATOM   10  O O   . MET A 1 2  ? 18.635  1.327   -3.159  1.00 26.14 ? 146 MET A O   1 
ATOM   11  C CB  . MET A 1 2  ? 20.639  0.961   -0.734  1.00 35.46 ? 146 MET A CB  1 
ATOM   12  N N   . LEU A 1 3  ? 17.489  1.469   -1.194  1.00 22.25 ? 147 LEU A N   1 
ATOM   13  C CA  . LEU A 1 3  ? 16.560  2.532   -1.522  1.00 21.72 ? 147 LEU A CA  1 
ATOM   14  C C   . LEU A 1 3  ? 15.759  2.205   -2.763  1.00 19.38 ? 147 LEU A C   1 
ATOM   15  O O   . LEU A 1 3  ? 15.355  3.091   -3.473  1.00 26.21 ? 147 LEU A O   1 
ATOM   16  C CB  . LEU A 1 3  ? 17.278  3.898   -1.639  1.00 25.35 ? 147 LEU A CB  1 
ATOM   17  C CG  . LEU A 1 3  ? 17.815  4.538   -0.355  1.00 28.24 ? 147 LEU A CG  1 
ATOM   18  C CD1 . LEU A 1 3  ? 18.220  6.000   -0.626  1.00 27.63 ? 147 LEU A CD1 1 
ATOM   19  C CD2 . LEU A 1 3  ? 16.751  4.505   0.729   1.00 32.62 ? 147 LEU A CD2 1 
ATOM   20  N N   . ARG A 1 4  ? 15.527  0.913   -2.978  1.00 17.03 ? 148 ARG A N   1 
ATOM   21  C CA  . ARG A 1 4  ? 14.613  0.427   -4.046  1.00 17.16 ? 148 ARG A CA  1 
ATOM   22  C C   . ARG A 1 4  ? 13.198  0.272   -3.464  1.00 15.95 ? 148 ARG A C   1 
ATOM   23  O O   . ARG A 1 4  ? 13.021  -0.213  -2.338  1.00 17.12 ? 148 ARG A O   1 
ATOM   24  C CB  . ARG A 1 4  ? 15.071  -0.928  -4.628  1.00 18.27 ? 148 ARG A CB  1 
ATOM   25  C CG  . ARG A 1 4  ? 16.432  -0.944  -5.240  1.00 20.45 ? 148 ARG A CG  1 
ATOM   26  C CD  . ARG A 1 4  ? 16.517  -0.018  -6.415  1.00 18.54 ? 148 ARG A CD  1 
ATOM   27  N NE  . ARG A 1 4  ? 15.602  -0.375  -7.520  1.00 20.39 ? 148 ARG A NE  1 
ATOM   28  C CZ  . ARG A 1 4  ? 15.249  0.444   -8.506  1.00 18.94 ? 148 ARG A CZ  1 
ATOM   29  N NH1 . ARG A 1 4  ? 15.709  1.691   -8.572  1.00 20.27 ? 148 ARG A NH1 1 
ATOM   30  N NH2 . ARG A 1 4  ? 14.424  0.017   -9.422  1.00 21.26 ? 148 ARG A NH2 1 
ATOM   31  N N   . PRO A 1 5  ? 12.175  0.659   -4.213  1.00 14.22 ? 149 PRO A N   1 
ATOM   32  C CA  . PRO A 1 5  ? 10.827  0.286   -3.784  1.00 12.07 ? 149 PRO A CA  1 
ATOM   33  C C   . PRO A 1 5  ? 10.676  -1.229  -3.598  1.00 12.03 ? 149 PRO A C   1 
ATOM   34  O O   . PRO A 1 5  ? 11.312  -2.018  -4.281  1.00 14.86 ? 149 PRO A O   1 
ATOM   35  C CB  . PRO A 1 5  ? 9.959   0.770   -4.927  1.00 14.18 ? 149 PRO A CB  1 
ATOM   36  C CG  . PRO A 1 5  ? 10.738  1.803   -5.633  1.00 14.87 ? 149 PRO A CG  1 
ATOM   37  C CD  . PRO A 1 5  ? 12.159  1.401   -5.475  1.00 16.36 ? 149 PRO A CD  1 
ATOM   38  N N   . ARG A 1 6  ? 9.804   -1.629  -2.675  1.00 11.48 ? 150 ARG A N   1 
ATOM   39  C CA  . ARG A 1 6  ? 9.619   -3.012  -2.305  1.00 10.68 ? 150 ARG A CA  1 
ATOM   40  C C   . ARG A 1 6  ? 8.244   -3.482  -2.739  1.00 9.50  ? 150 ARG A C   1 
ATOM   41  O O   . ARG A 1 6  ? 7.247   -2.805  -2.497  1.00 9.68  ? 150 ARG A O   1 
ATOM   42  C CB  . ARG A 1 6  ? 9.673   -3.162  -0.802  1.00 13.30 ? 150 ARG A CB  1 
ATOM   43  C CG  . ARG A 1 6  ? 9.569   -4.598  -0.369  1.00 22.75 ? 150 ARG A CG  1 
ATOM   44  C CD  . ARG A 1 6  ? 10.146  -4.794  0.983   1.00 28.62 ? 150 ARG A CD  1 
ATOM   45  N NE  . ARG A 1 6  ? 9.827   -6.118  1.473   1.00 26.07 ? 150 ARG A NE  1 
ATOM   46  C CZ  . ARG A 1 6  ? 10.116  -6.535  2.710   1.00 29.22 ? 150 ARG A CZ  1 
ATOM   47  N NH1 . ARG A 1 6  ? 10.741  -5.740  3.581   1.00 36.46 ? 150 ARG A NH1 1 
ATOM   48  N NH2 . ARG A 1 6  ? 9.776   -7.752  3.085   1.00 31.15 ? 150 ARG A NH2 1 
ATOM   49  N N   . LEU A 1 7  ? 8.219   -4.670  -3.335  1.00 9.97  ? 151 LEU A N   1 
ATOM   50  C CA  . LEU A 1 7  ? 6.979   -5.288  -3.789  1.00 8.71  ? 151 LEU A CA  1 
ATOM   51  C C   . LEU A 1 7  ? 6.455   -6.125  -2.613  1.00 10.10 ? 151 LEU A C   1 
ATOM   52  O O   . LEU A 1 7  ? 7.133   -7.039  -2.164  1.00 11.81 ? 151 LEU A O   1 
ATOM   53  C CB  . LEU A 1 7  ? 7.232   -6.151  -5.008  1.00 10.32 ? 151 LEU A CB  1 
ATOM   54  C CG  . LEU A 1 7  ? 6.017   -6.702  -5.740  1.00 9.74  ? 151 LEU A CG  1 
ATOM   55  C CD1 . LEU A 1 7  ? 5.016   -5.616  -6.123  1.00 12.89 ? 151 LEU A CD1 1 
ATOM   56  C CD2 . LEU A 1 7  ? 6.426   -7.476  -6.918  1.00 15.34 ? 151 LEU A CD2 1 
ATOM   57  N N   . CYS A 1 8  ? 5.229   -5.846  -2.207  1.00 9.66  ? 152 CYS A N   1 
ATOM   58  C CA  . CYS A 1 8  ? 4.596   -6.545  -1.113  1.00 8.91  ? 152 CYS A CA  1 
ATOM   59  C C   . CYS A 1 8  ? 3.430   -7.338  -1.742  1.00 9.81  ? 152 CYS A C   1 
ATOM   60  O O   . CYS A 1 8  ? 2.487   -6.754  -2.324  1.00 10.30 ? 152 CYS A O   1 
ATOM   61  C CB  . CYS A 1 8  ? 4.072   -5.531  -0.100  1.00 12.95 ? 152 CYS A CB  1 
ATOM   62  S SG  . CYS A 1 8  ? 5.400   -4.588  0.697   1.00 13.92 ? 152 CYS A SG  1 
ATOM   63  N N   . HIS A 1 9  ? 3.487   -8.664  -1.612  1.00 9.37  ? 153 HIS A N   1 
ATOM   64  C CA  . HIS A 1 9  ? 2.480   -9.527  -2.192  1.00 9.37  ? 153 HIS A CA  1 
ATOM   65  C C   . HIS A 1 9  ? 1.570   -9.950  -1.048  1.00 10.41 ? 153 HIS A C   1 
ATOM   66  O O   . HIS A 1 9  ? 1.971   -10.744 -0.172  1.00 14.44 ? 153 HIS A O   1 
ATOM   67  C CB  . HIS A 1 9  ? 3.130   -10.745 -2.835  1.00 10.21 ? 153 HIS A CB  1 
ATOM   68  C CG  . HIS A 1 9  ? 2.152   -11.692 -3.450  1.00 14.40 ? 153 HIS A CG  1 
ATOM   69  N ND1 . HIS A 1 9  ? 2.431   -13.029 -3.628  1.00 21.99 ? 153 HIS A ND1 1 
ATOM   70  C CD2 . HIS A 1 9  ? 0.903   -11.504 -3.926  1.00 16.54 ? 153 HIS A CD2 1 
ATOM   71  C CE1 . HIS A 1 9  ? 1.385   -13.627 -4.179  1.00 20.87 ? 153 HIS A CE1 1 
ATOM   72  N NE2 . HIS A 1 9  ? 0.447   -12.721 -4.381  1.00 18.55 ? 153 HIS A NE2 1 
ATOM   73  N N   . LEU A 1 10 ? 0.349   -9.407  -1.021  1.00 9.47  ? 154 LEU A N   1 
ATOM   74  C CA  . LEU A 1 10 ? -0.605  -9.731  0.043   1.00 8.32  ? 154 LEU A CA  1 
ATOM   75  C C   . LEU A 1 10 ? -1.588  -10.803 -0.444  1.00 7.97  ? 154 LEU A C   1 
ATOM   76  O O   . LEU A 1 10 ? -2.148  -10.692 -1.538  1.00 9.20  ? 154 LEU A O   1 
ATOM   77  C CB  . LEU A 1 10 ? -1.381  -8.493  0.424   1.00 9.68  ? 154 LEU A CB  1 
ATOM   78  C CG  . LEU A 1 10 ? -0.651  -7.305  1.090   1.00 12.07 ? 154 LEU A CG  1 
ATOM   79  C CD1 . LEU A 1 10 ? 0.204   -6.457  0.169   1.00 12.77 ? 154 LEU A CD1 1 
ATOM   80  C CD2 . LEU A 1 10 ? -1.668  -6.419  1.773   1.00 12.00 ? 154 LEU A CD2 1 
ATOM   81  N N   . ARG A 1 11 ? -1.762  -11.819 0.379   1.00 8.66  ? 155 ARG A N   1 
ATOM   82  C CA  . ARG A 1 11 ? -2.720  -12.854 0.160   1.00 9.74  ? 155 ARG A CA  1 
ATOM   83  C C   . ARG A 1 11 ? -3.934  -12.578 1.047   1.00 8.40  ? 155 ARG A C   1 
ATOM   84  O O   . ARG A 1 11 ? -3.825  -12.571 2.269   1.00 10.28 ? 155 ARG A O   1 
ATOM   85  C CB  A ARG A 1 11 ? -2.105  -14.230 0.434   0.50 10.38 ? 155 ARG A CB  1 
ATOM   86  C CB  B ARG A 1 11 ? -2.126  -14.238 0.406   0.50 10.38 ? 155 ARG A CB  1 
ATOM   87  C CG  A ARG A 1 11 ? -0.846  -14.479 -0.402  0.50 16.39 ? 155 ARG A CG  1 
ATOM   88  C CG  B ARG A 1 11 ? -1.082  -14.572 -0.646  0.50 16.14 ? 155 ARG A CG  1 
ATOM   89  C CD  A ARG A 1 11 ? -0.394  -15.904 -0.321  0.50 21.49 ? 155 ARG A CD  1 
ATOM   90  C CD  B ARG A 1 11 ? -0.914  -16.034 -0.824  0.50 18.98 ? 155 ARG A CD  1 
ATOM   91  N NE  A ARG A 1 11 ? 0.609   -16.237 -1.328  0.50 28.96 ? 155 ARG A NE  1 
ATOM   92  N NE  B ARG A 1 11 ? 0.010   -16.345 -1.908  0.50 19.95 ? 155 ARG A NE  1 
ATOM   93  C CZ  A ARG A 1 11 ? 1.913   -15.982 -1.233  0.50 30.99 ? 155 ARG A CZ  1 
ATOM   94  C CZ  B ARG A 1 11 ? -0.309  -16.479 -3.192  0.50 19.07 ? 155 ARG A CZ  1 
ATOM   95  N NH1 A ARG A 1 11 ? 2.420   -15.346 -0.177  0.50 36.33 ? 155 ARG A NH1 1 
ATOM   96  N NH1 B ARG A 1 11 ? -1.549  -16.294 -3.625  0.50 24.24 ? 155 ARG A NH1 1 
ATOM   97  N NH2 A ARG A 1 11 ? 2.713   -16.358 -2.219  0.50 26.74 ? 155 ARG A NH2 1 
ATOM   98  N NH2 B ARG A 1 11 ? 0.654   -16.794 -4.051  0.50 21.90 ? 155 ARG A NH2 1 
ATOM   99  N N   . LYS A 1 12 ? -5.089  -12.333 0.448   1.00 8.56  ? 156 LYS A N   1 
ATOM   100 C CA  . LYS A 1 12 ? -6.248  -11.879 1.183   1.00 9.16  ? 156 LYS A CA  1 
ATOM   101 C C   . LYS A 1 12 ? -6.715  -12.930 2.184   1.00 9.40  ? 156 LYS A C   1 
ATOM   102 O O   . LYS A 1 12 ? -6.727  -14.134 1.907   1.00 8.42  ? 156 LYS A O   1 
ATOM   103 C CB  . LYS A 1 12 ? -7.385  -11.514 0.236   1.00 12.63 ? 156 LYS A CB  1 
ATOM   104 C CG  . LYS A 1 12 ? -8.404  -10.583 0.907   1.00 16.89 ? 156 LYS A CG  1 
ATOM   105 C CD  . LYS A 1 12 ? -9.595  -10.294 0.121   1.00 19.55 ? 156 LYS A CD  1 
ATOM   106 C CE  . LYS A 1 12 ? -9.240  -9.419  -0.999  1.00 20.28 ? 156 LYS A CE  1 
ATOM   107 N NZ  . LYS A 1 12 ? -10.414 -9.283  -1.865  1.00 27.58 ? 156 LYS A NZ  1 
ATOM   108 N N   . GLY A 1 13 ? -7.119  -12.448 3.337   1.00 9.78  ? 157 GLY A N   1 
ATOM   109 C CA  . GLY A 1 13 ? -7.693  -13.253 4.383   1.00 9.01  ? 157 GLY A CA  1 
ATOM   110 C C   . GLY A 1 13 ? -9.180  -13.044 4.521   1.00 9.56  ? 157 GLY A C   1 
ATOM   111 O O   . GLY A 1 13 ? -9.807  -12.325 3.753   1.00 11.83 ? 157 GLY A O   1 
ATOM   112 N N   . PRO A 1 14 ? -9.785  -13.731 5.490   1.00 9.99  ? 158 PRO A N   1 
ATOM   113 C CA  . PRO A 1 14 ? -11.232 -13.636 5.649   1.00 11.14 ? 158 PRO A CA  1 
ATOM   114 C C   . PRO A 1 14 ? -11.747 -12.255 6.095   1.00 10.73 ? 158 PRO A C   1 
ATOM   115 O O   . PRO A 1 14 ? -12.941 -11.954 5.933   1.00 14.19 ? 158 PRO A O   1 
ATOM   116 C CB  . PRO A 1 14 ? -11.543 -14.716 6.710   1.00 14.11 ? 158 PRO A CB  1 
ATOM   117 C CG  . PRO A 1 14 ? -10.323 -15.035 7.343   1.00 17.07 ? 158 PRO A CG  1 
ATOM   118 C CD  . PRO A 1 14 ? -9.173  -14.663 6.438   1.00 11.39 ? 158 PRO A CD  1 
ATOM   119 N N   . GLN A 1 15 ? -10.883 -11.435 6.692   1.00 11.07 ? 159 GLN A N   1 
ATOM   120 C CA  . GLN A 1 15 ? -11.252 -10.040 7.036   1.00 12.21 ? 159 GLN A CA  1 
ATOM   121 C C   . GLN A 1 15 ? -10.511 -9.044  6.174   1.00 13.51 ? 159 GLN A C   1 
ATOM   122 O O   . GLN A 1 15 ? -10.314 -7.892  6.534   1.00 18.89 ? 159 GLN A O   1 
ATOM   123 C CB  . GLN A 1 15 ? -10.890 -9.764  8.487   1.00 13.41 ? 159 GLN A CB  1 
ATOM   124 C CG  . GLN A 1 15 ? -11.823 -10.374 9.485   1.00 13.23 ? 159 GLN A CG  1 
ATOM   125 C CD  . GLN A 1 15 ? -11.651 -11.885 9.585   1.00 13.63 ? 159 GLN A CD  1 
ATOM   126 O OE1 . GLN A 1 15 ? -10.545 -12.390 9.853   1.00 16.23 ? 159 GLN A OE1 1 
ATOM   127 N NE2 . GLN A 1 15 ? -12.738 -12.608 9.354   1.00 12.96 ? 159 GLN A NE2 1 
ATOM   128 N N   . GLY A 1 16 ? -10.096 -9.476  5.011   1.00 10.08 ? 160 GLY A N   1 
ATOM   129 C CA  . GLY A 1 16 ? -9.367  -8.605  4.113   1.00 10.45 ? 160 GLY A CA  1 
ATOM   130 C C   . GLY A 1 16 ? -7.868  -8.694  4.290   1.00 9.15  ? 160 GLY A C   1 
ATOM   131 O O   . GLY A 1 16 ? -7.314  -9.753  4.544   1.00 10.66 ? 160 GLY A O   1 
ATOM   132 N N   . TYR A 1 17 ? -7.208  -7.557  4.153   1.00 9.31  ? 161 TYR A N   1 
ATOM   133 C CA  . TYR A 1 17 ? -5.760  -7.489  4.199   1.00 9.93  ? 161 TYR A CA  1 
ATOM   134 C C   . TYR A 1 17 ? -5.198  -7.022  5.537   1.00 11.29 ? 161 TYR A C   1 
ATOM   135 O O   . TYR A 1 17 ? -4.087  -7.381  5.870   1.00 12.56 ? 161 TYR A O   1 
ATOM   136 C CB  . TYR A 1 17 ? -5.270  -6.563  3.101   1.00 10.19 ? 161 TYR A CB  1 
ATOM   137 C CG  . TYR A 1 17 ? -5.501  -7.107  1.715   1.00 9.03  ? 161 TYR A CG  1 
ATOM   138 C CD1 . TYR A 1 17 ? -4.886  -8.274  1.305   1.00 9.99  ? 161 TYR A CD1 1 
ATOM   139 C CD2 . TYR A 1 17 ? -6.348  -6.480  0.822   1.00 11.23 ? 161 TYR A CD2 1 
ATOM   140 C CE1 . TYR A 1 17 ? -5.070  -8.777  0.050   1.00 8.92  ? 161 TYR A CE1 1 
ATOM   141 C CE2 . TYR A 1 17 ? -6.558  -7.007  -0.439  1.00 9.54  ? 161 TYR A CE2 1 
ATOM   142 C CZ  . TYR A 1 17 ? -5.921  -8.150  -0.813  1.00 9.41  ? 161 TYR A CZ  1 
ATOM   143 O OH  . TYR A 1 17 ? -6.096  -8.744  -2.051  1.00 10.18 ? 161 TYR A OH  1 
ATOM   144 N N   . GLY A 1 18 ? -5.964  -6.234  6.282   1.00 10.36 ? 162 GLY A N   1 
ATOM   145 C CA  . GLY A 1 18 ? -5.531  -5.755  7.600   1.00 10.61 ? 162 GLY A CA  1 
ATOM   146 C C   . GLY A 1 18 ? -4.594  -4.557  7.572   1.00 11.96 ? 162 GLY A C   1 
ATOM   147 O O   . GLY A 1 18 ? -3.636  -4.499  8.338   1.00 13.29 ? 162 GLY A O   1 
ATOM   148 N N   . PHE A 1 19 ? -4.903  -3.583  6.732   1.00 11.15 ? 163 PHE A N   1 
ATOM   149 C CA  . PHE A 1 19 ? -4.217  -2.296  6.787   1.00 10.60 ? 163 PHE A CA  1 
ATOM   150 C C   . PHE A 1 19 ? -5.163  -1.178  6.513   1.00 10.13 ? 163 PHE A C   1 
ATOM   151 O O   . PHE A 1 19 ? -6.240  -1.413  5.961   1.00 12.03 ? 163 PHE A O   1 
ATOM   152 C CB  . PHE A 1 19 ? -2.984  -2.246  5.860   1.00 11.26 ? 163 PHE A CB  1 
ATOM   153 C CG  . PHE A 1 19 ? -3.283  -2.202  4.382   1.00 10.14 ? 163 PHE A CG  1 
ATOM   154 C CD1 . PHE A 1 19 ? -3.295  -1.013  3.698   1.00 11.08 ? 163 PHE A CD1 1 
ATOM   155 C CD2 . PHE A 1 19 ? -3.548  -3.368  3.687   1.00 10.88 ? 163 PHE A CD2 1 
ATOM   156 C CE1 . PHE A 1 19 ? -3.529  -0.984  2.345   1.00 11.42 ? 163 PHE A CE1 1 
ATOM   157 C CE2 . PHE A 1 19 ? -3.787  -3.334  2.330   1.00 9.26  ? 163 PHE A CE2 1 
ATOM   158 C CZ  . PHE A 1 19 ? -3.771  -2.144  1.672   1.00 11.90 ? 163 PHE A CZ  1 
ATOM   159 N N   . ASN A 1 20 ? -4.733  0.043   6.882   1.00 11.66 ? 164 ASN A N   1 
ATOM   160 C CA  . ASN A 1 20 ? -5.527  1.270   6.653   1.00 12.59 ? 164 ASN A CA  1 
ATOM   161 C C   . ASN A 1 20 ? -4.776  2.127   5.647   1.00 13.69 ? 164 ASN A C   1 
ATOM   162 O O   . ASN A 1 20 ? -3.607  2.401   5.850   1.00 14.95 ? 164 ASN A O   1 
ATOM   163 C CB  . ASN A 1 20 ? -5.707  1.982   7.993   1.00 14.86 ? 164 ASN A CB  1 
ATOM   164 C CG  . ASN A 1 20 ? -6.793  3.031   8.002   1.00 22.87 ? 164 ASN A CG  1 
ATOM   165 O OD1 . ASN A 1 20 ? -7.702  3.053   7.158   1.00 25.33 ? 164 ASN A OD1 1 
ATOM   166 N ND2 . ASN A 1 20 ? -6.720  3.914   9.000   1.00 30.20 ? 164 ASN A ND2 1 
ATOM   167 N N   . LEU A 1 21 ? -5.462  2.461   4.549   1.00 11.88 ? 165 LEU A N   1 
ATOM   168 C CA  . LEU A 1 21 ? -4.928  3.297   3.500   1.00 11.94 ? 165 LEU A CA  1 
ATOM   169 C C   . LEU A 1 21 ? -5.406  4.726   3.725   1.00 12.39 ? 165 LEU A C   1 
ATOM   170 O O   . LEU A 1 21 ? -6.604  4.925   3.871   1.00 11.78 ? 165 LEU A O   1 
ATOM   171 C CB  . LEU A 1 21 ? -5.415  2.825   2.144   1.00 12.56 ? 165 LEU A CB  1 
ATOM   172 C CG  . LEU A 1 21 ? -4.765  3.533   0.952   1.00 13.94 ? 165 LEU A CG  1 
ATOM   173 C CD1 . LEU A 1 21 ? -3.299  3.091   0.755   1.00 16.31 ? 165 LEU A CD1 1 
ATOM   174 C CD2 . LEU A 1 21 ? -5.581  3.368   -0.320  1.00 16.90 ? 165 LEU A CD2 1 
ATOM   175 N N   . HIS A 1 22 ? -4.484  5.695   3.680   1.00 12.06 ? 166 HIS A N   1 
ATOM   176 C CA  . HIS A 1 22 ? -4.793  7.073   4.049   1.00 13.70 ? 166 HIS A CA  1 
ATOM   177 C C   . HIS A 1 22 ? -4.263  8.085   3.029   1.00 15.19 ? 166 HIS A C   1 
ATOM   178 O O   . HIS A 1 22 ? -3.125  7.971   2.595   1.00 15.02 ? 166 HIS A O   1 
ATOM   179 C CB  . HIS A 1 22 ? -4.185  7.364   5.447   1.00 19.38 ? 166 HIS A CB  1 
ATOM   180 C CG  . HIS A 1 22 ? -5.043  8.254   6.305   1.00 33.46 ? 166 HIS A CG  1 
ATOM   181 N ND1 . HIS A 1 22 ? -5.317  9.569   5.982   1.00 39.56 ? 166 HIS A ND1 1 
ATOM   182 C CD2 . HIS A 1 22 ? -5.687  8.015   7.477   1.00 35.87 ? 166 HIS A CD2 1 
ATOM   183 C CE1 . HIS A 1 22 ? -6.096  10.099  6.913   1.00 38.19 ? 166 HIS A CE1 1 
ATOM   184 N NE2 . HIS A 1 22 ? -6.331  9.182   7.835   1.00 42.20 ? 166 HIS A NE2 1 
ATOM   185 N N   . SER A 1 23 ? -5.085  9.086   2.699   1.00 14.94 ? 167 SER A N   1 
ATOM   186 C CA  . SER A 1 23 ? -4.591  10.317  2.031   1.00 17.96 ? 167 SER A CA  1 
ATOM   187 C C   . SER A 1 23 ? -3.921  11.239  3.066   1.00 20.75 ? 167 SER A C   1 
ATOM   188 O O   . SER A 1 23 ? -4.219  11.152  4.295   1.00 21.94 ? 167 SER A O   1 
ATOM   189 C CB  . SER A 1 23 ? -5.705  11.100  1.373   1.00 24.34 ? 167 SER A CB  1 
ATOM   190 O OG  . SER A 1 23 ? -6.276  10.358  0.296   1.00 28.59 ? 167 SER A OG  1 
ATOM   191 N N   . ASP A 1 24 ? -2.993  12.076  2.624   1.00 19.31 ? 168 ASP A N   1 
ATOM   192 C CA  . ASP A 1 24 ? -2.347  13.054  3.483   1.00 20.74 ? 168 ASP A CA  1 
ATOM   193 C C   . ASP A 1 24 ? -2.848  14.492  3.205   1.00 18.68 ? 168 ASP A C   1 
ATOM   194 O O   . ASP A 1 24 ? -3.186  14.805  2.092   1.00 21.70 ? 168 ASP A O   1 
ATOM   195 C CB  . ASP A 1 24 ? -0.825  12.934  3.373   1.00 19.35 ? 168 ASP A CB  1 
ATOM   196 C CG  . ASP A 1 24 ? -0.111  13.860  4.314   1.00 27.51 ? 168 ASP A CG  1 
ATOM   197 O OD1 . ASP A 1 24 ? 0.468   14.838  3.845   1.00 31.30 ? 168 ASP A OD1 1 
ATOM   198 O OD2 . ASP A 1 24 ? -0.162  13.637  5.537   1.00 36.09 ? 168 ASP A OD2 1 
ATOM   199 N N   . LYS A 1 25 ? -2.903  15.343  4.232   1.00 20.88 ? 169 LYS A N   1 
ATOM   200 C CA  . LYS A 1 25 ? -3.423  16.714  4.061   1.00 22.60 ? 169 LYS A CA  1 
ATOM   201 C C   . LYS A 1 25 ? -2.361  17.685  3.559   1.00 27.15 ? 169 LYS A C   1 
ATOM   202 O O   . LYS A 1 25 ? -2.676  18.862  3.321   1.00 29.73 ? 169 LYS A O   1 
ATOM   203 C CB  . LYS A 1 25 ? -3.995  17.249  5.392   1.00 25.05 ? 169 LYS A CB  1 
ATOM   204 C CG  . LYS A 1 25 ? -5.400  16.765  5.780   1.00 24.25 ? 169 LYS A CG  1 
ATOM   205 C CD  . LYS A 1 25 ? -6.495  17.162  4.824   1.00 17.63 ? 169 LYS A CD  1 
ATOM   206 C CE  . LYS A 1 25 ? -6.506  18.659  4.557   1.00 16.00 ? 169 LYS A CE  1 
ATOM   207 N NZ  . LYS A 1 25 ? -7.488  19.051  3.511   1.00 26.98 ? 169 LYS A NZ  1 
ATOM   208 N N   . SER A 1 26 ? -1.123  17.209  3.372   1.00 27.57 ? 170 SER A N   1 
ATOM   209 C CA  . SER A 1 26 ? 0.034   18.072  3.053   1.00 29.24 ? 170 SER A CA  1 
ATOM   210 C C   . SER A 1 26 ? 0.890   17.600  1.885   1.00 27.64 ? 170 SER A C   1 
ATOM   211 O O   . SER A 1 26 ? 1.619   18.396  1.301   1.00 31.35 ? 170 SER A O   1 
ATOM   212 C CB  . SER A 1 26 ? 0.934   18.178  4.268   1.00 33.81 ? 170 SER A CB  1 
ATOM   213 O OG  . SER A 1 26 ? 1.300   16.887  4.747   1.00 42.09 ? 170 SER A OG  1 
ATOM   214 N N   . ARG A 1 27 ? 0.832   16.312  1.578   1.00 25.24 ? 171 ARG A N   1 
ATOM   215 C CA  . ARG A 1 27 ? 1.607   15.676  0.529   1.00 29.34 ? 171 ARG A CA  1 
ATOM   216 C C   . ARG A 1 27 ? 0.626   14.914  -0.357  1.00 29.28 ? 171 ARG A C   1 
ATOM   217 O O   . ARG A 1 27 ? -0.346  14.368  0.154   1.00 29.68 ? 171 ARG A O   1 
ATOM   218 C CB  . ARG A 1 27 ? 2.578   14.681  1.165   1.00 31.09 ? 171 ARG A CB  1 
ATOM   219 C CG  . ARG A 1 27 ? 3.514   15.314  2.189   1.00 33.41 ? 171 ARG A CG  1 
ATOM   220 N N   . PRO A 1 28 ? 0.854   14.898  -1.677  1.00 28.44 ? 172 PRO A N   1 
ATOM   221 C CA  . PRO A 1 28 ? 0.056   14.003  -2.497  1.00 25.75 ? 172 PRO A CA  1 
ATOM   222 C C   . PRO A 1 28 ? 0.464   12.559  -2.223  1.00 24.63 ? 172 PRO A C   1 
ATOM   223 O O   . PRO A 1 28 ? 1.583   12.307  -1.756  1.00 25.55 ? 172 PRO A O   1 
ATOM   224 C CB  . PRO A 1 28 ? 0.411   14.404  -3.943  1.00 27.20 ? 172 PRO A CB  1 
ATOM   225 C CG  . PRO A 1 28 ? 1.702   15.150  -3.847  1.00 30.31 ? 172 PRO A CG  1 
ATOM   226 C CD  . PRO A 1 28 ? 1.836   15.682  -2.453  1.00 29.15 ? 172 PRO A CD  1 
ATOM   227 N N   . GLY A 1 29 ? -0.471  11.648  -2.459  1.00 21.87 ? 173 GLY A N   1 
ATOM   228 C CA  . GLY A 1 29 ? -0.213  10.223  -2.413  1.00 20.71 ? 173 GLY A CA  1 
ATOM   229 C C   . GLY A 1 29 ? -1.122  9.492   -1.435  1.00 18.60 ? 173 GLY A C   1 
ATOM   230 O O   . GLY A 1 29 ? -1.826  10.094  -0.608  1.00 17.68 ? 173 GLY A O   1 
ATOM   231 N N   . GLN A 1 30 ? -1.064  8.165   -1.515  1.00 14.89 ? 174 GLN A N   1 
ATOM   232 C CA  . GLN A 1 30 ? -1.751  7.303   -0.595  1.00 14.00 ? 174 GLN A CA  1 
ATOM   233 C C   . GLN A 1 30 ? -0.686  6.609   0.248   1.00 11.63 ? 174 GLN A C   1 
ATOM   234 O O   . GLN A 1 30 ? 0.327   6.127   -0.274  1.00 15.31 ? 174 GLN A O   1 
ATOM   235 C CB  . GLN A 1 30 ? -2.611  6.295   -1.353  1.00 15.65 ? 174 GLN A CB  1 
ATOM   236 C CG  . GLN A 1 30 ? -3.667  6.972   -2.236  1.00 16.58 ? 174 GLN A CG  1 
ATOM   237 C CD  . GLN A 1 30 ? -4.620  7.823   -1.469  1.00 20.02 ? 174 GLN A CD  1 
ATOM   238 O OE1 . GLN A 1 30 ? -5.097  7.424   -0.384  1.00 20.50 ? 174 GLN A OE1 1 
ATOM   239 N NE2 . GLN A 1 30 ? -4.913  9.023   -2.010  1.00 20.89 ? 174 GLN A NE2 1 
ATOM   240 N N   . TYR A 1 31 ? -0.965  6.476   1.530   1.00 12.27 ? 175 TYR A N   1 
ATOM   241 C CA  . TYR A 1 31 ? -0.012  5.957   2.498   1.00 12.19 ? 175 TYR A CA  1 
ATOM   242 C C   . TYR A 1 31 ? -0.635  4.896   3.372   1.00 13.69 ? 175 TYR A C   1 
ATOM   243 O O   . TYR A 1 31 ? -1.842  4.867   3.572   1.00 14.93 ? 175 TYR A O   1 
ATOM   244 C CB  . TYR A 1 31 ? 0.474   7.101   3.425   1.00 14.66 ? 175 TYR A CB  1 
ATOM   245 C CG  . TYR A 1 31 ? 1.173   8.217   2.638   1.00 14.77 ? 175 TYR A CG  1 
ATOM   246 C CD1 . TYR A 1 31 ? 2.547   8.264   2.543   1.00 15.88 ? 175 TYR A CD1 1 
ATOM   247 C CD2 . TYR A 1 31 ? 0.442   9.178   1.940   1.00 14.09 ? 175 TYR A CD2 1 
ATOM   248 C CE1 . TYR A 1 31 ? 3.180   9.254   1.797   1.00 18.66 ? 175 TYR A CE1 1 
ATOM   249 C CE2 . TYR A 1 31 ? 1.066   10.186  1.208   1.00 16.60 ? 175 TYR A CE2 1 
ATOM   250 C CZ  . TYR A 1 31 ? 2.431   10.201  1.144   1.00 16.30 ? 175 TYR A CZ  1 
ATOM   251 O OH  . TYR A 1 31 ? 3.059   11.178  0.406   1.00 22.52 ? 175 TYR A OH  1 
ATOM   252 N N   . ILE A 1 32 ? 0.219   4.021   3.880   1.00 12.82 ? 176 ILE A N   1 
ATOM   253 C CA  . ILE A 1 32 ? -0.191  3.024   4.851   1.00 14.12 ? 176 ILE A CA  1 
ATOM   254 C C   . ILE A 1 32 ? -0.199  3.667   6.246   1.00 15.88 ? 176 ILE A C   1 
ATOM   255 O O   . ILE A 1 32 ? 0.852   4.001   6.793   1.00 17.21 ? 176 ILE A O   1 
ATOM   256 C CB  . ILE A 1 32 ? 0.728   1.781   4.832   1.00 15.15 ? 176 ILE A CB  1 
ATOM   257 C CG1 . ILE A 1 32 ? 0.936   1.242   3.427   1.00 16.78 ? 176 ILE A CG1 1 
ATOM   258 C CG2 . ILE A 1 32 ? 0.210   0.653   5.740   1.00 18.34 ? 176 ILE A CG2 1 
ATOM   259 C CD1 . ILE A 1 32 ? -0.353  0.967   2.620   1.00 19.24 ? 176 ILE A CD1 1 
ATOM   260 N N   . ARG A 1 33 ? -1.377  3.915   6.791   1.00 16.20 ? 177 ARG A N   1 
ATOM   261 C CA  . ARG A 1 33 ? -1.418  4.517   8.156   1.00 20.24 ? 177 ARG A CA  1 
ATOM   262 C C   . ARG A 1 33 ? -1.101  3.517   9.254   1.00 19.11 ? 177 ARG A C   1 
ATOM   263 O O   . ARG A 1 33 ? -0.466  3.882   10.266  1.00 20.50 ? 177 ARG A O   1 
ATOM   264 C CB  . ARG A 1 33 ? -2.754  5.184   8.464   1.00 22.82 ? 177 ARG A CB  1 
ATOM   265 C CG  . ARG A 1 33 ? -2.669  5.917   9.821   1.00 27.73 ? 177 ARG A CG  1 
ATOM   266 C CD  . ARG A 1 33 ? -3.784  6.864   10.080  1.00 39.21 ? 177 ARG A CD  1 
ATOM   267 N NE  . ARG A 1 33 ? -3.630  7.380   11.439  1.00 42.82 ? 177 ARG A NE  1 
ATOM   268 C CZ  . ARG A 1 33 ? -4.629  7.664   12.266  1.00 48.22 ? 177 ARG A CZ  1 
ATOM   269 N NH1 . ARG A 1 33 ? -4.350  8.108   13.484  1.00 44.25 ? 177 ARG A NH1 1 
ATOM   270 N NH2 . ARG A 1 33 ? -5.903  7.510   11.894  1.00 54.15 ? 177 ARG A NH2 1 
ATOM   271 N N   . SER A 1 34 ? -1.600  2.281   9.107   1.00 15.89 ? 178 SER A N   1 
ATOM   272 C CA  . SER A 1 34 ? -1.357  1.242   10.072  1.00 16.44 ? 178 SER A CA  1 
ATOM   273 C C   . SER A 1 34 ? -1.489  -0.122  9.430   1.00 14.72 ? 178 SER A C   1 
ATOM   274 O O   . SER A 1 34 ? -2.119  -0.235  8.396   1.00 15.94 ? 178 SER A O   1 
ATOM   275 C CB  . SER A 1 34 ? -2.346  1.337   11.242  1.00 18.80 ? 178 SER A CB  1 
ATOM   276 O OG  . SER A 1 34 ? -3.695  1.113   10.824  1.00 23.28 ? 178 SER A OG  1 
ATOM   277 N N   . VAL A 1 35 ? -0.917  -1.119  10.101  1.00 14.32 ? 179 VAL A N   1 
ATOM   278 C CA  . VAL A 1 35 ? -0.869  -2.494  9.671   1.00 13.96 ? 179 VAL A CA  1 
ATOM   279 C C   . VAL A 1 35 ? -1.257  -3.301  10.858  1.00 13.65 ? 179 VAL A C   1 
ATOM   280 O O   . VAL A 1 35 ? -0.608  -3.217  11.896  1.00 17.18 ? 179 VAL A O   1 
ATOM   281 C CB  . VAL A 1 35 ? 0.555   -2.897  9.165   1.00 13.37 ? 179 VAL A CB  1 
ATOM   282 C CG1 . VAL A 1 35 ? 0.634   -4.385  8.834   1.00 19.11 ? 179 VAL A CG1 1 
ATOM   283 C CG2 . VAL A 1 35 ? 0.861   -2.085  7.891   1.00 13.87 ? 179 VAL A CG2 1 
ATOM   284 N N   . ASP A 1 36 ? -2.318  -4.075  10.755  1.00 14.24 ? 180 ASP A N   1 
ATOM   285 C CA  . ASP A 1 36 ? -2.756  -4.882  11.896  1.00 15.17 ? 180 ASP A CA  1 
ATOM   286 C C   . ASP A 1 36 ? -1.714  -5.967  12.182  1.00 16.32 ? 180 ASP A C   1 
ATOM   287 O O   . ASP A 1 36 ? -1.211  -6.644  11.262  1.00 16.91 ? 180 ASP A O   1 
ATOM   288 C CB  . ASP A 1 36 ? -4.119  -5.547  11.635  1.00 15.05 ? 180 ASP A CB  1 
ATOM   289 C CG  . ASP A 1 36 ? -5.251  -4.553  11.406  1.00 22.05 ? 180 ASP A CG  1 
ATOM   290 O OD1 . ASP A 1 36 ? -5.080  -3.361  11.691  1.00 26.56 ? 180 ASP A OD1 1 
ATOM   291 O OD2 . ASP A 1 36 ? -6.329  -4.975  10.919  1.00 25.15 ? 180 ASP A OD2 1 
ATOM   292 N N   . PRO A 1 37 ? -1.419  -6.204  13.489  1.00 17.81 ? 181 PRO A N   1 
ATOM   293 C CA  . PRO A 1 37 ? -0.510  -7.259  13.777  1.00 15.93 ? 181 PRO A CA  1 
ATOM   294 C C   . PRO A 1 37 ? -0.996  -8.597  13.271  1.00 14.87 ? 181 PRO A C   1 
ATOM   295 O O   . PRO A 1 37 ? -2.207  -8.891  13.359  1.00 17.54 ? 181 PRO A O   1 
ATOM   296 C CB  . PRO A 1 37 ? -0.531  -7.300  15.315  1.00 18.82 ? 181 PRO A CB  1 
ATOM   297 C CG  . PRO A 1 37 ? -0.862  -5.907  15.681  1.00 23.86 ? 181 PRO A CG  1 
ATOM   298 C CD  . PRO A 1 37 ? -1.835  -5.441  14.681  1.00 21.36 ? 181 PRO A CD  1 
ATOM   299 N N   . GLY A 1 38 ? -0.077  -9.380  12.725  1.00 15.58 ? 182 GLY A N   1 
ATOM   300 C CA  . GLY A 1 38 ? -0.374  -10.727 12.307  1.00 17.26 ? 182 GLY A CA  1 
ATOM   301 C C   . GLY A 1 38 ? -1.314  -10.833 11.118  1.00 16.16 ? 182 GLY A C   1 
ATOM   302 O O   . GLY A 1 38 ? -1.924  -11.855 10.914  1.00 17.26 ? 182 GLY A O   1 
ATOM   303 N N   . SER A 1 39 ? -1.446  -9.758  10.355  1.00 15.66 ? 183 SER A N   1 
ATOM   304 C CA  . SER A 1 39 ? -2.338  -9.699  9.179   1.00 14.03 ? 183 SER A CA  1 
ATOM   305 C C   . SER A 1 39 ? -1.626  -10.152 7.910   1.00 13.27 ? 183 SER A C   1 
ATOM   306 O O   . SER A 1 39 ? -0.422  -10.239 7.873   1.00 13.72 ? 183 SER A O   1 
ATOM   307 C CB  . SER A 1 39 ? -2.768  -8.262  9.014   1.00 13.56 ? 183 SER A CB  1 
ATOM   308 O OG  . SER A 1 39 ? -1.637  -7.441  8.823   1.00 13.92 ? 183 SER A OG  1 
ATOM   309 N N   . PRO A 1 40 ? -2.385  -10.389 6.832   1.00 13.48 ? 184 PRO A N   1 
ATOM   310 C CA  . PRO A 1 40 ? -1.784  -10.579 5.535   1.00 11.92 ? 184 PRO A CA  1 
ATOM   311 C C   . PRO A 1 40 ? -0.880  -9.401  5.159   1.00 11.63 ? 184 PRO A C   1 
ATOM   312 O O   . PRO A 1 40 ? 0.216   -9.600  4.608   1.00 12.60 ? 184 PRO A O   1 
ATOM   313 C CB  . PRO A 1 40 ? -3.011  -10.677 4.612   1.00 12.18 ? 184 PRO A CB  1 
ATOM   314 C CG  . PRO A 1 40 ? -4.051  -11.312 5.449   1.00 12.24 ? 184 PRO A CG  1 
ATOM   315 C CD  . PRO A 1 40 ? -3.847  -10.606 6.786   1.00 12.57 ? 184 PRO A CD  1 
ATOM   316 N N   . ALA A 1 41 ? -1.317  -8.190  5.489   1.00 9.69  ? 185 ALA A N   1 
ATOM   317 C CA  . ALA A 1 41 ? -0.466  -7.004  5.220   1.00 10.52 ? 185 ALA A CA  1 
ATOM   318 C C   . ALA A 1 41 ? 0.900   -7.110  5.904   1.00 11.89 ? 185 ALA A C   1 
ATOM   319 O O   . ALA A 1 41 ? 1.936   -6.840  5.322   1.00 13.75 ? 185 ALA A O   1 
ATOM   320 C CB  . ALA A 1 41 ? -1.169  -5.745  5.621   1.00 11.64 ? 185 ALA A CB  1 
ATOM   321 N N   . ALA A 1 42 ? 0.883   -7.436  7.187   1.00 14.05 ? 186 ALA A N   1 
ATOM   322 C CA  . ALA A 1 42 ? 2.139   -7.553  7.921   1.00 14.22 ? 186 ALA A CA  1 
ATOM   323 C C   . ALA A 1 42 ? 3.059   -8.584  7.285   1.00 14.34 ? 186 ALA A C   1 
ATOM   324 O O   . ALA A 1 42 ? 4.277   -8.335  7.157   1.00 17.81 ? 186 ALA A O   1 
ATOM   325 C CB  . ALA A 1 42 ? 1.896   -7.901  9.414   1.00 15.39 ? 186 ALA A CB  1 
ATOM   326 N N   . ARG A 1 43 ? 2.508   -9.745  6.917   1.00 13.42 ? 187 ARG A N   1 
ATOM   327 C CA  . ARG A 1 43 ? 3.325   -10.822 6.371   1.00 13.36 ? 187 ARG A CA  1 
ATOM   328 C C   . ARG A 1 43 ? 3.956   -10.454 5.013   1.00 12.82 ? 187 ARG A C   1 
ATOM   329 O O   . ARG A 1 43 ? 4.974   -11.014 4.606   1.00 19.17 ? 187 ARG A O   1 
ATOM   330 C CB  . ARG A 1 43 ? 2.514   -12.105 6.252   1.00 15.07 ? 187 ARG A CB  1 
ATOM   331 C CG  . ARG A 1 43 ? 2.321   -12.778 7.562   1.00 20.19 ? 187 ARG A CG  1 
ATOM   332 C CD  . ARG A 1 43 ? 1.774   -14.190 7.380   1.00 19.77 ? 187 ARG A CD  1 
ATOM   333 N NE  . ARG A 1 43 ? 0.431   -14.157 6.842   1.00 21.68 ? 187 ARG A NE  1 
ATOM   334 C CZ  . ARG A 1 43 ? -0.638  -13.847 7.550   1.00 18.09 ? 187 ARG A CZ  1 
ATOM   335 N NH1 . ARG A 1 43 ? -0.529  -13.595 8.869   1.00 21.96 ? 187 ARG A NH1 1 
ATOM   336 N NH2 . ARG A 1 43 ? -1.813  -13.842 6.994   1.00 21.58 ? 187 ARG A NH2 1 
ATOM   337 N N   . SER A 1 44 ? 3.309   -9.542  4.298   1.00 12.87 ? 188 SER A N   1 
ATOM   338 C CA  . SER A 1 44 ? 3.782   -9.135  2.990   1.00 12.56 ? 188 SER A CA  1 
ATOM   339 C C   . SER A 1 44 ? 4.971   -8.210  3.023   1.00 15.00 ? 188 SER A C   1 
ATOM   340 O O   . SER A 1 44 ? 5.604   -7.999  1.975   1.00 16.37 ? 188 SER A O   1 
ATOM   341 C CB  . SER A 1 44 ? 2.662   -8.443  2.221   1.00 14.67 ? 188 SER A CB  1 
ATOM   342 O OG  . SER A 1 44 ? 2.436   -7.131  2.679   1.00 14.27 ? 188 SER A OG  1 
ATOM   343 N N   . GLY A 1 45 ? 5.259   -7.631  4.189   1.00 15.42 ? 189 GLY A N   1 
ATOM   344 C CA  . GLY A 1 45 ? 6.326   -6.629  4.302   1.00 16.48 ? 189 GLY A CA  1 
ATOM   345 C C   . GLY A 1 45 ? 5.883   -5.169  4.354   1.00 15.72 ? 189 GLY A C   1 
ATOM   346 O O   . GLY A 1 45 ? 6.713   -4.266  4.486   1.00 16.19 ? 189 GLY A O   1 
ATOM   347 N N   . LEU A 1 46 ? 4.577   -4.924  4.317   1.00 15.19 ? 190 LEU A N   1 
ATOM   348 C CA  . LEU A 1 46 ? 4.050   -3.569  4.436   1.00 13.96 ? 190 LEU A CA  1 
ATOM   349 C C   . LEU A 1 46 ? 4.272   -3.021  5.840   1.00 16.09 ? 190 LEU A C   1 
ATOM   350 O O   . LEU A 1 46 ? 4.190   -3.770  6.815   1.00 18.31 ? 190 LEU A O   1 
ATOM   351 C CB  A LEU A 1 46 ? 2.548   -3.494  4.231   0.50 15.17 ? 190 LEU A CB  1 
ATOM   352 C CB  B LEU A 1 46 ? 2.562   -3.622  4.047   0.50 15.09 ? 190 LEU A CB  1 
ATOM   353 C CG  A LEU A 1 46 ? 1.950   -3.489  2.856   0.50 11.89 ? 190 LEU A CG  1 
ATOM   354 C CG  B LEU A 1 46 ? 1.810   -2.427  3.475   0.50 11.25 ? 190 LEU A CG  1 
ATOM   355 C CD1 A LEU A 1 46 ? 0.438   -3.481  3.001   0.50 12.63 ? 190 LEU A CD1 1 
ATOM   356 C CD1 B LEU A 1 46 ? 2.311   -2.012  2.101   0.50 15.33 ? 190 LEU A CD1 1 
ATOM   357 C CD2 A LEU A 1 46 ? 2.440   -2.312  2.035   0.50 13.87 ? 190 LEU A CD2 1 
ATOM   358 C CD2 B LEU A 1 46 ? 0.313   -2.707  3.455   0.50 10.89 ? 190 LEU A CD2 1 
ATOM   359 N N   . ARG A 1 47 ? 4.502   -1.712  5.926   1.00 16.23 ? 191 ARG A N   1 
ATOM   360 C CA  . ARG A 1 47 ? 4.744   -0.998  7.170   1.00 18.68 ? 191 ARG A CA  1 
ATOM   361 C C   . ARG A 1 47 ? 4.019   0.327   7.194   1.00 16.23 ? 191 ARG A C   1 
ATOM   362 O O   . ARG A 1 47 ? 3.854   0.958   6.171   1.00 16.35 ? 191 ARG A O   1 
ATOM   363 C CB  . ARG A 1 47 ? 6.234   -0.746  7.363   1.00 21.28 ? 191 ARG A CB  1 
ATOM   364 C CG  . ARG A 1 47 ? 7.079   -2.005  7.408   1.00 25.99 ? 191 ARG A CG  1 
ATOM   365 C CD  . ARG A 1 47 ? 6.763   -2.853  8.652   1.00 33.41 ? 191 ARG A CD  1 
ATOM   366 N N   . ALA A 1 48 ? 3.617   0.759   8.380   1.00 15.42 ? 192 ALA A N   1 
ATOM   367 C CA  . ALA A 1 48 ? 3.042   2.067   8.590   1.00 16.06 ? 192 ALA A CA  1 
ATOM   368 C C   . ALA A 1 48 ? 3.999   3.115   8.002   1.00 15.62 ? 192 ALA A C   1 
ATOM   369 O O   . ALA A 1 48 ? 5.222   2.975   8.151   1.00 18.16 ? 192 ALA A O   1 
ATOM   370 C CB  . ALA A 1 48 ? 2.777   2.316   10.111  1.00 20.12 ? 192 ALA A CB  1 
ATOM   371 N N   . GLN A 1 49 ? 3.414   4.123   7.349   1.00 16.11 ? 193 GLN A N   1 
ATOM   372 C CA  . GLN A 1 49 ? 4.109   5.240   6.727   1.00 15.54 ? 193 GLN A CA  1 
ATOM   373 C C   . GLN A 1 49 ? 4.694   4.939   5.357   1.00 14.58 ? 193 GLN A C   1 
ATOM   374 O O   . GLN A 1 49 ? 5.191   5.857   4.697   1.00 16.61 ? 193 GLN A O   1 
ATOM   375 C CB  . GLN A 1 49 ? 5.187   5.793   7.622   1.00 20.00 ? 193 GLN A CB  1 
ATOM   376 C CG  . GLN A 1 49 ? 4.639   6.399   8.850   1.00 26.75 ? 193 GLN A CG  1 
ATOM   377 C CD  . GLN A 1 49 ? 5.480   7.567   9.204   1.00 36.40 ? 193 GLN A CD  1 
ATOM   378 O OE1 . GLN A 1 49 ? 5.167   8.704   8.852   1.00 42.44 ? 193 GLN A OE1 1 
ATOM   379 N NE2 . GLN A 1 49 ? 6.628   7.286   9.775   1.00 36.18 ? 193 GLN A NE2 1 
ATOM   380 N N   . ASP A 1 50 ? 4.546   3.701   4.872   1.00 13.81 ? 194 ASP A N   1 
ATOM   381 C CA  . ASP A 1 50 ? 4.852   3.404   3.474   1.00 13.02 ? 194 ASP A CA  1 
ATOM   382 C C   . ASP A 1 50 ? 3.959   4.217   2.522   1.00 14.13 ? 194 ASP A C   1 
ATOM   383 O O   . ASP A 1 50 ? 2.780   4.451   2.811   1.00 13.93 ? 194 ASP A O   1 
ATOM   384 C CB  . ASP A 1 50 ? 4.648   1.909   3.198   1.00 13.82 ? 194 ASP A CB  1 
ATOM   385 C CG  . ASP A 1 50 ? 5.770   1.040   3.687   1.00 16.79 ? 194 ASP A CG  1 
ATOM   386 O OD1 . ASP A 1 50 ? 6.840   1.556   4.059   1.00 21.07 ? 194 ASP A OD1 1 
ATOM   387 O OD2 . ASP A 1 50 ? 5.580   -0.198  3.639   1.00 17.03 ? 194 ASP A OD2 1 
ATOM   388 N N   . ARG A 1 51 ? 4.537   4.619   1.381   1.00 11.98 ? 195 ARG A N   1 
ATOM   389 C CA  . ARG A 1 51 ? 3.802   5.289   0.321   1.00 12.83 ? 195 ARG A CA  1 
ATOM   390 C C   . ARG A 1 51 ? 3.625   4.350   -0.875  1.00 12.07 ? 195 ARG A C   1 
ATOM   391 O O   . ARG A 1 51 ? 4.555   3.655   -1.277  1.00 12.42 ? 195 ARG A O   1 
ATOM   392 C CB  . ARG A 1 51 ? 4.552   6.529   -0.140  1.00 16.27 ? 195 ARG A CB  1 
ATOM   393 C CG  . ARG A 1 51 ? 3.813   7.303   -1.239  1.00 16.13 ? 195 ARG A CG  1 
ATOM   394 C CD  . ARG A 1 51 ? 4.452   8.645   -1.527  1.00 21.61 ? 195 ARG A CD  1 
ATOM   395 N NE  . ARG A 1 51 ? 5.785   8.475   -2.060  1.00 22.55 ? 195 ARG A NE  1 
ATOM   396 C CZ  . ARG A 1 51 ? 6.046   8.288   -3.347  1.00 29.16 ? 195 ARG A CZ  1 
ATOM   397 N NH1 . ARG A 1 51 ? 5.056   8.255   -4.226  1.00 30.04 ? 195 ARG A NH1 1 
ATOM   398 N NH2 . ARG A 1 51 ? 7.303   8.144   -3.751  1.00 30.20 ? 195 ARG A NH2 1 
ATOM   399 N N   . LEU A 1 52 ? 2.401   4.311   -1.392  1.00 10.88 ? 196 LEU A N   1 
ATOM   400 C CA  . LEU A 1 52 ? 2.021   3.405   -2.440  1.00 11.46 ? 196 LEU A CA  1 
ATOM   401 C C   . LEU A 1 52 ? 2.336   3.996   -3.786  1.00 12.62 ? 196 LEU A C   1 
ATOM   402 O O   . LEU A 1 52 ? 1.903   5.086   -4.103  1.00 14.84 ? 196 LEU A O   1 
ATOM   403 C CB  . LEU A 1 52 ? 0.536   3.116   -2.328  1.00 14.44 ? 196 LEU A CB  1 
ATOM   404 C CG  . LEU A 1 52 ? -0.112  1.998   -3.093  1.00 16.93 ? 196 LEU A CG  1 
ATOM   405 C CD1 . LEU A 1 52 ? 0.667   0.698   -3.021  1.00 14.95 ? 196 LEU A CD1 1 
ATOM   406 C CD2 . LEU A 1 52 ? -1.585  1.821   -2.597  1.00 15.65 ? 196 LEU A CD2 1 
ATOM   407 N N   . ILE A 1 53 ? 3.083   3.241   -4.580  1.00 10.36 ? 197 ILE A N   1 
ATOM   408 C CA  . ILE A 1 53 ? 3.432   3.654   -5.921  1.00 11.34 ? 197 ILE A CA  1 
ATOM   409 C C   . ILE A 1 53 ? 2.642   2.894   -7.002  1.00 10.89 ? 197 ILE A C   1 
ATOM   410 O O   . ILE A 1 53 ? 2.158   3.509   -7.955  1.00 12.40 ? 197 ILE A O   1 
ATOM   411 C CB  . ILE A 1 53 ? 4.968   3.376   -6.182  1.00 11.86 ? 197 ILE A CB  1 
ATOM   412 C CG1 A ILE A 1 53 ? 5.852   4.104   -5.166  0.50 15.11 ? 197 ILE A CG1 1 
ATOM   413 C CG1 B ILE A 1 53 ? 5.883   4.002   -5.121  0.50 15.59 ? 197 ILE A CG1 1 
ATOM   414 C CG2 . ILE A 1 53 ? 5.352   3.799   -7.603  1.00 14.42 ? 197 ILE A CG2 1 
ATOM   415 C CD1 A ILE A 1 53 ? 7.256   3.632   -5.180  0.50 14.22 ? 197 ILE A CD1 1 
ATOM   416 C CD1 B ILE A 1 53 ? 5.638   5.440   -4.900  0.50 17.46 ? 197 ILE A CD1 1 
ATOM   417 N N   . GLU A 1 54 ? 2.589   1.548   -6.901  1.00 10.02 ? 198 GLU A N   1 
ATOM   418 C CA  . GLU A 1 54 ? 1.855   0.738   -7.853  1.00 10.15 ? 198 GLU A CA  1 
ATOM   419 C C   . GLU A 1 54 ? 0.960   -0.248  -7.126  1.00 8.55  ? 198 GLU A C   1 
ATOM   420 O O   . GLU A 1 54 ? 1.297   -0.747  -6.035  1.00 9.94  ? 198 GLU A O   1 
ATOM   421 C CB  . GLU A 1 54 ? 2.776   -0.069  -8.782  1.00 10.04 ? 198 GLU A CB  1 
ATOM   422 C CG  . GLU A 1 54 ? 3.729   0.781   -9.633  1.00 11.80 ? 198 GLU A CG  1 
ATOM   423 C CD  . GLU A 1 54 ? 4.471   -0.007  -10.710 1.00 13.23 ? 198 GLU A CD  1 
ATOM   424 O OE1 . GLU A 1 54 ? 4.310   -1.259  -10.740 1.00 15.40 ? 198 GLU A OE1 1 
ATOM   425 O OE2 . GLU A 1 54 ? 5.167   0.642   -11.571 1.00 16.91 ? 198 GLU A OE2 1 
ATOM   426 N N   . VAL A 1 55 ? -0.150  -0.577  -7.784  1.00 10.06 ? 199 VAL A N   1 
ATOM   427 C CA  . VAL A 1 55 ? -1.065  -1.655  -7.398  1.00 9.48  ? 199 VAL A CA  1 
ATOM   428 C C   . VAL A 1 55 ? -1.212  -2.588  -8.589  1.00 9.03  ? 199 VAL A C   1 
ATOM   429 O O   . VAL A 1 55 ? -1.605  -2.196  -9.678  1.00 10.37 ? 199 VAL A O   1 
ATOM   430 C CB  . VAL A 1 55 ? -2.438  -1.136  -6.943  1.00 9.72  ? 199 VAL A CB  1 
ATOM   431 C CG1 . VAL A 1 55 ? -3.424  -2.298  -6.668  1.00 10.30 ? 199 VAL A CG1 1 
ATOM   432 C CG2 . VAL A 1 55 ? -2.320  -0.218  -5.743  1.00 12.31 ? 199 VAL A CG2 1 
ATOM   433 N N   . ASN A 1 56 ? -0.880  -3.853  -8.384  1.00 10.41 ? 200 ASN A N   1 
ATOM   434 C CA  . ASN A 1 56 ? -0.958  -4.843  -9.437  1.00 10.30 ? 200 ASN A CA  1 
ATOM   435 C C   . ASN A 1 56 ? -0.291  -4.398  -10.744 1.00 11.80 ? 200 ASN A C   1 
ATOM   436 O O   . ASN A 1 56 ? -0.833  -4.585  -11.816 1.00 15.23 ? 200 ASN A O   1 
ATOM   437 C CB  . ASN A 1 56 ? -2.407  -5.277  -9.632  1.00 10.05 ? 200 ASN A CB  1 
ATOM   438 C CG  . ASN A 1 56 ? -3.006  -5.921  -8.408  1.00 9.18  ? 200 ASN A CG  1 
ATOM   439 O OD1 . ASN A 1 56 ? -2.308  -6.515  -7.613  1.00 11.96 ? 200 ASN A OD1 1 
ATOM   440 N ND2 . ASN A 1 56 ? -4.325  -5.796  -8.261  1.00 11.73 ? 200 ASN A ND2 1 
ATOM   441 N N   . GLY A 1 57 ? 0.878   -3.781  -10.608 1.00 11.29 ? 201 GLY A N   1 
ATOM   442 C CA  . GLY A 1 57 ? 1.683   -3.405  -11.752 1.00 13.47 ? 201 GLY A CA  1 
ATOM   443 C C   . GLY A 1 57 ? 1.370   -2.094  -12.363 1.00 13.08 ? 201 GLY A C   1 
ATOM   444 O O   . GLY A 1 57 ? 1.974   -1.722  -13.401 1.00 15.87 ? 201 GLY A O   1 
ATOM   445 N N   . GLN A 1 58 ? 0.355   -1.408  -11.850 1.00 12.86 ? 202 GLN A N   1 
ATOM   446 C CA  . GLN A 1 58 ? -0.133  -0.139  -12.388 1.00 14.45 ? 202 GLN A CA  1 
ATOM   447 C C   . GLN A 1 58 ? 0.156   1.022   -11.423 1.00 14.23 ? 202 GLN A C   1 
ATOM   448 O O   . GLN A 1 58 ? -0.169  0.980   -10.238 1.00 13.77 ? 202 GLN A O   1 
ATOM   449 C CB  A GLN A 1 58 ? -1.641  -0.231  -12.663 0.50 16.46 ? 202 GLN A CB  1 
ATOM   450 C CB  B GLN A 1 58 ? -1.621  -0.253  -12.727 0.50 17.15 ? 202 GLN A CB  1 
ATOM   451 C CG  A GLN A 1 58 ? -2.029  -1.374  -13.598 0.50 20.24 ? 202 GLN A CG  1 
ATOM   452 C CG  B GLN A 1 58 ? -1.937  -1.360  -13.753 0.50 22.02 ? 202 GLN A CG  1 
ATOM   453 C CD  A GLN A 1 58 ? -3.510  -1.390  -13.963 0.50 21.20 ? 202 GLN A CD  1 
ATOM   454 C CD  B GLN A 1 58 ? -1.253  -1.153  -15.103 0.50 24.82 ? 202 GLN A CD  1 
ATOM   455 O OE1 A GLN A 1 58 ? -4.387  -1.217  -13.110 0.50 25.03 ? 202 GLN A OE1 1 
ATOM   456 O OE1 B GLN A 1 58 ? -1.101  -0.025  -15.564 0.50 25.86 ? 202 GLN A OE1 1 
ATOM   457 N NE2 A GLN A 1 58 ? -3.794  -1.630  -15.233 0.50 29.74 ? 202 GLN A NE2 1 
ATOM   458 N NE2 B GLN A 1 58 ? -0.822  -2.248  -15.734 0.50 34.62 ? 202 GLN A NE2 1 
ATOM   459 N N   . ASN A 1 59 ? 0.808   2.063   -11.931 1.00 13.32 ? 203 ASN A N   1 
ATOM   460 C CA  . ASN A 1 59 ? 1.100   3.223   -11.153 1.00 14.25 ? 203 ASN A CA  1 
ATOM   461 C C   . ASN A 1 59 ? -0.208  3.917   -10.747 1.00 15.15 ? 203 ASN A C   1 
ATOM   462 O O   . ASN A 1 59 ? -1.103  4.083   -11.579 1.00 17.26 ? 203 ASN A O   1 
ATOM   463 C CB  . ASN A 1 59 ? 2.000   4.166   -11.933 1.00 14.84 ? 203 ASN A CB  1 
ATOM   464 C CG  . ASN A 1 59 ? 2.435   5.326   -11.098 1.00 13.55 ? 203 ASN A CG  1 
ATOM   465 O OD1 . ASN A 1 59 ? 1.628   6.205   -10.810 1.00 17.85 ? 203 ASN A OD1 1 
ATOM   466 N ND2 . ASN A 1 59 ? 3.694   5.318   -10.669 1.00 16.90 ? 203 ASN A ND2 1 
ATOM   467 N N   . VAL A 1 60 ? -0.337  4.211   -9.446  1.00 14.46 ? 204 VAL A N   1 
ATOM   468 C CA  . VAL A 1 60 ? -1.550  4.756   -8.878  1.00 14.25 ? 204 VAL A CA  1 
ATOM   469 C C   . VAL A 1 60 ? -1.353  6.164   -8.364  1.00 17.52 ? 204 VAL A C   1 
ATOM   470 O O   . VAL A 1 60 ? -2.256  6.735   -7.746  1.00 20.49 ? 204 VAL A O   1 
ATOM   471 C CB  . VAL A 1 60 ? -2.165  3.827   -7.774  1.00 13.66 ? 204 VAL A CB  1 
ATOM   472 C CG1 . VAL A 1 60 ? -2.592  2.515   -8.429  1.00 14.89 ? 204 VAL A CG1 1 
ATOM   473 C CG2 . VAL A 1 60 ? -1.196  3.567   -6.631  1.00 15.86 ? 204 VAL A CG2 1 
ATOM   474 N N   . GLU A 1 61 ? -0.196  6.754   -8.656  1.00 19.84 ? 205 GLU A N   1 
ATOM   475 C CA  . GLU A 1 61 ? 0.146   8.033   -8.091  1.00 22.96 ? 205 GLU A CA  1 
ATOM   476 C C   . GLU A 1 61 ? -0.754  9.169   -8.579  1.00 23.10 ? 205 GLU A C   1 
ATOM   477 O O   . GLU A 1 61 ? -0.935  10.133  -7.857  1.00 27.70 ? 205 GLU A O   1 
ATOM   478 C CB  . GLU A 1 61 ? 1.633   8.342   -8.315  1.00 22.13 ? 205 GLU A CB  1 
ATOM   479 C CG  . GLU A 1 61 ? 2.571   7.372   -7.575  1.00 22.17 ? 205 GLU A CG  1 
ATOM   480 C CD  . GLU A 1 61 ? 4.039   7.659   -7.826  1.00 24.39 ? 205 GLU A CD  1 
ATOM   481 O OE1 . GLU A 1 61 ? 4.491   7.452   -8.957  1.00 25.55 ? 205 GLU A OE1 1 
ATOM   482 O OE2 . GLU A 1 61 ? 4.742   8.099   -6.898  1.00 36.45 ? 205 GLU A OE2 1 
ATOM   483 N N   . GLY A 1 62 ? -1.361  9.031   -9.745  1.00 23.95 ? 206 GLY A N   1 
ATOM   484 C CA  . GLY A 1 62 ? -2.316  10.035  -10.226 1.00 28.65 ? 206 GLY A CA  1 
ATOM   485 C C   . GLY A 1 62 ? -3.768  9.952   -9.766  1.00 28.84 ? 206 GLY A C   1 
ATOM   486 O O   . GLY A 1 62 ? -4.571  10.834  -10.103 1.00 32.31 ? 206 GLY A O   1 
ATOM   487 N N   . LEU A 1 63 ? -4.115  8.911   -8.995  1.00 25.07 ? 207 LEU A N   1 
ATOM   488 C CA  . LEU A 1 63 ? -5.518  8.591   -8.707  1.00 21.39 ? 207 LEU A CA  1 
ATOM   489 C C   . LEU A 1 63 ? -6.066  9.191   -7.409  1.00 17.73 ? 207 LEU A C   1 
ATOM   490 O O   . LEU A 1 63 ? -5.339  9.405   -6.456  1.00 22.55 ? 207 LEU A O   1 
ATOM   491 C CB  . LEU A 1 63 ? -5.680  7.076   -8.626  1.00 19.81 ? 207 LEU A CB  1 
ATOM   492 C CG  . LEU A 1 63 ? -5.353  6.291   -9.895  1.00 21.50 ? 207 LEU A CG  1 
ATOM   493 C CD1 . LEU A 1 63 ? -5.570  4.757   -9.727  1.00 22.48 ? 207 LEU A CD1 1 
ATOM   494 C CD2 . LEU A 1 63 ? -6.174  6.809   -11.072 1.00 23.99 ? 207 LEU A CD2 1 
ATOM   495 N N   . ARG A 1 64 ? -7.393  9.365   -7.363  1.00 17.33 ? 208 ARG A N   1 
ATOM   496 C CA  . ARG A 1 64 ? -8.070  9.684   -6.114  1.00 15.91 ? 208 ARG A CA  1 
ATOM   497 C C   . ARG A 1 64 ? -8.130  8.475   -5.170  1.00 13.20 ? 208 ARG A C   1 
ATOM   498 O O   . ARG A 1 64 ? -8.050  7.346   -5.609  1.00 15.50 ? 208 ARG A O   1 
ATOM   499 C CB  . ARG A 1 64 ? -9.504  10.097  -6.390  1.00 18.07 ? 208 ARG A CB  1 
ATOM   500 C CG  . ARG A 1 64 ? -9.654  11.322  -7.274  1.00 22.99 ? 208 ARG A CG  1 
ATOM   501 C CD  . ARG A 1 64 ? -11.137 11.539  -7.457  1.00 32.14 ? 208 ARG A CD  1 
ATOM   502 N NE  . ARG A 1 64 ? -11.490 12.782  -8.150  1.00 35.06 ? 208 ARG A NE  1 
ATOM   503 C CZ  . ARG A 1 64 ? -11.800 13.920  -7.541  1.00 32.45 ? 208 ARG A CZ  1 
ATOM   504 N NH1 . ARG A 1 64 ? -11.804 13.999  -6.214  1.00 32.77 ? 208 ARG A NH1 1 
ATOM   505 N NH2 . ARG A 1 64 ? -12.120 14.988  -8.273  1.00 32.64 ? 208 ARG A NH2 1 
ATOM   506 N N   . HIS A 1 65 ? -8.248  8.740   -3.874  1.00 13.54 ? 209 HIS A N   1 
ATOM   507 C CA  . HIS A 1 65 ? -8.337  7.691   -2.869  1.00 13.17 ? 209 HIS A CA  1 
ATOM   508 C C   . HIS A 1 65 ? -9.282  6.547   -3.280  1.00 11.93 ? 209 HIS A C   1 
ATOM   509 O O   . HIS A 1 65 ? -8.905  5.378   -3.224  1.00 12.56 ? 209 HIS A O   1 
ATOM   510 C CB  . HIS A 1 65 ? -8.796  8.306   -1.532  1.00 14.43 ? 209 HIS A CB  1 
ATOM   511 C CG  . HIS A 1 65 ? -8.894  7.327   -0.405  1.00 13.20 ? 209 HIS A CG  1 
ATOM   512 N ND1 . HIS A 1 65 ? -7.782  6.851   0.254   1.00 13.75 ? 209 HIS A ND1 1 
ATOM   513 C CD2 . HIS A 1 65 ? -9.963  6.722   0.168   1.00 14.49 ? 209 HIS A CD2 1 
ATOM   514 C CE1 . HIS A 1 65 ? -8.167  6.011   1.212   1.00 14.69 ? 209 HIS A CE1 1 
ATOM   515 N NE2 . HIS A 1 65 ? -9.484  5.885   1.153   1.00 13.92 ? 209 HIS A NE2 1 
ATOM   516 N N   . ALA A 1 66 ? -10.510 6.875   -3.685  1.00 14.42 ? 210 ALA A N   1 
ATOM   517 C CA  . ALA A 1 66 ? -11.486 5.821   -3.969  1.00 14.93 ? 210 ALA A CA  1 
ATOM   518 C C   . ALA A 1 66 ? -11.018 4.898   -5.091  1.00 12.93 ? 210 ALA A C   1 
ATOM   519 O O   . ALA A 1 66 ? -11.317 3.707   -5.108  1.00 14.06 ? 210 ALA A O   1 
ATOM   520 C CB  . ALA A 1 66 ? -12.835 6.418   -4.311  1.00 18.13 ? 210 ALA A CB  1 
ATOM   521 N N   . GLU A 1 67 ? -10.343 5.477   -6.074  1.00 14.04 ? 211 GLU A N   1 
ATOM   522 C CA  . GLU A 1 67 ? -9.849  4.713   -7.230  1.00 15.40 ? 211 GLU A CA  1 
ATOM   523 C C   . GLU A 1 67 ? -8.694  3.811   -6.784  1.00 13.39 ? 211 GLU A C   1 
ATOM   524 O O   . GLU A 1 67 ? -8.558  2.700   -7.260  1.00 12.61 ? 211 GLU A O   1 
ATOM   525 C CB  . GLU A 1 67 ? -9.401  5.641   -8.383  1.00 17.09 ? 211 GLU A CB  1 
ATOM   526 C CG  . GLU A 1 67 ? -10.461 6.607   -8.997  1.00 20.66 ? 211 GLU A CG  1 
ATOM   527 C CD  . GLU A 1 67 ? -9.814  7.604   -10.052 1.00 27.41 ? 211 GLU A CD  1 
ATOM   528 O OE1 . GLU A 1 67 ? -9.148  8.599   -9.643  1.00 28.16 ? 211 GLU A OE1 1 
ATOM   529 O OE2 . GLU A 1 67 ? -9.955  7.385   -11.305 1.00 39.18 ? 211 GLU A OE2 1 
ATOM   530 N N   . VAL A 1 68 ? -7.845  4.288   -5.883  1.00 12.23 ? 212 VAL A N   1 
ATOM   531 C CA  . VAL A 1 68 ? -6.748  3.442   -5.404  1.00 10.52 ? 212 VAL A CA  1 
ATOM   532 C C   . VAL A 1 68 ? -7.327  2.281   -4.601  1.00 10.85 ? 212 VAL A C   1 
ATOM   533 O O   . VAL A 1 68 ? -6.923  1.135   -4.769  1.00 10.94 ? 212 VAL A O   1 
ATOM   534 C CB  . VAL A 1 68 ? -5.730  4.256   -4.559  1.00 11.13 ? 212 VAL A CB  1 
ATOM   535 C CG1 . VAL A 1 68 ? -4.618  3.327   -4.025  1.00 12.22 ? 212 VAL A CG1 1 
ATOM   536 C CG2 . VAL A 1 68 ? -5.119  5.401   -5.395  1.00 13.72 ? 212 VAL A CG2 1 
ATOM   537 N N   . VAL A 1 69 ? -8.325  2.566   -3.780  1.00 9.69  ? 213 VAL A N   1 
ATOM   538 C CA  . VAL A 1 69 ? -9.044  1.501   -3.026  1.00 12.03 ? 213 VAL A CA  1 
ATOM   539 C C   . VAL A 1 69 ? -9.618  0.457   -4.001  1.00 10.77 ? 213 VAL A C   1 
ATOM   540 O O   . VAL A 1 69 ? -9.439  -0.737  -3.834  1.00 11.64 ? 213 VAL A O   1 
ATOM   541 C CB  . VAL A 1 69 ? -10.164 2.100   -2.153  1.00 10.53 ? 213 VAL A CB  1 
ATOM   542 C CG1 . VAL A 1 69 ? -11.118 1.004   -1.629  1.00 13.68 ? 213 VAL A CG1 1 
ATOM   543 C CG2 . VAL A 1 69 ? -9.517  2.903   -0.989  1.00 13.95 ? 213 VAL A CG2 1 
ATOM   544 N N   . ALA A 1 70 ? -10.275 0.924   -5.066  1.00 11.75 ? 214 ALA A N   1 
ATOM   545 C CA  . ALA A 1 70 ? -10.847 0.007   -6.046  1.00 11.54 ? 214 ALA A CA  1 
ATOM   546 C C   . ALA A 1 70 ? -9.758  -0.857  -6.683  1.00 11.11 ? 214 ALA A C   1 
ATOM   547 O O   . ALA A 1 70 ? -9.919  -2.072  -6.890  1.00 12.05 ? 214 ALA A O   1 
ATOM   548 C CB  . ALA A 1 70 ? -11.632 0.774   -7.097  1.00 13.73 ? 214 ALA A CB  1 
ATOM   549 N N   . SER A 1 71 ? -8.640  -0.237  -6.997  1.00 10.55 ? 215 SER A N   1 
ATOM   550 C CA  . SER A 1 71 ? -7.547  -0.981  -7.609  1.00 10.62 ? 215 SER A CA  1 
ATOM   551 C C   . SER A 1 71 ? -7.045  -2.090  -6.673  1.00 10.32 ? 215 SER A C   1 
ATOM   552 O O   . SER A 1 71 ? -6.775  -3.212  -7.123  1.00 10.05 ? 215 SER A O   1 
ATOM   553 C CB  A SER A 1 71 ? -6.389  -0.053  -7.965  0.50 11.22 ? 215 SER A CB  1 
ATOM   554 C CB  B SER A 1 71 ? -6.403  -0.042  -8.019  0.50 11.97 ? 215 SER A CB  1 
ATOM   555 O OG  A SER A 1 71 ? -6.764  0.914   -8.925  0.50 15.54 ? 215 SER A OG  1 
ATOM   556 O OG  B SER A 1 71 ? -5.616  0.395   -6.917  0.50 13.44 ? 215 SER A OG  1 
ATOM   557 N N   . ILE A 1 72 ? -6.920  -1.795  -5.372  1.00 10.16 ? 216 ILE A N   1 
ATOM   558 C CA  . ILE A 1 72 ? -6.469  -2.814  -4.399  1.00 9.36  ? 216 ILE A CA  1 
ATOM   559 C C   . ILE A 1 72 ? -7.485  -3.948  -4.297  1.00 9.21  ? 216 ILE A C   1 
ATOM   560 O O   . ILE A 1 72 ? -7.119  -5.123  -4.188  1.00 10.34 ? 216 ILE A O   1 
ATOM   561 C CB  . ILE A 1 72 ? -6.200  -2.159  -3.041  1.00 8.91  ? 216 ILE A CB  1 
ATOM   562 C CG1 . ILE A 1 72 ? -5.035  -1.172  -3.148  1.00 9.38  ? 216 ILE A CG1 1 
ATOM   563 C CG2 . ILE A 1 72 ? -5.938  -3.189  -1.961  1.00 10.83 ? 216 ILE A CG2 1 
ATOM   564 C CD1 . ILE A 1 72 ? -4.923  -0.243  -1.980  1.00 11.82 ? 216 ILE A CD1 1 
ATOM   565 N N   . LYS A 1 73 ? -8.774  -3.609  -4.380  1.00 9.65  ? 217 LYS A N   1 
ATOM   566 C CA  . LYS A 1 73 ? -9.816  -4.600  -4.250  1.00 10.12 ? 217 LYS A CA  1 
ATOM   567 C C   . LYS A 1 73 ? -10.118 -5.360  -5.566  1.00 11.78 ? 217 LYS A C   1 
ATOM   568 O O   . LYS A 1 73 ? -11.019 -6.200  -5.592  1.00 13.85 ? 217 LYS A O   1 
ATOM   569 C CB  . LYS A 1 73 ? -11.105 -3.930  -3.767  1.00 11.44 ? 217 LYS A CB  1 
ATOM   570 C CG  . LYS A 1 73 ? -11.072 -3.362  -2.332  1.00 13.71 ? 217 LYS A CG  1 
ATOM   571 C CD  . LYS A 1 73 ? -12.480 -2.774  -1.960  1.00 18.17 ? 217 LYS A CD  1 
ATOM   572 C CE  . LYS A 1 73 ? -12.539 -2.192  -0.576  1.00 22.61 ? 217 LYS A CE  1 
ATOM   573 N NZ  . LYS A 1 73 ? -13.904 -1.715  -0.251  1.00 31.44 ? 217 LYS A NZ  1 
ATOM   574 N N   . ALA A 1 74 ? -9.329  -5.144  -6.620  1.00 10.93 ? 218 ALA A N   1 
ATOM   575 C CA  . ALA A 1 74 ? -9.695  -5.677  -7.941  1.00 11.33 ? 218 ALA A CA  1 
ATOM   576 C C   . ALA A 1 74 ? -9.669  -7.202  -8.047  1.00 10.71 ? 218 ALA A C   1 
ATOM   577 O O   . ALA A 1 74 ? -10.504 -7.786  -8.735  1.00 13.75 ? 218 ALA A O   1 
ATOM   578 C CB  . ALA A 1 74 ? -8.823  -5.081  -9.018  1.00 12.75 ? 218 ALA A CB  1 
ATOM   579 N N   . ARG A 1 75 ? -8.676  -7.837  -7.435  1.00 11.56 ? 219 ARG A N   1 
ATOM   580 C CA  . ARG A 1 75 ? -8.545  -9.274  -7.493  1.00 10.97 ? 219 ARG A CA  1 
ATOM   581 C C   . ARG A 1 75 ? -9.108  -9.913  -6.216  1.00 9.65  ? 219 ARG A C   1 
ATOM   582 O O   . ARG A 1 75 ? -8.972  -9.383  -5.124  1.00 14.25 ? 219 ARG A O   1 
ATOM   583 C CB  . ARG A 1 75 ? -7.086  -9.695  -7.677  1.00 12.77 ? 219 ARG A CB  1 
ATOM   584 C CG  . ARG A 1 75 ? -6.461  -9.098  -8.927  1.00 13.95 ? 219 ARG A CG  1 
ATOM   585 C CD  . ARG A 1 75 ? -5.016  -9.536  -9.121  1.00 20.90 ? 219 ARG A CD  1 
ATOM   586 N NE  . ARG A 1 75 ? -4.409  -8.804  -10.237 1.00 28.04 ? 219 ARG A NE  1 
ATOM   587 C CZ  . ARG A 1 75 ? -3.244  -9.099  -10.787 1.00 33.25 ? 219 ARG A CZ  1 
ATOM   588 N NH1 . ARG A 1 75 ? -2.533  -10.137 -10.365 1.00 42.79 ? 219 ARG A NH1 1 
ATOM   589 N NH2 . ARG A 1 75 ? -2.803  -8.356  -11.790 1.00 31.98 ? 219 ARG A NH2 1 
ATOM   590 N N   . GLU A 1 76 ? -9.726  -11.070 -6.349  1.00 10.68 ? 220 GLU A N   1 
ATOM   591 C CA  . GLU A 1 76 ? -10.290 -11.674 -5.154  1.00 11.17 ? 220 GLU A CA  1 
ATOM   592 C C   . GLU A 1 76 ? -9.236  -12.084 -4.154  1.00 13.94 ? 220 GLU A C   1 
ATOM   593 O O   . GLU A 1 76 ? -9.478  -11.910 -2.955  1.00 17.06 ? 220 GLU A O   1 
ATOM   594 C CB  . GLU A 1 76 ? -11.165 -12.877 -5.516  1.00 14.14 ? 220 GLU A CB  1 
ATOM   595 C CG  . GLU A 1 76 ? -11.791 -13.565 -4.294  1.00 14.97 ? 220 GLU A CG  1 
ATOM   596 C CD  . GLU A 1 76 ? -12.763 -12.663 -3.514  1.00 18.54 ? 220 GLU A CD  1 
ATOM   597 O OE1 . GLU A 1 76 ? -13.359 -11.769 -4.152  1.00 20.49 ? 220 GLU A OE1 1 
ATOM   598 O OE2 . GLU A 1 76 ? -12.979 -12.877 -2.276  1.00 19.48 ? 220 GLU A OE2 1 
ATOM   599 N N   . ASP A 1 77 ? -8.146  -12.664 -4.638  1.00 12.60 ? 221 ASP A N   1 
ATOM   600 C CA  . ASP A 1 77 ? -7.187  -13.461 -3.847  1.00 13.45 ? 221 ASP A CA  1 
ATOM   601 C C   . ASP A 1 77 ? -6.036  -12.683 -3.238  1.00 9.62  ? 221 ASP A C   1 
ATOM   602 O O   . ASP A 1 77 ? -5.400  -13.124 -2.296  1.00 10.14 ? 221 ASP A O   1 
ATOM   603 C CB  . ASP A 1 77 ? -6.471  -14.590 -4.700  1.00 15.15 ? 221 ASP A CB  1 
ATOM   604 C CG  . ASP A 1 77 ? -7.394  -15.652 -5.296  1.00 18.41 ? 221 ASP A CG  1 
ATOM   605 O OD1 . ASP A 1 77 ? -8.513  -15.849 -4.818  1.00 30.64 ? 221 ASP A OD1 1 
ATOM   606 O OD2 . ASP A 1 77 ? -6.924  -16.304 -6.287  1.00 27.90 ? 221 ASP A OD2 1 
ATOM   607 N N   . GLU A 1 78 ? -5.678  -11.587 -3.885  1.00 9.01  ? 222 GLU A N   1 
ATOM   608 C CA  . GLU A 1 78 ? -4.382  -10.991 -3.661  1.00 8.42  ? 222 GLU A CA  1 
ATOM   609 C C   . GLU A 1 78 ? -4.307  -9.558  -4.157  1.00 8.82  ? 222 GLU A C   1 
ATOM   610 O O   . GLU A 1 78 ? -5.107  -9.143  -4.988  1.00 9.58  ? 222 GLU A O   1 
ATOM   611 C CB  . GLU A 1 78 ? -3.321  -11.812 -4.399  1.00 12.65 ? 222 GLU A CB  1 
ATOM   612 C CG  . GLU A 1 78 ? -3.531  -11.922 -5.866  1.00 15.10 ? 222 GLU A CG  1 
ATOM   613 C CD  . GLU A 1 78 ? -2.486  -12.704 -6.616  1.00 23.59 ? 222 GLU A CD  1 
ATOM   614 O OE1 . GLU A 1 78 ? -1.711  -13.510 -6.028  1.00 24.50 ? 222 GLU A OE1 1 
ATOM   615 O OE2 . GLU A 1 78 ? -2.488  -12.461 -7.855  1.00 34.39 ? 222 GLU A OE2 1 
ATOM   616 N N   . ALA A 1 79 ? -3.276  -8.865  -3.695  1.00 9.20  ? 223 ALA A N   1 
ATOM   617 C CA  . ALA A 1 79 ? -2.883  -7.564  -4.202  1.00 10.01 ? 223 ALA A CA  1 
ATOM   618 C C   . ALA A 1 79 ? -1.372  -7.467  -4.125  1.00 10.14 ? 223 ALA A C   1 
ATOM   619 O O   . ALA A 1 79 ? -0.764  -7.897  -3.167  1.00 13.53 ? 223 ALA A O   1 
ATOM   620 C CB  . ALA A 1 79 ? -3.543  -6.467  -3.429  1.00 11.52 ? 223 ALA A CB  1 
ATOM   621 N N   . ARG A 1 80 ? -0.767  -6.890  -5.141  1.00 9.81  ? 224 ARG A N   1 
ATOM   622 C CA  . ARG A 1 80 ? 0.666   -6.637  -5.175  1.00 9.24  ? 224 ARG A CA  1 
ATOM   623 C C   . ARG A 1 80 ? 0.849   -5.146  -5.096  1.00 9.71  ? 224 ARG A C   1 
ATOM   624 O O   . ARG A 1 80 ? 0.464   -4.414  -6.029  1.00 10.43 ? 224 ARG A O   1 
ATOM   625 C CB  A ARG A 1 80 ? 1.243   -7.203  -6.471  0.50 12.73 ? 224 ARG A CB  1 
ATOM   626 C CB  B ARG A 1 80 ? 1.313   -7.230  -6.439  0.50 11.64 ? 224 ARG A CB  1 
ATOM   627 C CG  A ARG A 1 80 ? 0.928   -8.688  -6.616  0.50 14.81 ? 224 ARG A CG  1 
ATOM   628 C CG  B ARG A 1 80 ? 1.657   -8.712  -6.254  0.50 9.28  ? 224 ARG A CG  1 
ATOM   629 C CD  A ARG A 1 80 ? 1.470   -9.235  -7.934  0.50 18.56 ? 224 ARG A CD  1 
ATOM   630 C CD  B ARG A 1 80 ? 2.499   -9.284  -7.415  0.50 13.72 ? 224 ARG A CD  1 
ATOM   631 N NE  A ARG A 1 80 ? 2.864   -9.601  -7.760  0.50 24.82 ? 224 ARG A NE  1 
ATOM   632 N NE  B ARG A 1 80 ? 2.863   -10.706 -7.201  0.50 14.36 ? 224 ARG A NE  1 
ATOM   633 C CZ  A ARG A 1 80 ? 3.296   -10.816 -7.429  0.50 24.12 ? 224 ARG A CZ  1 
ATOM   634 C CZ  B ARG A 1 80 ? 2.080   -11.744 -7.496  0.50 17.81 ? 224 ARG A CZ  1 
ATOM   635 N NH1 A ARG A 1 80 ? 4.582   -11.008 -7.264  0.50 28.77 ? 224 ARG A NH1 1 
ATOM   636 N NH1 B ARG A 1 80 ? 0.878   -11.579 -8.036  0.50 18.15 ? 224 ARG A NH1 1 
ATOM   637 N NH2 A ARG A 1 80 ? 2.463   -11.841 -7.287  0.50 28.76 ? 224 ARG A NH2 1 
ATOM   638 N NH2 B ARG A 1 80 ? 2.497   -12.975 -7.251  0.50 17.85 ? 224 ARG A NH2 1 
ATOM   639 N N   . LEU A 1 81 ? 1.446   -4.699  -3.991  1.00 9.15  ? 225 LEU A N   1 
ATOM   640 C CA  . LEU A 1 81 ? 1.635   -3.274  -3.721  1.00 8.03  ? 225 LEU A CA  1 
ATOM   641 C C   . LEU A 1 81 ? 3.124   -2.960  -3.763  1.00 9.55  ? 225 LEU A C   1 
ATOM   642 O O   . LEU A 1 81 ? 3.924   -3.536  -3.055  1.00 10.00 ? 225 LEU A O   1 
ATOM   643 C CB  . LEU A 1 81 ? 1.105   -2.927  -2.337  1.00 9.06  ? 225 LEU A CB  1 
ATOM   644 C CG  . LEU A 1 81 ? -0.336  -3.337  -2.004  1.00 16.24 ? 225 LEU A CG  1 
ATOM   645 C CD1 . LEU A 1 81 ? -0.809  -2.844  -0.645  1.00 16.51 ? 225 LEU A CD1 1 
ATOM   646 C CD2 . LEU A 1 81 ? -1.277  -2.921  -3.020  1.00 15.58 ? 225 LEU A CD2 1 
ATOM   647 N N   . LEU A 1 82 ? 3.487   -2.029  -4.623  1.00 7.78  ? 226 LEU A N   1 
ATOM   648 C CA  . LEU A 1 82 ? 4.864   -1.517  -4.686  1.00 8.00  ? 226 LEU A CA  1 
ATOM   649 C C   . LEU A 1 82 ? 4.899   -0.270  -3.862  1.00 8.49  ? 226 LEU A C   1 
ATOM   650 O O   . LEU A 1 82 ? 4.146   0.666   -4.120  1.00 9.28  ? 226 LEU A O   1 
ATOM   651 C CB  . LEU A 1 82 ? 5.262   -1.182  -6.132  1.00 8.21  ? 226 LEU A CB  1 
ATOM   652 C CG  . LEU A 1 82 ? 6.766   -0.868  -6.324  1.00 8.45  ? 226 LEU A CG  1 
ATOM   653 C CD1 . LEU A 1 82 ? 7.611   -2.137  -6.105  1.00 11.36 ? 226 LEU A CD1 1 
ATOM   654 C CD2 . LEU A 1 82 ? 7.016   -0.271  -7.686  1.00 11.45 ? 226 LEU A CD2 1 
ATOM   655 N N   . VAL A 1 83 ? 5.758   -0.287  -2.845  1.00 9.20  ? 227 VAL A N   1 
ATOM   656 C CA  . VAL A 1 83 ? 5.791   0.762   -1.840  1.00 8.61  ? 227 VAL A CA  1 
ATOM   657 C C   . VAL A 1 83 ? 7.211   1.264   -1.592  1.00 8.89  ? 227 VAL A C   1 
ATOM   658 O O   . VAL A 1 83 ? 8.204   0.570   -1.864  1.00 10.74 ? 227 VAL A O   1 
ATOM   659 C CB  . VAL A 1 83 ? 5.172   0.303   -0.515  1.00 9.45  ? 227 VAL A CB  1 
ATOM   660 C CG1 . VAL A 1 83 ? 3.742   -0.134  -0.679  1.00 10.33 ? 227 VAL A CG1 1 
ATOM   661 C CG2 . VAL A 1 83 ? 6.000   -0.792  0.169   1.00 13.13 ? 227 VAL A CG2 1 
ATOM   662 N N   . VAL A 1 84 ? 7.294   2.471   -1.060  1.00 10.19 ? 228 VAL A N   1 
ATOM   663 C CA  . VAL A 1 84 ? 8.565   3.006   -0.578  1.00 11.68 ? 228 VAL A CA  1 
ATOM   664 C C   . VAL A 1 84 ? 8.378   3.502   0.841   1.00 12.44 ? 228 VAL A C   1 
ATOM   665 O O   . VAL A 1 84 ? 7.285   3.878   1.210   1.00 13.87 ? 228 VAL A O   1 
ATOM   666 C CB  . VAL A 1 84 ? 9.091   4.149   -1.481  1.00 14.08 ? 228 VAL A CB  1 
ATOM   667 C CG1 . VAL A 1 84 ? 9.484   3.625   -2.834  1.00 18.22 ? 228 VAL A CG1 1 
ATOM   668 C CG2 . VAL A 1 84 ? 8.091   5.291   -1.590  1.00 15.67 ? 228 VAL A CG2 1 
ATOM   669 N N   . GLY A 1 85 ? 9.455   3.568   1.611   1.00 12.78 ? 229 GLY A N   1 
ATOM   670 C CA  . GLY A 1 85 ? 9.360   4.107   2.968   1.00 12.26 ? 229 GLY A CA  1 
ATOM   671 C C   . GLY A 1 85 ? 9.281   5.618   2.953   1.00 12.99 ? 229 GLY A C   1 
ATOM   672 O O   . GLY A 1 85 ? 9.339   6.255   1.893   1.00 14.03 ? 229 GLY A O   1 
ATOM   673 N N   . PRO A 1 86 ? 9.103   6.213   4.127   1.00 13.69 ? 230 PRO A N   1 
ATOM   674 C CA  . PRO A 1 86 ? 8.935   7.661   4.187   1.00 14.39 ? 230 PRO A CA  1 
ATOM   675 C C   . PRO A 1 86 ? 10.154  8.435   3.695   1.00 14.00 ? 230 PRO A C   1 
ATOM   676 O O   . PRO A 1 86 ? 11.289  7.984   3.824   1.00 15.55 ? 230 PRO A O   1 
ATOM   677 C CB  . PRO A 1 86 ? 8.658   7.946   5.649   1.00 18.78 ? 230 PRO A CB  1 
ATOM   678 C CG  . PRO A 1 86 ? 8.883   6.739   6.386   1.00 19.25 ? 230 PRO A CG  1 
ATOM   679 C CD  . PRO A 1 86 ? 8.953   5.568   5.440   1.00 14.54 ? 230 PRO A CD  1 
ATOM   680 N N   . SER A 1 87 ? 9.888   9.605   3.138   1.00 14.85 ? 231 SER A N   1 
ATOM   681 C CA  . SER A 1 87 ? 10.930  10.505  2.740   1.00 14.79 ? 231 SER A CA  1 
ATOM   682 C C   . SER A 1 87 ? 10.495  11.932  2.950   1.00 12.89 ? 231 SER A C   1 
ATOM   683 O O   . SER A 1 87 ? 9.304   12.258  2.899   1.00 17.13 ? 231 SER A O   1 
ATOM   684 C CB  . SER A 1 87 ? 11.309  10.268  1.293   1.00 21.37 ? 231 SER A CB  1 
ATOM   685 O OG  . SER A 1 87 ? 10.226  10.521  0.454   1.00 24.16 ? 231 SER A OG  1 
ATOM   686 N N   . THR A 1 88 ? 11.482  12.787  3.157   1.00 11.72 ? 232 THR A N   1 
ATOM   687 C CA  . THR A 1 88 ? 11.252  14.209  3.368   1.00 12.89 ? 232 THR A CA  1 
ATOM   688 C C   . THR A 1 88 ? 12.353  14.993  2.675   1.00 12.64 ? 232 THR A C   1 
ATOM   689 O O   . THR A 1 88 ? 13.520  14.697  2.818   1.00 12.74 ? 232 THR A O   1 
ATOM   690 C CB  . THR A 1 88 ? 11.239  14.531  4.916   1.00 14.35 ? 232 THR A CB  1 
ATOM   691 O OG1 . THR A 1 88 ? 10.237  13.751  5.560   1.00 16.84 ? 232 THR A OG1 1 
ATOM   692 C CG2 . THR A 1 88 ? 10.930  16.008  5.250   1.00 15.58 ? 232 THR A CG2 1 
ATOM   693 N N   . ARG A 1 89 ? 11.967  16.044  1.969   1.00 13.29 ? 233 ARG A N   1 
ATOM   694 C CA  . ARG A 1 89 ? 12.895  17.029  1.412   1.00 14.85 ? 233 ARG A CA  1 
ATOM   695 C C   . ARG A 1 89 ? 13.266  18.036  2.472   1.00 14.34 ? 233 ARG A C   1 
ATOM   696 O O   . ARG A 1 89 ? 12.395  18.617  3.109   1.00 17.47 ? 233 ARG A O   1 
ATOM   697 C CB  A ARG A 1 89 ? 12.280  17.751  0.204   0.60 17.93 ? 233 ARG A CB  1 
ATOM   698 C CB  B ARG A 1 89 ? 12.250  17.772  0.232   0.40 18.44 ? 233 ARG A CB  1 
ATOM   699 C CG  A ARG A 1 89 ? 12.097  16.837  -0.976  0.60 23.32 ? 233 ARG A CG  1 
ATOM   700 C CG  B ARG A 1 89 ? 11.523  16.885  -0.766  0.40 26.14 ? 233 ARG A CG  1 
ATOM   701 C CD  A ARG A 1 89 ? 11.413  17.535  -2.157  0.60 29.83 ? 233 ARG A CD  1 
ATOM   702 C CD  B ARG A 1 89 ? 10.733  17.731  -1.743  0.40 32.17 ? 233 ARG A CD  1 
ATOM   703 N NE  A ARG A 1 89 ? 10.097  18.083  -1.804  0.60 41.22 ? 233 ARG A NE  1 
ATOM   704 N NE  B ARG A 1 89 ? 11.617  18.612  -2.508  0.40 44.40 ? 233 ARG A NE  1 
ATOM   705 C CZ  A ARG A 1 89 ? 9.295   18.727  -2.655  0.60 46.73 ? 233 ARG A CZ  1 
ATOM   706 C CZ  B ARG A 1 89 ? 11.223  19.686  -3.189  0.40 46.58 ? 233 ARG A CZ  1 
ATOM   707 N NH1 A ARG A 1 89 ? 9.645   18.905  -3.927  0.60 51.71 ? 233 ARG A NH1 1 
ATOM   708 N NH1 B ARG A 1 89 ? 9.941   20.049  -3.219  0.40 50.84 ? 233 ARG A NH1 1 
ATOM   709 N NH2 A ARG A 1 89 ? 8.128   19.189  -2.232  0.60 45.06 ? 233 ARG A NH2 1 
ATOM   710 N NH2 B ARG A 1 89 ? 12.126  20.407  -3.840  0.40 44.02 ? 233 ARG A NH2 1 
ATOM   711 N N   . LEU A 1 90 ? 14.571  18.217  2.669   1.00 13.47 ? 234 LEU A N   1 
ATOM   712 C CA  . LEU A 1 90 ? 15.134  19.111  3.660   1.00 14.93 ? 234 LEU A CA  1 
ATOM   713 C C   . LEU A 1 90 ? 15.933  20.239  3.079   1.00 15.98 ? 234 LEU A C   1 
ATOM   714 O O   . LEU A 1 90 ? 16.332  20.154  1.896   1.00 17.29 ? 234 LEU A O   1 
ATOM   715 C CB  . LEU A 1 90 ? 16.035  18.299  4.584   1.00 15.62 ? 234 LEU A CB  1 
ATOM   716 C CG  . LEU A 1 90 ? 15.179  17.396  5.470   1.00 23.89 ? 234 LEU A CG  1 
ATOM   717 C CD1 . LEU A 1 90 ? 15.828  16.133  5.830   1.00 27.57 ? 234 LEU A CD1 1 
ATOM   718 C CD2 . LEU A 1 90 ? 14.899  18.186  6.716   1.00 27.45 ? 234 LEU A CD2 1 
ATOM   719 O OXT . LEU A 1 90 ? 16.188  21.266  3.770   1.00 16.98 ? 234 LEU A OXT 1 
HETATM 720 C C1  . EDO B 2 .  ? -8.334  11.862  -3.187  1.00 25.71 ? 235 EDO A C1  1 
HETATM 721 O O1  . EDO B 2 .  ? -7.309  11.528  -2.218  1.00 35.89 ? 235 EDO A O1  1 
HETATM 722 C C2  . EDO B 2 .  ? -9.734  11.808  -2.581  1.00 23.74 ? 235 EDO A C2  1 
HETATM 723 O O2  . EDO B 2 .  ? -10.716 12.458  -3.421  1.00 37.93 ? 235 EDO A O2  1 
HETATM 724 O O   . HOH C 3 .  ? -9.852  -12.028 -9.415  1.00 9.00  ? 1   HOH A O   1 
HETATM 725 O O   . HOH C 3 .  ? -6.070  -6.827  -6.131  1.00 9.78  ? 2   HOH A O   1 
HETATM 726 O O   . HOH C 3 .  ? -8.080  -7.569  -3.396  1.00 10.88 ? 3   HOH A O   1 
HETATM 727 O O   . HOH C 3 .  ? 2.903   -8.903  12.798  1.00 14.46 ? 4   HOH A O   1 
HETATM 728 O O   . HOH C 3 .  ? 5.652   -9.788  -0.132  1.00 16.72 ? 5   HOH A O   1 
HETATM 729 O O   . HOH C 3 .  ? -0.026  -11.893 2.804   1.00 12.75 ? 6   HOH A O   1 
HETATM 730 O O   . HOH C 3 .  ? -5.706  -16.133 0.374   1.00 13.70 ? 7   HOH A O   1 
HETATM 731 O O   . HOH C 3 .  ? -3.586  -14.728 3.922   1.00 16.54 ? 8   HOH A O   1 
HETATM 732 O O   . HOH C 3 .  ? -5.893  -3.581  -9.774  1.00 15.08 ? 9   HOH A O   1 
HETATM 733 O O   . HOH C 3 .  ? -7.904  -11.124 7.000   1.00 15.76 ? 10  HOH A O   1 
HETATM 734 O O   . HOH C 3 .  ? -12.754 18.021  -7.422  1.00 18.90 ? 11  HOH A O   1 
HETATM 735 O O   . HOH C 3 .  ? -12.338 -3.105  -7.435  1.00 19.44 ? 12  HOH A O   1 
HETATM 736 O O   . HOH C 3 .  ? 2.289   -3.860  -8.153  1.00 15.53 ? 13  HOH A O   1 
HETATM 737 O O   . HOH C 3 .  ? 4.695   -3.276  -8.902  1.00 14.03 ? 15  HOH A O   1 
HETATM 738 O O   . HOH C 3 .  ? -0.894  -14.373 4.175   1.00 19.82 ? 16  HOH A O   1 
HETATM 739 O O   . HOH C 3 .  ? -7.601  -17.508 -1.136  1.00 17.76 ? 17  HOH A O   1 
HETATM 740 O O   . HOH C 3 .  ? 5.502   3.263   -11.525 1.00 18.43 ? 19  HOH A O   1 
HETATM 741 O O   . HOH C 3 .  ? -3.684  -13.378 9.107   1.00 23.32 ? 20  HOH A O   1 
HETATM 742 O O   . HOH C 3 .  ? -4.140  -1.673  -10.582 1.00 18.31 ? 21  HOH A O   1 
HETATM 743 O O   . HOH C 3 .  ? 5.338   -3.183  -12.302 1.00 19.46 ? 22  HOH A O   1 
HETATM 744 O O   . HOH C 3 .  ? -13.897 -9.290  -2.965  1.00 22.07 ? 23  HOH A O   1 
HETATM 745 O O   . HOH C 3 .  ? 0.971   -0.313  12.379  1.00 21.32 ? 24  HOH A O   1 
HETATM 746 O O   . HOH C 3 .  ? 8.243   8.399   0.285   1.00 27.51 ? 25  HOH A O   1 
HETATM 747 O O   . HOH C 3 .  ? 8.295   8.688   11.164  1.00 18.27 ? 27  HOH A O   1 
HETATM 748 O O   . HOH C 3 .  ? -4.221  -15.564 -1.950  1.00 20.01 ? 28  HOH A O   1 
HETATM 749 O O   . HOH C 3 .  ? -12.556 -6.773  -10.012 1.00 22.04 ? 29  HOH A O   1 
HETATM 750 O O   . HOH C 3 .  ? -10.295 -16.440 -6.653  1.00 25.95 ? 32  HOH A O   1 
HETATM 751 O O   . HOH C 3 .  ? 12.164  3.193   0.440   1.00 28.67 ? 33  HOH A O   1 
HETATM 752 O O   . HOH C 3 .  ? 8.950   16.421  1.526   1.00 27.32 ? 34  HOH A O   1 
HETATM 753 O O   . HOH C 3 .  ? 1.683   -13.337 10.785  1.00 26.05 ? 35  HOH A O   1 
HETATM 754 O O   . HOH C 3 .  ? 1.926   2.055   -14.683 1.00 24.44 ? 36  HOH A O   1 
HETATM 755 O O   . HOH C 3 .  ? 2.842   -6.517  -9.683  1.00 23.91 ? 37  HOH A O   1 
HETATM 756 O O   . HOH C 3 .  ? -3.217  10.970  13.831  1.00 32.33 ? 38  HOH A O   1 
HETATM 757 O O   . HOH C 3 .  ? 0.445   7.234   -3.822  1.00 22.71 ? 39  HOH A O   1 
HETATM 758 O O   . HOH C 3 .  ? -3.583  9.569   -4.405  1.00 26.67 ? 40  HOH A O   1 
HETATM 759 O O   . HOH C 3 .  ? -10.257 -9.489  -11.126 1.00 27.83 ? 42  HOH A O   1 
HETATM 760 O O   . HOH C 3 .  ? 2.897   -19.226 -3.151  1.00 28.65 ? 43  HOH A O   1 
HETATM 761 O O   . HOH C 3 .  ? 4.425   0.162   -14.156 1.00 28.78 ? 44  HOH A O   1 
HETATM 762 O O   . HOH C 3 .  ? 15.070  21.880  6.139   1.00 30.28 ? 45  HOH A O   1 
HETATM 763 O O   . HOH C 3 .  ? -9.363  -11.225 11.987  1.00 26.08 ? 46  HOH A O   1 
HETATM 764 O O   . HOH C 3 .  ? -12.844 8.264   -7.727  1.00 26.51 ? 47  HOH A O   1 
HETATM 765 O O   . HOH C 3 .  ? 7.429   7.927   -6.924  1.00 37.14 ? 48  HOH A O   1 
HETATM 766 O O   . HOH C 3 .  ? -2.526  12.479  -4.274  1.00 31.50 ? 49  HOH A O   1 
HETATM 767 O O   . HOH C 3 .  ? 5.275   8.795   4.648   1.00 32.69 ? 51  HOH A O   1 
HETATM 768 O O   . HOH C 3 .  ? -12.180 -11.276 2.695   1.00 22.17 ? 52  HOH A O   1 
HETATM 769 O O   . HOH C 3 .  ? -13.536 2.770   -3.883  1.00 25.82 ? 53  HOH A O   1 
HETATM 770 O O   . HOH C 3 .  ? 6.930   9.773   2.305   1.00 29.24 ? 55  HOH A O   1 
HETATM 771 O O   . HOH C 3 .  ? 2.438   -12.753 1.498   1.00 30.87 ? 56  HOH A O   1 
HETATM 772 O O   . HOH C 3 .  ? 10.027  8.343   -2.493  1.00 38.81 ? 57  HOH A O   1 
HETATM 773 O O   A HOH C 3 .  ? 2.926   -3.281  -15.840 0.50 22.40 ? 58  HOH A O   1 
HETATM 774 O O   B HOH C 3 .  ? 2.970   -4.691  -14.875 0.50 28.27 ? 58  HOH A O   1 
HETATM 775 O O   . HOH C 3 .  ? -1.972  7.536   -5.158  1.00 23.77 ? 59  HOH A O   1 
HETATM 776 O O   . HOH C 3 .  ? -8.021  -2.560  -11.404 1.00 26.26 ? 60  HOH A O   1 
HETATM 777 O O   . HOH C 3 .  ? -5.182  0.843   -11.183 1.00 28.00 ? 61  HOH A O   1 
HETATM 778 O O   . HOH C 3 .  ? -12.590 -6.886  10.340  1.00 26.46 ? 62  HOH A O   1 
HETATM 779 O O   . HOH C 3 .  ? 1.829   -15.242 -8.716  1.00 27.86 ? 63  HOH A O   1 
HETATM 780 O O   . HOH C 3 .  ? -11.600 -7.667  -3.254  1.00 23.71 ? 64  HOH A O   1 
HETATM 781 O O   . HOH C 3 .  ? -0.094  3.480   12.886  1.00 30.13 ? 65  HOH A O   1 
HETATM 782 O O   . HOH C 3 .  ? -12.565 -10.705 -0.341  1.00 38.30 ? 66  HOH A O   1 
HETATM 783 O O   . HOH C 3 .  ? -7.470  -13.454 -7.480  1.00 24.33 ? 68  HOH A O   1 
HETATM 784 O O   . HOH C 3 .  ? 0.563   -7.716  -10.790 1.00 30.56 ? 69  HOH A O   1 
HETATM 785 O O   . HOH C 3 .  ? -4.506  -1.219  10.193  1.00 34.82 ? 70  HOH A O   1 
HETATM 786 O O   . HOH C 3 .  ? -10.092 4.120   7.798   1.00 29.94 ? 73  HOH A O   1 
HETATM 787 O O   . HOH C 3 .  ? 15.101  19.829  -0.446  1.00 29.10 ? 75  HOH A O   1 
HETATM 788 O O   . HOH C 3 .  ? -14.525 -14.626 5.213   1.00 27.89 ? 76  HOH A O   1 
HETATM 789 O O   . HOH C 3 .  ? -9.402  1.833   -9.890  1.00 26.07 ? 78  HOH A O   1 
HETATM 790 O O   . HOH C 3 .  ? -4.459  -7.580  14.673  1.00 32.01 ? 80  HOH A O   1 
HETATM 791 O O   . HOH C 3 .  ? -5.315  3.391   11.355  1.00 33.41 ? 81  HOH A O   1 
HETATM 792 O O   . HOH C 3 .  ? 14.057  2.256   -11.425 1.00 25.76 ? 82  HOH A O   1 
HETATM 793 O O   . HOH C 3 .  ? -13.234 4.001   -7.992  1.00 38.94 ? 83  HOH A O   1 
HETATM 794 O O   . HOH C 3 .  ? -14.171 -7.628  6.474   1.00 33.30 ? 84  HOH A O   1 
HETATM 795 O O   . HOH C 3 .  ? 7.119   12.271  8.274   1.00 34.42 ? 85  HOH A O   1 
HETATM 796 O O   . HOH C 3 .  ? -1.507  -9.148  -8.203  1.00 35.73 ? 86  HOH A O   1 
HETATM 797 O O   . HOH C 3 .  ? -3.868  3.033   -12.388 1.00 35.33 ? 88  HOH A O   1 
HETATM 798 O O   . HOH C 3 .  ? 11.767  2.870   -8.775  1.00 29.30 ? 89  HOH A O   1 
HETATM 799 O O   . HOH C 3 .  ? -5.173  2.220   13.935  0.50 49.52 ? 90  HOH A O   1 
HETATM 800 O O   . HOH C 3 .  ? -10.066 -0.803  -10.282 1.00 29.19 ? 91  HOH A O   1 
HETATM 801 O O   . HOH C 3 .  ? -0.673  -14.143 -9.773  1.00 35.04 ? 93  HOH A O   1 
HETATM 802 O O   . HOH C 3 .  ? 12.689  22.881  2.796   1.00 40.75 ? 94  HOH A O   1 
HETATM 803 O O   . HOH C 3 .  ? 0.266   -10.981 15.684  1.00 26.47 ? 95  HOH A O   1 
HETATM 804 O O   . HOH C 3 .  ? -6.867  -2.066  9.471   1.00 31.87 ? 97  HOH A O   1 
HETATM 805 O O   . HOH C 3 .  ? 4.889   -14.094 -2.914  1.00 32.82 ? 98  HOH A O   1 
HETATM 806 O O   . HOH C 3 .  ? 9.207   -9.171  5.303   1.00 45.03 ? 99  HOH A O   1 
HETATM 807 O O   . HOH C 3 .  ? -0.046  -16.810 2.906   0.50 40.87 ? 100 HOH A O   1 
HETATM 808 O O   . HOH C 3 .  ? -9.584  -4.537  -12.640 1.00 41.42 ? 101 HOH A O   1 
HETATM 809 O O   A HOH C 3 .  ? -5.816  -6.138  -11.265 0.70 23.58 ? 103 HOH A O   1 
HETATM 810 O O   B HOH C 3 .  ? -7.097  -7.600  -12.285 0.30 26.71 ? 103 HOH A O   1 
HETATM 811 O O   B HOH C 3 .  ? 5.149   -10.314 -5.700  0.50 14.15 ? 104 HOH A O   1 
HETATM 812 O O   . HOH C 3 .  ? 11.790  22.123  0.382   1.00 39.94 ? 105 HOH A O   1 
HETATM 813 O O   . HOH C 3 .  ? 6.335   6.988   2.425   1.00 30.30 ? 106 HOH A O   1 
HETATM 814 O O   . HOH C 3 .  ? 1.541   -3.999  13.574  1.00 38.50 ? 108 HOH A O   1 
HETATM 815 O O   . HOH C 3 .  ? -5.002  -13.185 -8.602  1.00 43.23 ? 110 HOH A O   1 
HETATM 816 O O   . HOH C 3 .  ? -2.430  12.618  -0.076  1.00 25.41 ? 111 HOH A O   1 
HETATM 817 O O   . HOH C 3 .  ? -9.421  -16.140 -2.703  1.00 25.43 ? 112 HOH A O   1 
HETATM 818 O O   . HOH C 3 .  ? 13.554  1.142   0.114   1.00 24.20 ? 113 HOH A O   1 
HETATM 819 O O   . HOH C 3 .  ? 7.429   2.656   6.326   1.00 21.96 ? 115 HOH A O   1 
HETATM 820 O O   . HOH C 3 .  ? 11.058  1.930   5.675   1.00 36.46 ? 116 HOH A O   1 
HETATM 821 O O   . HOH C 3 .  ? 5.526   -5.842  7.704   1.00 23.94 ? 117 HOH A O   1 
HETATM 822 O O   A HOH C 3 .  ? -2.631  -16.090 -3.931  0.50 28.27 ? 118 HOH A O   1 
HETATM 823 O O   A HOH C 3 .  ? -13.627 -6.046  -1.309  0.50 33.68 ? 119 HOH A O   1 
HETATM 824 O O   B HOH C 3 .  ? -11.720 -6.856  -0.443  0.50 26.68 ? 119 HOH A O   1 
HETATM 825 O O   . HOH C 3 .  ? -12.475 -8.531  2.518   1.00 38.54 ? 120 HOH A O   1 
HETATM 826 O O   . HOH C 3 .  ? -14.307 -9.784  4.424   1.00 34.64 ? 121 HOH A O   1 
HETATM 827 O O   . HOH C 3 .  ? -14.784 -12.451 4.733   1.00 29.92 ? 122 HOH A O   1 
HETATM 828 O O   . HOH C 3 .  ? -9.218  -6.278  8.503   1.00 36.80 ? 123 HOH A O   1 
HETATM 829 O O   . HOH C 3 .  ? -10.778 -6.141  13.660  1.00 45.89 ? 124 HOH A O   1 
HETATM 830 O O   . HOH C 3 .  ? 4.927   12.315  -2.985  1.00 44.53 ? 125 HOH A O   1 
HETATM 831 O O   . HOH C 3 .  ? 2.329   9.223   -4.563  1.00 39.49 ? 126 HOH A O   1 
HETATM 832 O O   . HOH C 3 .  ? 6.600   10.527  9.588   1.00 41.95 ? 127 HOH A O   1 
HETATM 833 O O   . HOH C 3 .  ? -3.524  -4.981  -13.141 1.00 37.99 ? 128 HOH A O   1 
HETATM 834 O O   . HOH C 3 .  ? -6.938  13.619  -5.426  1.00 48.32 ? 129 HOH A O   1 
HETATM 835 O O   . HOH C 3 .  ? -8.015  2.967   -12.201 1.00 39.29 ? 130 HOH A O   1 
HETATM 836 O O   . HOH C 3 .  ? -8.860  -15.033 -10.924 1.00 30.75 ? 131 HOH A O   1 
HETATM 837 O O   A HOH C 3 .  ? 18.756  -2.764  -8.130  0.50 27.74 ? 132 HOH A O   1 
HETATM 838 O O   B HOH C 3 .  ? 20.671  -2.803  -7.609  0.50 28.48 ? 132 HOH A O   1 
HETATM 839 O O   . HOH C 3 .  ? 15.840  -1.262  -0.852  1.00 36.32 ? 133 HOH A O   1 
HETATM 840 O O   . HOH C 3 .  ? 11.794  1.664   1.895   1.00 32.95 ? 134 HOH A O   1 
# 
loop_
_atom_site_anisotrop.id 
_atom_site_anisotrop.type_symbol 
_atom_site_anisotrop.pdbx_label_atom_id 
_atom_site_anisotrop.pdbx_label_alt_id 
_atom_site_anisotrop.pdbx_label_comp_id 
_atom_site_anisotrop.pdbx_label_asym_id 
_atom_site_anisotrop.pdbx_label_seq_id 
_atom_site_anisotrop.pdbx_PDB_ins_code 
_atom_site_anisotrop.U[1][1] 
_atom_site_anisotrop.U[2][2] 
_atom_site_anisotrop.U[3][3] 
_atom_site_anisotrop.U[1][2] 
_atom_site_anisotrop.U[1][3] 
_atom_site_anisotrop.U[2][3] 
_atom_site_anisotrop.pdbx_auth_seq_id 
_atom_site_anisotrop.pdbx_auth_comp_id 
_atom_site_anisotrop.pdbx_auth_asym_id 
_atom_site_anisotrop.pdbx_auth_atom_id 
1   N N   . SER A 1  ? 0.4570 0.4208 0.4468 -0.0210 -0.0128 -0.0295 145 SER A N   
2   C CA  . SER A 1  ? 0.3988 0.3970 0.4082 -0.0010 0.0004  -0.0155 145 SER A CA  
3   C C   . SER A 1  ? 0.3892 0.3894 0.3902 0.0002  -0.0008 -0.0011 145 SER A C   
4   O O   . SER A 1  ? 0.4042 0.4364 0.3768 -0.0038 -0.0384 -0.0122 145 SER A O   
5   C CB  . SER A 1  ? 0.3971 0.3779 0.3861 0.0040  -0.0074 0.0021  145 SER A CB  
6   O OG  . SER A 1  ? 0.4368 0.4100 0.4089 0.0089  -0.0077 0.0079  145 SER A OG  
7   N N   . MET A 2  ? 0.3878 0.4040 0.3739 -0.0009 -0.0120 0.0083  146 MET A N   
8   C CA  . MET A 2  ? 0.3924 0.3825 0.3679 -0.0083 -0.0128 0.0147  146 MET A CA  
9   C C   . MET A 2  ? 0.3198 0.3851 0.3133 0.0040  -0.0012 -0.0035 146 MET A C   
10  O O   . MET A 2  ? 0.3217 0.3741 0.2972 -0.0311 -0.0012 0.0349  146 MET A O   
11  C CB  . MET A 2  ? 0.4315 0.4522 0.4634 -0.0239 -0.0242 -0.0065 146 MET A CB  
12  N N   . LEU A 3  ? 0.2822 0.3288 0.2340 -0.0077 -0.0241 0.0252  147 LEU A N   
13  C CA  . LEU A 3  ? 0.3026 0.3007 0.2218 -0.0205 -0.0215 0.0099  147 LEU A CA  
14  C C   . LEU A 3  ? 0.2620 0.2918 0.1825 -0.0163 -0.0158 -0.0038 147 LEU A C   
15  O O   . LEU A 3  ? 0.3441 0.3205 0.3311 -0.0046 -0.0024 0.0027  147 LEU A O   
16  C CB  . LEU A 3  ? 0.3596 0.3262 0.2771 -0.0289 -0.0154 0.0128  147 LEU A CB  
17  C CG  . LEU A 3  ? 0.3679 0.3491 0.3560 -0.0326 -0.0348 -0.0082 147 LEU A CG  
18  C CD1 . LEU A 3  ? 0.3993 0.3234 0.3269 -0.0434 -0.0190 -0.0003 147 LEU A CD1 
19  C CD2 . LEU A 3  ? 0.4531 0.4134 0.3727 0.0027  0.0045  0.0004  147 LEU A CD2 
20  N N   . ARG A 4  ? 0.2262 0.2701 0.1507 -0.0315 -0.0377 0.0385  148 ARG A N   
21  C CA  . ARG A 4  ? 0.2083 0.2634 0.1802 -0.0570 -0.0143 0.0118  148 ARG A CA  
22  C C   . ARG A 4  ? 0.1713 0.2447 0.1898 -0.0317 -0.0118 0.0561  148 ARG A C   
23  O O   . ARG A 4  ? 0.2222 0.3130 0.1153 -0.0325 -0.0164 0.0344  148 ARG A O   
24  C CB  . ARG A 4  ? 0.1892 0.3073 0.1974 -0.0113 -0.0138 0.0349  148 ARG A CB  
25  C CG  . ARG A 4  ? 0.2674 0.2924 0.2170 0.0028  0.0250  0.0318  148 ARG A CG  
26  C CD  . ARG A 4  ? 0.2251 0.2675 0.2118 -0.0350 0.0109  0.0729  148 ARG A CD  
27  N NE  . ARG A 4  ? 0.3135 0.2642 0.1969 -0.0050 0.0255  0.0326  148 ARG A NE  
28  C CZ  . ARG A 4  ? 0.2600 0.2698 0.1898 -0.0078 0.0044  0.0055  148 ARG A CZ  
29  N NH1 . ARG A 4  ? 0.2520 0.2849 0.2330 0.0128  -0.0243 0.0304  148 ARG A NH1 
30  N NH2 . ARG A 4  ? 0.3188 0.2645 0.2242 -0.0431 -0.0267 0.0167  148 ARG A NH2 
31  N N   . PRO A 5  ? 0.1794 0.2525 0.1082 -0.0376 -0.0094 0.0448  149 PRO A N   
32  C CA  . PRO A 5  ? 0.1574 0.2022 0.0989 -0.0247 0.0152  0.0160  149 PRO A CA  
33  C C   . PRO A 5  ? 0.1669 0.1849 0.1052 -0.0056 -0.0004 -0.0062 149 PRO A C   
34  O O   . PRO A 5  ? 0.2007 0.2030 0.1609 0.0035  0.0273  0.0043  149 PRO A O   
35  C CB  . PRO A 5  ? 0.1691 0.1874 0.1819 -0.0193 -0.0045 0.0153  149 PRO A CB  
36  C CG  . PRO A 5  ? 0.2116 0.1946 0.1587 -0.0215 0.0224  0.0263  149 PRO A CG  
37  C CD  . PRO A 5  ? 0.2261 0.2686 0.1269 -0.0348 0.0477  0.0788  149 PRO A CD  
38  N N   . ARG A 6  ? 0.1498 0.1468 0.1396 0.0039  0.0143  -0.0067 150 ARG A N   
39  C CA  . ARG A 6  ? 0.1366 0.1497 0.1195 0.0144  -0.0007 -0.0062 150 ARG A CA  
40  C C   . ARG A 6  ? 0.1385 0.1497 0.0726 0.0009  0.0106  0.0080  150 ARG A C   
41  O O   . ARG A 6  ? 0.1294 0.1517 0.0864 0.0121  0.0022  0.0053  150 ARG A O   
42  C CB  . ARG A 6  ? 0.1725 0.1896 0.1432 -0.0131 -0.0479 0.0257  150 ARG A CB  
43  C CG  . ARG A 6  ? 0.2899 0.2725 0.3019 -0.0263 -0.0151 -0.0119 150 ARG A CG  
44  C CD  . ARG A 6  ? 0.3993 0.3437 0.3441 -0.0121 -0.0052 0.0246  150 ARG A CD  
45  N NE  . ARG A 6  ? 0.4156 0.3055 0.2691 -0.0280 0.0001  0.0729  150 ARG A NE  
46  C CZ  . ARG A 6  ? 0.4280 0.3771 0.3050 0.0040  -0.0354 0.0404  150 ARG A CZ  
47  N NH1 . ARG A 6  ? 0.5485 0.4098 0.4270 -0.0287 -0.0391 -0.0089 150 ARG A NH1 
48  N NH2 . ARG A 6  ? 0.4504 0.3698 0.3633 -0.0332 -0.0020 0.0086  150 ARG A NH2 
49  N N   . LEU A 7  ? 0.1518 0.1540 0.0728 0.0230  0.0264  -0.0031 151 LEU A N   
50  C CA  . LEU A 7  ? 0.1363 0.1465 0.0479 0.0092  0.0183  -0.0052 151 LEU A CA  
51  C C   . LEU A 7  ? 0.1668 0.1419 0.0750 -0.0045 0.0160  -0.0042 151 LEU A C   
52  O O   . LEU A 7  ? 0.1615 0.1920 0.0952 0.0208  0.0459  0.0516  151 LEU A O   
53  C CB  . LEU A 7  ? 0.1442 0.1580 0.0899 -0.0002 0.0244  -0.0031 151 LEU A CB  
54  C CG  . LEU A 7  ? 0.1704 0.1546 0.0450 -0.0195 0.0328  0.0210  151 LEU A CG  
55  C CD1 . LEU A 7  ? 0.1755 0.1955 0.1185 0.0147  -0.0088 0.0536  151 LEU A CD1 
56  C CD2 . LEU A 7  ? 0.2428 0.1873 0.1528 0.0086  0.0276  -0.0546 151 LEU A CD2 
57  N N   . CYS A 8  ? 0.1507 0.1591 0.0572 0.0240  0.0122  0.0649  152 CYS A N   
58  C CA  . CYS A 8  ? 0.1410 0.1450 0.0523 -0.0199 0.0135  0.0480  152 CYS A CA  
59  C C   . CYS A 8  ? 0.1257 0.1551 0.0918 0.0065  0.0126  0.0216  152 CYS A C   
60  O O   . CYS A 8  ? 0.1531 0.1544 0.0836 0.0080  0.0118  0.0243  152 CYS A O   
61  C CB  . CYS A 8  ? 0.1690 0.2072 0.1156 -0.0062 0.0167  0.0419  152 CYS A CB  
62  S SG  . CYS A 8  ? 0.2161 0.2222 0.0905 -0.0199 0.0032  0.0001  152 CYS A SG  
63  N N   . HIS A 9  ? 0.1459 0.1290 0.0809 -0.0024 -0.0030 0.0240  153 HIS A N   
64  C CA  . HIS A 9  ? 0.1477 0.1221 0.0862 0.0012  0.0323  0.0020  153 HIS A CA  
65  C C   . HIS A 9  ? 0.1436 0.1678 0.0839 0.0004  0.0265  0.0267  153 HIS A C   
66  O O   . HIS A 9  ? 0.1590 0.1991 0.1902 0.0175  0.0073  0.0881  153 HIS A O   
67  C CB  . HIS A 9  ? 0.1541 0.1290 0.1047 0.0174  0.0157  0.0147  153 HIS A CB  
68  C CG  . HIS A 9  ? 0.2048 0.1421 0.2002 -0.0076 0.0173  -0.0272 153 HIS A CG  
69  N ND1 . HIS A 9  ? 0.2777 0.2179 0.3397 0.0049  -0.0119 -0.0569 153 HIS A ND1 
70  C CD2 . HIS A 9  ? 0.2228 0.1876 0.2180 0.0238  -0.0023 -0.0611 153 HIS A CD2 
71  C CE1 . HIS A 9  ? 0.2596 0.1936 0.3395 -0.0020 -0.0068 -0.0683 153 HIS A CE1 
72  N NE2 . HIS A 9  ? 0.1738 0.1970 0.3341 0.0349  0.0074  -0.0764 153 HIS A NE2 
73  N N   . LEU A 10 ? 0.1307 0.1475 0.0813 0.0098  0.0043  0.0303  154 LEU A N   
74  C CA  . LEU A 10 ? 0.1243 0.1457 0.0459 -0.0139 -0.0039 0.0178  154 LEU A CA  
75  C C   . LEU A 10 ? 0.1506 0.0989 0.0532 -0.0020 -0.0272 0.0368  154 LEU A C   
76  O O   . LEU A 10 ? 0.1293 0.1713 0.0489 -0.0139 -0.0151 0.0397  154 LEU A O   
77  C CB  . LEU A 10 ? 0.1733 0.1544 0.0398 -0.0075 -0.0047 0.0343  154 LEU A CB  
78  C CG  . LEU A 10 ? 0.1839 0.1719 0.1025 -0.0240 -0.0036 -0.0201 154 LEU A CG  
79  C CD1 . LEU A 10 ? 0.2109 0.1984 0.0756 -0.0305 0.0443  0.0516  154 LEU A CD1 
80  C CD2 . LEU A 10 ? 0.1727 0.1721 0.1109 -0.0001 -0.0121 -0.0189 154 LEU A CD2 
81  N N   . ARG A 11 ? 0.1360 0.1467 0.0461 -0.0085 -0.0028 0.0487  155 ARG A N   
82  C CA  . ARG A 11 ? 0.1417 0.1299 0.0985 -0.0186 -0.0152 0.0228  155 ARG A CA  
83  C C   . ARG A 11 ? 0.1451 0.1116 0.0623 0.0106  -0.0081 0.0091  155 ARG A C   
84  O O   . ARG A 11 ? 0.1740 0.1767 0.0396 -0.0043 -0.0013 -0.0026 155 ARG A O   
85  C CB  A ARG A 11 ? 0.1717 0.1464 0.0763 0.0062  0.0042  0.0087  155 ARG A CB  
86  C CB  B ARG A 11 ? 0.1667 0.1478 0.0796 0.0060  0.0031  0.0088  155 ARG A CB  
87  C CG  A ARG A 11 ? 0.2109 0.2243 0.1874 0.0140  0.0364  0.0193  155 ARG A CG  
88  C CG  B ARG A 11 ? 0.1934 0.2217 0.1979 0.0127  0.0496  0.0269  155 ARG A CG  
89  C CD  A ARG A 11 ? 0.3199 0.2474 0.2489 -0.0118 0.0167  0.0341  155 ARG A CD  
90  C CD  B ARG A 11 ? 0.2205 0.2624 0.2379 -0.0077 0.0219  0.0182  155 ARG A CD  
91  N NE  A ARG A 11 ? 0.3527 0.3727 0.3747 0.0030  0.0269  -0.0353 155 ARG A NE  
92  N NE  B ARG A 11 ? 0.2774 0.2603 0.2202 0.0338  0.0126  -0.0268 155 ARG A NE  
93  C CZ  A ARG A 11 ? 0.3659 0.4110 0.4005 -0.0005 0.0180  -0.0004 155 ARG A CZ  
94  C CZ  B ARG A 11 ? 0.2736 0.2205 0.2305 -0.0023 0.0065  0.0314  155 ARG A CZ  
95  N NH1 A ARG A 11 ? 0.4587 0.4612 0.4604 -0.0061 -0.0076 -0.0141 155 ARG A NH1 
96  N NH1 B ARG A 11 ? 0.3047 0.3093 0.3070 -0.0063 0.0020  0.0088  155 ARG A NH1 
97  N NH2 A ARG A 11 ? 0.3246 0.3416 0.3496 -0.0086 -0.0085 -0.0238 155 ARG A NH2 
98  N NH2 B ARG A 11 ? 0.3163 0.2900 0.2257 0.0131  0.0254  0.0347  155 ARG A NH2 
99  N N   . LYS A 12 ? 0.1519 0.1202 0.0528 0.0060  0.0175  0.0269  156 LYS A N   
100 C CA  . LYS A 12 ? 0.1836 0.1105 0.0536 0.0117  -0.0086 0.0347  156 LYS A CA  
101 C C   . LYS A 12 ? 0.1628 0.1363 0.0579 -0.0056 0.0268  0.0259  156 LYS A C   
102 O O   . LYS A 12 ? 0.1630 0.1291 0.0277 -0.0153 0.0024  0.0154  156 LYS A O   
103 C CB  . LYS A 12 ? 0.1602 0.2072 0.1125 0.0062  0.0412  0.0706  156 LYS A CB  
104 C CG  . LYS A 12 ? 0.2061 0.2743 0.1612 0.0221  0.0571  0.0506  156 LYS A CG  
105 C CD  . LYS A 12 ? 0.2467 0.3074 0.1884 0.0400  0.0724  0.0626  156 LYS A CD  
106 C CE  . LYS A 12 ? 0.2860 0.2516 0.2330 0.0191  0.0180  0.0482  156 LYS A CE  
107 N NZ  . LYS A 12 ? 0.3198 0.4245 0.3037 0.0118  -0.0492 0.0036  156 LYS A NZ  
108 N N   . GLY A 13 ? 0.1971 0.0989 0.0753 -0.0053 0.0243  0.0192  157 GLY A N   
109 C CA  . GLY A 13 ? 0.1414 0.1419 0.0590 0.0004  0.0197  0.0320  157 GLY A CA  
110 C C   . GLY A 13 ? 0.1435 0.1416 0.0778 -0.0321 0.0054  0.0055  157 GLY A C   
111 O O   . GLY A 13 ? 0.1535 0.2183 0.0777 -0.0090 -0.0168 0.0350  157 GLY A O   
112 N N   . PRO A 14 ? 0.1688 0.1413 0.0696 -0.0184 0.0338  0.0320  158 PRO A N   
113 C CA  . PRO A 14 ? 0.1596 0.1587 0.1046 -0.0195 0.0228  0.0241  158 PRO A CA  
114 C C   . PRO A 14 ? 0.1525 0.1671 0.0878 -0.0135 0.0295  0.0523  158 PRO A C   
115 O O   . PRO A 14 ? 0.1869 0.2365 0.1156 0.0127  0.0039  0.0418  158 PRO A O   
116 C CB  . PRO A 14 ? 0.2081 0.1587 0.1691 -0.0098 0.0568  -0.0037 158 PRO A CB  
117 C CG  . PRO A 14 ? 0.2253 0.2412 0.1821 -0.0273 0.0416  0.0663  158 PRO A CG  
118 C CD  . PRO A 14 ? 0.2066 0.1385 0.0875 -0.0136 0.0437  0.0264  158 PRO A CD  
119 N N   . GLN A 15 ? 0.1463 0.1659 0.1082 -0.0247 0.0268  0.0354  159 GLN A N   
120 C CA  . GLN A 15 ? 0.1765 0.1730 0.1145 0.0132  0.0121  0.0124  159 GLN A CA  
121 C C   . GLN A 15 ? 0.2369 0.1631 0.1130 0.0125  0.0157  0.0119  159 GLN A C   
122 O O   . GLN A 15 ? 0.3908 0.2099 0.1166 -0.0031 0.0198  -0.0029 159 GLN A O   
123 C CB  . GLN A 15 ? 0.2044 0.2099 0.0952 0.0027  0.0211  0.0243  159 GLN A CB  
124 C CG  . GLN A 15 ? 0.2313 0.1783 0.0930 -0.0050 0.0615  0.0280  159 GLN A CG  
125 C CD  . GLN A 15 ? 0.2515 0.2093 0.0569 0.0002  0.0492  0.0150  159 GLN A CD  
126 O OE1 . GLN A 15 ? 0.2253 0.2563 0.1349 0.0314  -0.0035 0.0154  159 GLN A OE1 
127 N NE2 . GLN A 15 ? 0.2287 0.2272 0.0362 -0.0286 0.0443  0.0088  159 GLN A NE2 
128 N N   . GLY A 16 ? 0.1555 0.1153 0.1122 0.0167  0.0204  0.0006  160 GLY A N   
129 C CA  . GLY A 16 ? 0.1854 0.1094 0.1023 -0.0212 -0.0047 0.0359  160 GLY A CA  
130 C C   . GLY A 16 ? 0.1700 0.1145 0.0631 -0.0171 0.0115  0.0203  160 GLY A C   
131 O O   . GLY A 16 ? 0.1763 0.1104 0.1182 -0.0010 0.0060  0.0130  160 GLY A O   
132 N N   . TYR A 17 ? 0.1682 0.1083 0.0770 -0.0213 0.0274  0.0198  161 TYR A N   
133 C CA  . TYR A 17 ? 0.1832 0.1119 0.0818 -0.0096 -0.0098 0.0153  161 TYR A CA  
134 C C   . TYR A 17 ? 0.1756 0.1489 0.1043 -0.0256 -0.0060 0.0245  161 TYR A C   
135 O O   . TYR A 17 ? 0.1624 0.2518 0.0629 -0.0191 -0.0305 -0.0203 161 TYR A O   
136 C CB  . TYR A 17 ? 0.1634 0.1590 0.0648 -0.0012 0.0168  0.0072  161 TYR A CB  
137 C CG  . TYR A 17 ? 0.1323 0.1283 0.0822 -0.0179 0.0194  0.0009  161 TYR A CG  
138 C CD1 . TYR A 17 ? 0.1326 0.1397 0.1071 -0.0047 -0.0041 -0.0189 161 TYR A CD1 
139 C CD2 . TYR A 17 ? 0.1995 0.1446 0.0825 0.0228  0.0157  0.0091  161 TYR A CD2 
140 C CE1 . TYR A 17 ? 0.1509 0.1224 0.0655 0.0030  -0.0077 -0.0058 161 TYR A CE1 
141 C CE2 . TYR A 17 ? 0.1795 0.1201 0.0627 -0.0104 -0.0085 0.0299  161 TYR A CE2 
142 C CZ  . TYR A 17 ? 0.1602 0.1262 0.0710 -0.0111 0.0082  -0.0089 161 TYR A CZ  
143 O OH  . TYR A 17 ? 0.1927 0.1376 0.0564 -0.0142 0.0197  0.0234  161 TYR A OH  
144 N N   . GLY A 18 ? 0.1868 0.1243 0.0825 -0.0122 -0.0052 0.0240  162 GLY A N   
145 C CA  . GLY A 18 ? 0.2064 0.1548 0.0418 -0.0288 0.0196  0.0300  162 GLY A CA  
146 C C   . GLY A 18 ? 0.1969 0.1477 0.1098 0.0004  -0.0112 0.0106  162 GLY A C   
147 O O   . GLY A 18 ? 0.2027 0.2056 0.0967 -0.0217 -0.0141 0.0101  162 GLY A O   
148 N N   . PHE A 19 ? 0.2176 0.1189 0.0870 -0.0257 -0.0028 0.0045  163 PHE A N   
149 C CA  . PHE A 19 ? 0.1832 0.1337 0.0856 -0.0188 -0.0242 0.0107  163 PHE A CA  
150 C C   . PHE A 19 ? 0.1640 0.1293 0.0913 -0.0106 0.0186  0.0088  163 PHE A C   
151 O O   . PHE A 19 ? 0.1864 0.1514 0.1191 -0.0114 -0.0023 0.0144  163 PHE A O   
152 C CB  . PHE A 19 ? 0.1708 0.1531 0.1040 -0.0202 -0.0167 -0.0058 163 PHE A CB  
153 C CG  . PHE A 19 ? 0.1394 0.1421 0.1038 0.0041  -0.0292 0.0224  163 PHE A CG  
154 C CD1 . PHE A 19 ? 0.1654 0.1378 0.1175 0.0211  0.0121  -0.0071 163 PHE A CD1 
155 C CD2 . PHE A 19 ? 0.1874 0.1229 0.1030 -0.0328 -0.0098 0.0089  163 PHE A CD2 
156 C CE1 . PHE A 19 ? 0.2283 0.1407 0.0648 -0.0229 0.0197  0.0356  163 PHE A CE1 
157 C CE2 . PHE A 19 ? 0.1455 0.1415 0.0645 -0.0094 0.0016  0.0026  163 PHE A CE2 
158 C CZ  . PHE A 19 ? 0.1783 0.1742 0.0996 -0.0092 0.0180  0.0210  163 PHE A CZ  
159 N N   . ASN A 20 ? 0.1938 0.1454 0.1038 -0.0237 0.0078  0.0136  164 ASN A N   
160 C CA  . ASN A 20 ? 0.1692 0.1706 0.1383 -0.0211 0.0162  0.0124  164 ASN A CA  
161 C C   . ASN A 20 ? 0.1736 0.1903 0.1563 -0.0177 0.0156  0.0061  164 ASN A C   
162 O O   . ASN A 20 ? 0.2183 0.1859 0.1636 -0.0362 0.0027  0.0375  164 ASN A O   
163 C CB  . ASN A 20 ? 0.2561 0.1931 0.1152 -0.0201 0.0285  -0.0034 164 ASN A CB  
164 C CG  . ASN A 20 ? 0.2785 0.3174 0.2730 0.0191  -0.0125 -0.0173 164 ASN A CG  
165 O OD1 . ASN A 20 ? 0.3672 0.3494 0.2455 0.0186  -0.0052 0.0025  164 ASN A OD1 
166 N ND2 . ASN A 20 ? 0.4001 0.3965 0.3508 -0.0034 0.0147  -0.0446 164 ASN A ND2 
167 N N   . LEU A 21 ? 0.1438 0.1426 0.1649 -0.0155 0.0228  0.0039  165 LEU A N   
168 C CA  . LEU A 21 ? 0.1621 0.1353 0.1562 -0.0051 0.0242  0.0054  165 LEU A CA  
169 C C   . LEU A 21 ? 0.1701 0.1585 0.1421 -0.0013 0.0109  -0.0017 165 LEU A C   
170 O O   . LEU A 21 ? 0.1854 0.1313 0.1307 -0.0141 0.0100  0.0054  165 LEU A O   
171 C CB  . LEU A 21 ? 0.2104 0.1457 0.1210 0.0167  0.0212  0.0195  165 LEU A CB  
172 C CG  . LEU A 21 ? 0.2108 0.1550 0.1637 0.0023  0.0113  0.0251  165 LEU A CG  
173 C CD1 . LEU A 21 ? 0.2052 0.2073 0.2071 0.0011  0.0736  0.0399  165 LEU A CD1 
174 C CD2 . LEU A 21 ? 0.2891 0.2033 0.1495 0.0153  -0.0312 -0.0062 165 LEU A CD2 
175 N N   . HIS A 22 ? 0.1677 0.1284 0.1620 0.0120  0.0111  0.0063  166 HIS A N   
176 C CA  . HIS A 22 ? 0.1901 0.1595 0.1710 0.0054  0.0223  0.0048  166 HIS A CA  
177 C C   . HIS A 22 ? 0.1921 0.1831 0.2018 -0.0121 0.0206  0.0127  166 HIS A C   
178 O O   . HIS A 22 ? 0.1997 0.1381 0.2328 0.0222  0.0211  0.0227  166 HIS A O   
179 C CB  . HIS A 22 ? 0.2999 0.2266 0.2097 -0.0120 -0.0005 0.0073  166 HIS A CB  
180 C CG  . HIS A 22 ? 0.4460 0.4359 0.3893 0.0214  0.0156  -0.0512 166 HIS A CG  
181 N ND1 . HIS A 22 ? 0.5411 0.4756 0.4863 0.0274  -0.0040 -0.0006 166 HIS A ND1 
182 C CD2 . HIS A 22 ? 0.4555 0.4760 0.4313 0.0001  -0.0065 0.0412  166 HIS A CD2 
183 C CE1 . HIS A 22 ? 0.5388 0.4094 0.5029 0.0300  -0.0191 -0.0130 166 HIS A CE1 
184 N NE2 . HIS A 22 ? 0.5800 0.5182 0.5052 -0.0087 0.0080  -0.0219 166 HIS A NE2 
185 N N   . SER A 23 ? 0.1759 0.1998 0.1919 -0.0140 0.0076  0.0498  167 SER A N   
186 C CA  . SER A 23 ? 0.1877 0.2639 0.2304 -0.0020 0.0401  0.0509  167 SER A CA  
187 C C   . SER A 23 ? 0.2960 0.2702 0.2221 -0.0124 0.0331  0.0358  167 SER A C   
188 O O   . SER A 23 ? 0.3530 0.2694 0.2108 -0.0356 0.0367  0.0335  167 SER A O   
189 C CB  . SER A 23 ? 0.2775 0.3261 0.3211 0.0038  0.0113  0.0370  167 SER A CB  
190 O OG  . SER A 23 ? 0.2872 0.4128 0.3863 0.0075  -0.0073 -0.0682 167 SER A OG  
191 N N   . ASP A 24 ? 0.2233 0.3010 0.2094 0.0312  0.0194  0.0301  168 ASP A N   
192 C CA  . ASP A 24 ? 0.2659 0.2679 0.2540 0.0210  -0.0038 0.0415  168 ASP A CA  
193 C C   . ASP A 24 ? 0.2583 0.2325 0.2187 0.0155  -0.0273 0.0047  168 ASP A C   
194 O O   . ASP A 24 ? 0.3052 0.3278 0.1914 -0.0036 -0.0266 0.0119  168 ASP A O   
195 C CB  . ASP A 24 ? 0.2879 0.2928 0.1546 0.0130  0.0175  0.0740  168 ASP A CB  
196 C CG  . ASP A 24 ? 0.3391 0.3667 0.3392 -0.0229 -0.0132 0.0152  168 ASP A CG  
197 O OD1 . ASP A 24 ? 0.3786 0.4139 0.3967 -0.0153 -0.0021 0.0176  168 ASP A OD1 
198 O OD2 . ASP A 24 ? 0.5079 0.4811 0.3821 -0.0047 -0.0326 0.0548  168 ASP A OD2 
199 N N   . LYS A 25 ? 0.2696 0.2772 0.2465 0.0234  0.0117  0.0053  169 LYS A N   
200 C CA  . LYS A 25 ? 0.2941 0.2743 0.2902 0.0190  0.0171  0.0074  169 LYS A CA  
201 C C   . LYS A 25 ? 0.3505 0.3243 0.3568 0.0049  0.0228  0.0333  169 LYS A C   
202 O O   . LYS A 25 ? 0.3725 0.3506 0.4062 0.0517  0.0059  0.0200  169 LYS A O   
203 C CB  . LYS A 25 ? 0.3214 0.3347 0.2953 -0.0111 0.0135  0.0048  169 LYS A CB  
204 C CG  . LYS A 25 ? 0.3124 0.3279 0.2810 0.0007  -0.0041 -0.0167 169 LYS A CG  
205 C CD  . LYS A 25 ? 0.2075 0.2651 0.1972 0.0144  0.0024  0.0196  169 LYS A CD  
206 C CE  . LYS A 25 ? 0.2162 0.2709 0.1206 -0.0725 0.0298  -0.0095 169 LYS A CE  
207 N NZ  . LYS A 25 ? 0.3276 0.3886 0.3086 0.0043  -0.0191 0.1030  169 LYS A NZ  
208 N N   . SER A 26 ? 0.3645 0.3095 0.3736 0.0073  0.0446  0.0499  170 SER A N   
209 C CA  . SER A 26 ? 0.3760 0.3602 0.3748 -0.0151 0.0225  0.0067  170 SER A CA  
210 C C   . SER A 26 ? 0.3610 0.3301 0.3590 -0.0384 0.0430  0.0218  170 SER A C   
211 O O   . SER A 26 ? 0.4025 0.3917 0.3969 -0.0721 0.0590  0.0354  170 SER A O   
212 C CB  . SER A 26 ? 0.4073 0.4432 0.4341 -0.0085 -0.0066 -0.0124 170 SER A CB  
213 O OG  . SER A 26 ? 0.5578 0.4756 0.5658 -0.0047 0.0090  -0.0110 170 SER A OG  
214 N N   . ARG A 27 ? 0.3201 0.3128 0.3262 -0.0344 0.0419  0.0041  171 ARG A N   
215 C CA  . ARG A 27 ? 0.3548 0.3797 0.3800 -0.0250 0.0187  -0.0125 171 ARG A CA  
216 C C   . ARG A 27 ? 0.3924 0.3548 0.3652 -0.0164 0.0143  -0.0152 171 ARG A C   
217 O O   . ARG A 27 ? 0.3549 0.3679 0.4048 -0.0183 0.0262  -0.0122 171 ARG A O   
218 C CB  . ARG A 27 ? 0.3891 0.4130 0.3792 0.0093  0.0212  -0.0073 171 ARG A CB  
219 C CG  . ARG A 27 ? 0.4214 0.4502 0.3976 -0.0140 0.0190  -0.0006 171 ARG A CG  
220 N N   . PRO A 28 ? 0.3898 0.3315 0.3591 -0.0270 0.0214  0.0028  172 PRO A N   
221 C CA  . PRO A 28 ? 0.3595 0.3122 0.3065 0.0015  0.0086  0.0170  172 PRO A CA  
222 C C   . PRO A 28 ? 0.3205 0.2935 0.3217 -0.0023 -0.0022 0.0155  172 PRO A C   
223 O O   . PRO A 28 ? 0.3164 0.3206 0.3337 0.0039  0.0226  0.0064  172 PRO A O   
224 C CB  . PRO A 28 ? 0.3979 0.3294 0.3061 -0.0178 0.0013  0.0183  172 PRO A CB  
225 C CG  . PRO A 28 ? 0.3894 0.4021 0.3600 -0.0129 0.0196  -0.0080 172 PRO A CG  
226 C CD  . PRO A 28 ? 0.4075 0.3392 0.3609 -0.0322 0.0224  0.0062  172 PRO A CD  
227 N N   . GLY A 29 ? 0.3179 0.2122 0.3009 0.0011  0.0051  0.0287  173 GLY A N   
228 C CA  . GLY A 29 ? 0.2912 0.2303 0.2650 0.0183  0.0351  0.0188  173 GLY A CA  
229 C C   . GLY A 29 ? 0.2584 0.2026 0.2456 0.0065  0.0415  0.0152  173 GLY A C   
230 O O   . GLY A 29 ? 0.2538 0.1681 0.2497 0.0057  0.0230  0.0036  173 GLY A O   
231 N N   . GLN A 30 ? 0.2154 0.1731 0.1770 0.0069  0.0440  -0.0246 174 GLN A N   
232 C CA  . GLN A 30 ? 0.2203 0.1636 0.1480 -0.0028 0.0036  0.0043  174 GLN A CA  
233 C C   . GLN A 30 ? 0.1724 0.1578 0.1116 -0.0042 0.0182  0.0048  174 GLN A C   
234 O O   . GLN A 30 ? 0.2540 0.1968 0.1308 0.0451  0.0342  0.0089  174 GLN A O   
235 C CB  . GLN A 30 ? 0.2509 0.2015 0.1421 -0.0052 -0.0094 0.0213  174 GLN A CB  
236 C CG  . GLN A 30 ? 0.2334 0.2151 0.1813 -0.0183 -0.0382 0.0047  174 GLN A CG  
237 C CD  . GLN A 30 ? 0.2896 0.2627 0.2081 0.0044  -0.0140 0.0191  174 GLN A CD  
238 O OE1 . GLN A 30 ? 0.2661 0.3278 0.1851 0.0100  -0.0182 0.0111  174 GLN A OE1 
239 N NE2 . GLN A 30 ? 0.2452 0.2448 0.3035 -0.0108 -0.0306 0.0104  174 GLN A NE2 
240 N N   . TYR A 31 ? 0.1817 0.1682 0.1161 0.0052  0.0322  0.0055  175 TYR A N   
241 C CA  . TYR A 31 ? 0.1730 0.1579 0.1320 0.0008  0.0146  0.0070  175 TYR A CA  
242 C C   . TYR A 31 ? 0.1594 0.1993 0.1615 -0.0136 0.0212  0.0006  175 TYR A C   
243 O O   . TYR A 31 ? 0.1727 0.2149 0.1797 0.0021  0.0005  0.0520  175 TYR A O   
244 C CB  . TYR A 31 ? 0.1977 0.1694 0.1899 -0.0106 0.0047  -0.0050 175 TYR A CB  
245 C CG  . TYR A 31 ? 0.1932 0.1842 0.1837 -0.0135 0.0207  -0.0199 175 TYR A CG  
246 C CD1 . TYR A 31 ? 0.2044 0.1844 0.2145 0.0143  0.0217  -0.0274 175 TYR A CD1 
247 C CD2 . TYR A 31 ? 0.2138 0.1527 0.1687 -0.0135 0.0369  0.0148  175 TYR A CD2 
248 C CE1 . TYR A 31 ? 0.1960 0.2330 0.2799 -0.0102 0.0376  0.0130  175 TYR A CE1 
249 C CE2 . TYR A 31 ? 0.2132 0.1711 0.2462 -0.0144 0.0345  0.0068  175 TYR A CE2 
250 C CZ  . TYR A 31 ? 0.2230 0.1999 0.1960 -0.0442 -0.0002 0.0076  175 TYR A CZ  
251 O OH  . TYR A 31 ? 0.3170 0.2550 0.2834 -0.0734 0.0397  0.0236  175 TYR A OH  
252 N N   . ILE A 32 ? 0.1548 0.2146 0.1173 -0.0010 0.0118  0.0289  176 ILE A N   
253 C CA  . ILE A 32 ? 0.1804 0.2288 0.1271 -0.0212 -0.0053 0.0458  176 ILE A CA  
254 C C   . ILE A 32 ? 0.2061 0.2382 0.1589 -0.0189 0.0066  0.0155  176 ILE A C   
255 O O   . ILE A 32 ? 0.2289 0.2581 0.1669 -0.0303 -0.0060 0.0456  176 ILE A O   
256 C CB  . ILE A 32 ? 0.1784 0.2150 0.1822 -0.0076 0.0144  0.0434  176 ILE A CB  
257 C CG1 . ILE A 32 ? 0.2019 0.2427 0.1929 -0.0241 0.0115  0.0477  176 ILE A CG1 
258 C CG2 . ILE A 32 ? 0.2590 0.1895 0.2483 -0.0485 0.0195  0.0821  176 ILE A CG2 
259 C CD1 . ILE A 32 ? 0.2375 0.2560 0.2374 -0.0036 -0.0031 0.0082  176 ILE A CD1 
260 N N   . ARG A 33 ? 0.2432 0.2364 0.1359 -0.0319 0.0144  0.0160  177 ARG A N   
261 C CA  . ARG A 33 ? 0.2938 0.2625 0.2126 -0.0346 0.0077  -0.0205 177 ARG A CA  
262 C C   . ARG A 33 ? 0.2831 0.2239 0.2190 -0.0468 -0.0289 -0.0396 177 ARG A C   
263 O O   . ARG A 33 ? 0.3427 0.2274 0.2088 -0.0518 -0.0159 -0.0150 177 ARG A O   
264 C CB  . ARG A 33 ? 0.3380 0.2737 0.2553 0.0003  -0.0200 -0.0171 177 ARG A CB  
265 C CG  . ARG A 33 ? 0.4305 0.3644 0.2586 0.0104  0.0068  -0.0082 177 ARG A CG  
266 C CD  . ARG A 33 ? 0.4929 0.4960 0.5009 0.0378  -0.0031 0.0064  177 ARG A CD  
267 N NE  . ARG A 33 ? 0.5584 0.5480 0.5204 -0.0086 -0.0096 -0.0371 177 ARG A NE  
268 C CZ  . ARG A 33 ? 0.6248 0.6119 0.5953 -0.0004 0.0096  -0.0284 177 ARG A CZ  
269 N NH1 . ARG A 33 ? 0.5733 0.5800 0.5278 0.0016  -0.0144 0.0225  177 ARG A NH1 
270 N NH2 . ARG A 33 ? 0.6576 0.7053 0.6943 -0.0026 -0.0041 -0.0122 177 ARG A NH2 
271 N N   . SER A 34 ? 0.2675 0.1852 0.1510 -0.0245 -0.0266 -0.0303 178 SER A N   
272 C CA  . SER A 34 ? 0.2644 0.1814 0.1787 -0.0112 -0.0114 -0.0137 178 SER A CA  
273 C C   . SER A 34 ? 0.2590 0.1671 0.1331 -0.0285 -0.0302 0.0020  178 SER A C   
274 O O   . SER A 34 ? 0.2557 0.2481 0.1015 -0.0090 -0.0158 -0.0044 178 SER A O   
275 C CB  . SER A 34 ? 0.2924 0.2473 0.1742 -0.0166 -0.0010 -0.0487 178 SER A CB  
276 O OG  . SER A 34 ? 0.2920 0.3416 0.2508 -0.0211 0.0340  -0.0529 178 SER A OG  
277 N N   . VAL A 35 ? 0.2481 0.1920 0.1039 -0.0134 -0.0300 0.0006  179 VAL A N   
278 C CA  . VAL A 35 ? 0.2406 0.1706 0.1190 -0.0317 -0.0018 0.0217  179 VAL A CA  
279 C C   . VAL A 35 ? 0.2381 0.2096 0.0709 -0.0318 -0.0125 -0.0004 179 VAL A C   
280 O O   . VAL A 35 ? 0.2783 0.2899 0.0844 -0.0335 -0.0566 -0.0076 179 VAL A O   
281 C CB  . VAL A 35 ? 0.2317 0.1865 0.0895 -0.0145 -0.0434 -0.0006 179 VAL A CB  
282 C CG1 . VAL A 35 ? 0.2968 0.2137 0.2155 -0.0110 -0.0424 -0.0008 179 VAL A CG1 
283 C CG2 . VAL A 35 ? 0.2272 0.2107 0.0888 -0.0111 -0.0004 0.0286  179 VAL A CG2 
284 N N   . ASP A 36 ? 0.2704 0.2196 0.0508 -0.0469 -0.0270 0.0128  180 ASP A N   
285 C CA  . ASP A 36 ? 0.2855 0.2136 0.0772 -0.0321 0.0099  0.0043  180 ASP A CA  
286 C C   . ASP A 36 ? 0.3219 0.2130 0.0852 -0.0132 -0.0169 0.0369  180 ASP A C   
287 O O   . ASP A 36 ? 0.3087 0.1773 0.1562 -0.0215 -0.0128 0.0433  180 ASP A O   
288 C CB  . ASP A 36 ? 0.2985 0.2095 0.0638 -0.0393 0.0366  0.0310  180 ASP A CB  
289 C CG  . ASP A 36 ? 0.2746 0.3212 0.2420 -0.0266 0.0312  0.0104  180 ASP A CG  
290 O OD1 . ASP A 36 ? 0.3490 0.3247 0.3355 0.0239  0.0146  -0.0266 180 ASP A OD1 
291 O OD2 . ASP A 36 ? 0.3164 0.4196 0.2193 -0.0525 0.0572  -0.0126 180 ASP A OD2 
292 N N   . PRO A 37 ? 0.3577 0.2335 0.0854 -0.0020 0.0040  0.0370  181 PRO A N   
293 C CA  . PRO A 37 ? 0.2936 0.2346 0.0767 -0.0255 -0.0434 0.0251  181 PRO A CA  
294 C C   . PRO A 37 ? 0.2942 0.2131 0.0577 -0.0020 -0.0302 0.0705  181 PRO A C   
295 O O   . PRO A 37 ? 0.3374 0.2503 0.0787 0.0343  -0.0157 0.0442  181 PRO A O   
296 C CB  . PRO A 37 ? 0.3692 0.2366 0.1091 -0.0226 -0.0529 0.0006  181 PRO A CB  
297 C CG  . PRO A 37 ? 0.3996 0.3008 0.2059 0.0167  -0.0375 -0.0091 181 PRO A CG  
298 C CD  . PRO A 37 ? 0.3638 0.2555 0.1923 0.0099  -0.0175 0.0251  181 PRO A CD  
299 N N   . GLY A 38 ? 0.2725 0.2332 0.0861 0.0058  -0.0530 0.0563  182 GLY A N   
300 C CA  . GLY A 38 ? 0.3112 0.2378 0.1068 -0.0045 -0.0176 0.0392  182 GLY A CA  
301 C C   . GLY A 38 ? 0.3259 0.1865 0.1014 -0.0073 -0.0288 0.0097  182 GLY A C   
302 O O   . GLY A 38 ? 0.3308 0.2134 0.1114 -0.0359 -0.0479 0.0419  182 GLY A O   
303 N N   . SER A 39 ? 0.2707 0.1982 0.1259 -0.0370 -0.0304 0.0535  183 SER A N   
304 C CA  . SER A 39 ? 0.2182 0.2048 0.1098 -0.0104 -0.0280 0.0382  183 SER A CA  
305 C C   . SER A 39 ? 0.1832 0.1785 0.1425 0.0004  -0.0311 0.0113  183 SER A C   
306 O O   . SER A 39 ? 0.2311 0.2107 0.0791 0.0169  -0.0410 0.0375  183 SER A O   
307 C CB  . SER A 39 ? 0.2193 0.2120 0.0836 0.0102  -0.0383 -0.0135 183 SER A CB  
308 O OG  . SER A 39 ? 0.2892 0.1969 0.0426 -0.0148 0.0106  0.0512  183 SER A OG  
309 N N   . PRO A 40 ? 0.1935 0.2042 0.1142 -0.0249 -0.0184 0.0248  184 PRO A N   
310 C CA  . PRO A 40 ? 0.1648 0.1697 0.1182 -0.0196 -0.0298 0.0251  184 PRO A CA  
311 C C   . PRO A 40 ? 0.1700 0.1774 0.0943 -0.0053 -0.0456 0.0174  184 PRO A C   
312 O O   . PRO A 40 ? 0.1919 0.1855 0.1012 0.0014  -0.0179 0.0034  184 PRO A O   
313 C CB  . PRO A 40 ? 0.1661 0.1825 0.1139 -0.0223 -0.0034 -0.0058 184 PRO A CB  
314 C CG  . PRO A 40 ? 0.1872 0.1582 0.1197 -0.0338 -0.0061 0.0234  184 PRO A CG  
315 C CD  . PRO A 40 ? 0.1761 0.1871 0.1142 -0.0128 0.0068  0.0149  184 PRO A CD  
316 N N   . ALA A 41 ? 0.1588 0.1314 0.0777 -0.0089 -0.0090 0.0291  185 ALA A N   
317 C CA  . ALA A 41 ? 0.1808 0.1384 0.0805 -0.0066 -0.0377 0.0360  185 ALA A CA  
318 C C   . ALA A 41 ? 0.1755 0.1897 0.0864 -0.0086 -0.0078 -0.0314 185 ALA A C   
319 O O   . ALA A 41 ? 0.1685 0.2142 0.1396 -0.0204 -0.0181 0.0211  185 ALA A O   
320 C CB  . ALA A 41 ? 0.1953 0.1505 0.0965 0.0188  -0.0225 -0.0340 185 ALA A CB  
321 N N   . ALA A 42 ? 0.2001 0.2281 0.1055 -0.0038 -0.0279 -0.0119 186 ALA A N   
322 C CA  . ALA A 42 ? 0.1782 0.1941 0.1679 0.0144  -0.0391 0.0208  186 ALA A CA  
323 C C   . ALA A 42 ? 0.1937 0.2113 0.1399 0.0091  -0.0357 0.0334  186 ALA A C   
324 O O   . ALA A 42 ? 0.2686 0.2882 0.1196 -0.0537 -0.0339 0.0577  186 ALA A O   
325 C CB  . ALA A 42 ? 0.2299 0.2231 0.1317 0.0142  -0.0481 0.0555  186 ALA A CB  
326 N N   . ARG A 43 ? 0.2125 0.1986 0.0984 0.0044  -0.0309 0.0418  187 ARG A N   
327 C CA  . ARG A 43 ? 0.1994 0.1943 0.1136 0.0012  0.0005  0.0413  187 ARG A CA  
328 C C   . ARG A 43 ? 0.2106 0.1861 0.0902 0.0298  0.0011  0.0373  187 ARG A C   
329 O O   . ARG A 43 ? 0.2438 0.2609 0.2235 0.0545  0.0118  0.0727  187 ARG A O   
330 C CB  . ARG A 43 ? 0.2114 0.2003 0.1608 0.0217  -0.0120 0.0372  187 ARG A CB  
331 C CG  . ARG A 43 ? 0.3109 0.2767 0.1796 -0.0187 0.0255  0.0179  187 ARG A CG  
332 C CD  . ARG A 43 ? 0.2821 0.2505 0.2182 -0.0003 0.0040  -0.0059 187 ARG A CD  
333 N NE  . ARG A 43 ? 0.3478 0.2206 0.2553 -0.0359 0.0083  0.0374  187 ARG A NE  
334 C CZ  . ARG A 43 ? 0.2957 0.2176 0.1739 -0.0234 -0.0180 0.0195  187 ARG A CZ  
335 N NH1 . ARG A 43 ? 0.3392 0.3342 0.1606 -0.0171 0.0163  -0.0046 187 ARG A NH1 
336 N NH2 . ARG A 43 ? 0.3271 0.2432 0.2497 -0.0209 -0.0192 0.0310  187 ARG A NH2 
337 N N   . SER A 44 ? 0.1730 0.1913 0.1245 0.0215  -0.0032 0.0479  188 SER A N   
338 C CA  . SER A 44 ? 0.2000 0.2107 0.0666 0.0010  0.0102  0.0302  188 SER A CA  
339 C C   . SER A 44 ? 0.1786 0.2455 0.1456 -0.0061 0.0356  0.0083  188 SER A C   
340 O O   . SER A 44 ? 0.2242 0.2528 0.1449 -0.0131 0.0334  0.0579  188 SER A O   
341 C CB  . SER A 44 ? 0.1896 0.2399 0.1278 0.0256  0.0108  0.0180  188 SER A CB  
342 O OG  . SER A 44 ? 0.2032 0.2318 0.1069 -0.0084 0.0047  0.0306  188 SER A OG  
343 N N   . GLY A 45 ? 0.1981 0.2522 0.1355 -0.0034 -0.0102 0.0446  189 GLY A N   
344 C CA  . GLY A 45 ? 0.1902 0.2647 0.1713 -0.0140 -0.0189 0.0334  189 GLY A CA  
345 C C   . GLY A 45 ? 0.2070 0.2545 0.1356 -0.0225 -0.0025 0.0342  189 GLY A C   
346 O O   . GLY A 45 ? 0.2141 0.2582 0.1429 -0.0389 -0.0103 0.0479  189 GLY A O   
347 N N   . LEU A 46 ? 0.2190 0.2315 0.1265 -0.0060 -0.0322 0.0523  190 LEU A N   
348 C CA  . LEU A 46 ? 0.1961 0.2040 0.1301 -0.0226 -0.0131 0.0473  190 LEU A CA  
349 C C   . LEU A 46 ? 0.2550 0.1965 0.1597 -0.0094 -0.0145 0.0450  190 LEU A C   
350 O O   . LEU A 46 ? 0.2828 0.2419 0.1709 -0.0184 0.0331  0.0816  190 LEU A O   
351 C CB  A LEU A 46 ? 0.1961 0.2376 0.1425 -0.0183 -0.0047 0.0351  190 LEU A CB  
352 C CB  B LEU A 46 ? 0.1747 0.2344 0.1641 -0.0237 0.0075  0.0268  190 LEU A CB  
353 C CG  A LEU A 46 ? 0.2010 0.1787 0.0718 -0.0065 0.0220  0.0325  190 LEU A CG  
354 C CG  B LEU A 46 ? 0.1410 0.1652 0.1212 -0.0244 0.0315  -0.0112 190 LEU A CG  
355 C CD1 A LEU A 46 ? 0.1747 0.1600 0.1448 0.0384  -0.0425 0.0226  190 LEU A CD1 
356 C CD1 B LEU A 46 ? 0.2052 0.2394 0.1375 -0.0291 0.0042  0.0694  190 LEU A CD1 
357 C CD2 A LEU A 46 ? 0.1719 0.2218 0.1333 -0.0268 0.0087  0.0728  190 LEU A CD2 
358 C CD2 B LEU A 46 ? 0.1680 0.1366 0.1092 -0.0267 0.0082  0.0175  190 LEU A CD2 
359 N N   . ARG A 47 ? 0.2538 0.1951 0.1675 -0.0168 -0.0104 0.0464  191 ARG A N   
360 C CA  . ARG A 47 ? 0.2601 0.2433 0.2062 -0.0308 0.0043  0.0243  191 ARG A CA  
361 C C   . ARG A 47 ? 0.2124 0.2404 0.1636 -0.0295 0.0051  -0.0009 191 ARG A C   
362 O O   . ARG A 47 ? 0.2470 0.2171 0.1568 -0.0233 -0.0184 0.0193  191 ARG A O   
363 C CB  . ARG A 47 ? 0.2853 0.2928 0.2304 -0.0235 -0.0349 -0.0030 191 ARG A CB  
364 C CG  . ARG A 47 ? 0.3329 0.3118 0.3427 0.0042  -0.0095 0.0033  191 ARG A CG  
365 C CD  . ARG A 47 ? 0.4247 0.4584 0.3864 -0.0357 0.0344  0.0376  191 ARG A CD  
366 N N   . ALA A 48 ? 0.2613 0.2422 0.0824 -0.0344 0.0046  0.0168  192 ALA A N   
367 C CA  . ALA A 48 ? 0.2487 0.2483 0.1131 -0.0367 -0.0053 0.0225  192 ALA A CA  
368 C C   . ALA A 48 ? 0.2318 0.2158 0.1456 -0.0213 0.0220  -0.0133 192 ALA A C   
369 O O   . ALA A 48 ? 0.2453 0.2699 0.1749 -0.0180 -0.0102 0.0119  192 ALA A O   
370 C CB  . ALA A 48 ? 0.2791 0.3168 0.1684 0.0089  -0.0142 -0.0041 192 ALA A CB  
371 N N   . GLN A 49 ? 0.2266 0.2436 0.1416 -0.0242 -0.0068 -0.0269 193 GLN A N   
372 C CA  . GLN A 49 ? 0.1966 0.2332 0.1605 -0.0071 -0.0030 -0.0109 193 GLN A CA  
373 C C   . GLN A 49 ? 0.2048 0.1884 0.1606 -0.0348 0.0042  -0.0399 193 GLN A C   
374 O O   . GLN A 49 ? 0.2211 0.2006 0.2092 -0.0567 0.0190  -0.0332 193 GLN A O   
375 C CB  . GLN A 49 ? 0.2370 0.2662 0.2564 -0.0268 -0.0062 -0.0099 193 GLN A CB  
376 C CG  . GLN A 49 ? 0.3237 0.3573 0.3353 0.0012  -0.0033 -0.0470 193 GLN A CG  
377 C CD  . GLN A 49 ? 0.4599 0.4313 0.4915 -0.0218 -0.0191 -0.0728 193 GLN A CD  
378 O OE1 . GLN A 49 ? 0.5480 0.4749 0.5893 -0.0026 -0.0111 -0.0160 193 GLN A OE1 
379 N NE2 . GLN A 49 ? 0.4952 0.4473 0.4319 -0.0223 -0.0312 -0.0730 193 GLN A NE2 
380 N N   . ASP A 50 ? 0.2206 0.1649 0.1390 -0.0306 0.0266  -0.0075 194 ASP A N   
381 C CA  . ASP A 50 ? 0.1961 0.1818 0.1166 -0.0091 0.0289  -0.0193 194 ASP A CA  
382 C C   . ASP A 50 ? 0.1974 0.1847 0.1544 -0.0135 0.0338  -0.0104 194 ASP A C   
383 O O   . ASP A 50 ? 0.1973 0.1946 0.1374 -0.0051 0.0417  0.0193  194 ASP A O   
384 C CB  . ASP A 50 ? 0.2425 0.1957 0.0867 0.0046  0.0057  -0.0038 194 ASP A CB  
385 C CG  . ASP A 50 ? 0.2386 0.2044 0.1950 -0.0126 0.0368  0.0231  194 ASP A CG  
386 O OD1 . ASP A 50 ? 0.2577 0.2735 0.2694 0.0098  0.0167  0.0779  194 ASP A OD1 
387 O OD2 . ASP A 50 ? 0.2805 0.2599 0.1066 -0.0252 0.0354  0.0351  194 ASP A OD2 
388 N N   . ARG A 51 ? 0.1619 0.1594 0.1338 -0.0113 0.0319  -0.0172 195 ARG A N   
389 C CA  . ARG A 51 ? 0.2015 0.1683 0.1174 -0.0034 0.0109  0.0013  195 ARG A CA  
390 C C   . ARG A 51 ? 0.1784 0.1519 0.1281 -0.0005 0.0313  0.0250  195 ARG A C   
391 O O   . ARG A 51 ? 0.1835 0.1621 0.1261 0.0074  0.0090  -0.0020 195 ARG A O   
392 C CB  . ARG A 51 ? 0.2327 0.1902 0.1953 -0.0200 0.0117  0.0007  195 ARG A CB  
393 C CG  . ARG A 51 ? 0.2187 0.2182 0.1757 0.0045  0.0148  -0.0055 195 ARG A CG  
394 C CD  . ARG A 51 ? 0.3412 0.2052 0.2746 -0.0084 0.0253  0.0214  195 ARG A CD  
395 N NE  . ARG A 51 ? 0.3780 0.1871 0.2915 -0.0338 0.0117  0.0068  195 ARG A NE  
396 C CZ  . ARG A 51 ? 0.4010 0.3699 0.3370 -0.0047 0.0253  0.0191  195 ARG A CZ  
397 N NH1 . ARG A 51 ? 0.4155 0.3537 0.3719 -0.0048 0.0206  0.0217  195 ARG A NH1 
398 N NH2 . ARG A 51 ? 0.4012 0.3798 0.3663 0.0228  0.0150  0.0458  195 ARG A NH2 
399 N N   . LEU A 52 ? 0.1812 0.1261 0.1059 0.0169  0.0294  -0.0044 196 LEU A N   
400 C CA  . LEU A 52 ? 0.1727 0.1364 0.1261 -0.0019 0.0049  0.0106  196 LEU A CA  
401 C C   . LEU A 52 ? 0.1817 0.1528 0.1447 0.0079  0.0039  0.0081  196 LEU A C   
402 O O   . LEU A 52 ? 0.2704 0.1642 0.1293 0.0296  0.0155  0.0240  196 LEU A O   
403 C CB  . LEU A 52 ? 0.1775 0.1813 0.1898 0.0186  -0.0048 -0.0062 196 LEU A CB  
404 C CG  . LEU A 52 ? 0.1862 0.2358 0.2213 0.0160  -0.0057 -0.0238 196 LEU A CG  
405 C CD1 . LEU A 52 ? 0.1974 0.1924 0.1781 0.0136  0.0248  0.0048  196 LEU A CD1 
406 C CD2 . LEU A 52 ? 0.1237 0.2514 0.2192 0.0197  0.0168  -0.0194 196 LEU A CD2 
407 N N   . ILE A 53 ? 0.1938 0.1285 0.0712 0.0092  -0.0028 0.0379  197 ILE A N   
408 C CA  . ILE A 53 ? 0.1945 0.1546 0.0815 -0.0017 0.0112  0.0127  197 ILE A CA  
409 C C   . ILE A 53 ? 0.1753 0.1418 0.0965 0.0264  -0.0011 0.0317  197 ILE A C   
410 O O   . ILE A 53 ? 0.2175 0.1395 0.1141 0.0010  -0.0038 0.0497  197 ILE A O   
411 C CB  . ILE A 53 ? 0.1603 0.2007 0.0894 -0.0357 0.0158  0.0252  197 ILE A CB  
412 C CG1 A ILE A 53 ? 0.1955 0.2314 0.1470 -0.0302 0.0092  -0.0088 197 ILE A CG1 
413 C CG1 B ILE A 53 ? 0.1929 0.2425 0.1566 -0.0257 0.0054  -0.0134 197 ILE A CG1 
414 C CG2 . ILE A 53 ? 0.2354 0.2263 0.0859 -0.0116 0.0728  0.0801  197 ILE A CG2 
415 C CD1 A ILE A 53 ? 0.2084 0.2149 0.1169 0.0025  -0.0073 0.0022  197 ILE A CD1 
416 C CD1 B ILE A 53 ? 0.2269 0.2165 0.2198 -0.0012 -0.0078 0.0570  197 ILE A CD1 
417 N N   . GLU A 54 ? 0.1526 0.1294 0.0987 0.0092  -0.0006 0.0247  198 GLU A N   
418 C CA  . GLU A 54 ? 0.1428 0.1323 0.1105 -0.0128 -0.0031 0.0306  198 GLU A CA  
419 C C   . GLU A 54 ? 0.1222 0.1280 0.0744 0.0056  0.0161  0.0197  198 GLU A C   
420 O O   . GLU A 54 ? 0.1628 0.1533 0.0616 0.0033  -0.0139 0.0354  198 GLU A O   
421 C CB  . GLU A 54 ? 0.1594 0.1522 0.0698 -0.0083 -0.0021 0.0409  198 GLU A CB  
422 C CG  . GLU A 54 ? 0.1620 0.1844 0.1018 -0.0081 0.0298  0.0385  198 GLU A CG  
423 C CD  . GLU A 54 ? 0.2185 0.2094 0.0746 -0.0003 -0.0353 0.0164  198 GLU A CD  
424 O OE1 . GLU A 54 ? 0.2355 0.2239 0.1257 -0.0191 0.0272  0.0111  198 GLU A OE1 
425 O OE2 . GLU A 54 ? 0.2507 0.2876 0.1039 0.0102  0.0378  0.0635  198 GLU A OE2 
426 N N   . VAL A 55 ? 0.1396 0.1582 0.0843 0.0078  -0.0069 0.0438  199 VAL A N   
427 C CA  . VAL A 55 ? 0.1578 0.1420 0.0603 -0.0007 -0.0023 0.0237  199 VAL A CA  
428 C C   . VAL A 55 ? 0.1482 0.1430 0.0518 -0.0116 -0.0100 0.0304  199 VAL A C   
429 O O   . VAL A 55 ? 0.1452 0.1973 0.0515 -0.0028 -0.0074 0.0516  199 VAL A O   
430 C CB  . VAL A 55 ? 0.1556 0.1301 0.0836 0.0155  -0.0110 0.0513  199 VAL A CB  
431 C CG1 . VAL A 55 ? 0.1421 0.1651 0.0840 -0.0331 0.0006  0.0229  199 VAL A CG1 
432 C CG2 . VAL A 55 ? 0.2322 0.1392 0.0963 0.0017  0.0095  0.0050  199 VAL A CG2 
433 N N   . ASN A 56 ? 0.1831 0.1468 0.0655 0.0058  -0.0153 -0.0075 200 ASN A N   
434 C CA  . ASN A 56 ? 0.1409 0.1472 0.1033 -0.0027 0.0206  0.0095  200 ASN A CA  
435 C C   . ASN A 56 ? 0.1388 0.1986 0.1108 -0.0071 0.0056  0.0233  200 ASN A C   
436 O O   . ASN A 56 ? 0.1906 0.2704 0.1176 -0.0321 -0.0086 0.0387  200 ASN A O   
437 C CB  . ASN A 56 ? 0.1531 0.1517 0.0767 -0.0121 0.0187  0.0206  200 ASN A CB  
438 C CG  . ASN A 56 ? 0.1388 0.1336 0.0763 -0.0123 -0.0229 0.0273  200 ASN A CG  
439 O OD1 . ASN A 56 ? 0.1500 0.2229 0.0816 -0.0136 -0.0210 0.0278  200 ASN A OD1 
440 N ND2 . ASN A 56 ? 0.1521 0.2151 0.0782 -0.0115 -0.0128 0.0252  200 ASN A ND2 
441 N N   . GLY A 57 ? 0.1512 0.2023 0.0750 -0.0036 0.0157  0.0183  201 GLY A N   
442 C CA  . GLY A 57 ? 0.1590 0.2236 0.1290 0.0090  0.0391  -0.0011 201 GLY A CA  
443 C C   . GLY A 57 ? 0.1808 0.2031 0.1129 -0.0048 0.0385  0.0175  201 GLY A C   
444 O O   . GLY A 57 ? 0.2435 0.3085 0.0509 -0.0114 0.0568  0.0522  201 GLY A O   
445 N N   . GLN A 58 ? 0.1849 0.2101 0.0936 -0.0109 0.0283  0.0127  202 GLN A N   
446 C CA  . GLN A 58 ? 0.2092 0.2118 0.1279 -0.0230 0.0155  0.0347  202 GLN A CA  
447 C C   . GLN A 58 ? 0.2304 0.1869 0.1231 -0.0195 -0.0049 0.0510  202 GLN A C   
448 O O   . GLN A 58 ? 0.1939 0.2365 0.0927 0.0136  0.0033  0.0532  202 GLN A O   
449 C CB  A GLN A 58 ? 0.2369 0.2344 0.1540 0.0042  -0.0251 0.0576  202 GLN A CB  
450 C CB  B GLN A 58 ? 0.2403 0.2393 0.1717 0.0032  -0.0234 0.0550  202 GLN A CB  
451 C CG  A GLN A 58 ? 0.2716 0.2714 0.2258 0.0030  -0.0252 0.0284  202 GLN A CG  
452 C CG  B GLN A 58 ? 0.2897 0.2906 0.2562 0.0045  -0.0293 0.0137  202 GLN A CG  
453 C CD  A GLN A 58 ? 0.2540 0.3011 0.2500 -0.0061 -0.0046 0.0282  202 GLN A CD  
454 C CD  B GLN A 58 ? 0.3042 0.3387 0.3001 -0.0341 -0.0163 -0.0055 202 GLN A CD  
455 O OE1 A GLN A 58 ? 0.2691 0.3753 0.3063 0.0223  -0.0138 0.0368  202 GLN A OE1 
456 O OE1 B GLN A 58 ? 0.3807 0.3537 0.2481 0.0093  -0.0884 0.0212  202 GLN A OE1 
457 N NE2 A GLN A 58 ? 0.3717 0.4323 0.3257 0.0100  -0.0212 -0.0119 202 GLN A NE2 
458 N NE2 B GLN A 58 ? 0.4606 0.3991 0.4554 -0.0043 -0.0236 -0.0209 202 GLN A NE2 
459 N N   . ASN A 59 ? 0.2169 0.2067 0.0823 -0.0098 0.0007  0.0549  203 ASN A N   
460 C CA  . ASN A 59 ? 0.1822 0.2054 0.1536 -0.0068 0.0102  0.0683  203 ASN A CA  
461 C C   . ASN A 59 ? 0.1840 0.2444 0.1471 0.0100  0.0098  0.0817  203 ASN A C   
462 O O   . ASN A 59 ? 0.1891 0.2989 0.1676 0.0494  -0.0310 0.0737  203 ASN A O   
463 C CB  . ASN A 59 ? 0.2108 0.2255 0.1274 -0.0087 0.0021  0.0697  203 ASN A CB  
464 C CG  . ASN A 59 ? 0.2151 0.1493 0.1502 -0.0101 0.0500  0.0716  203 ASN A CG  
465 O OD1 . ASN A 59 ? 0.2461 0.2009 0.2311 0.0019  0.0828  0.0321  203 ASN A OD1 
466 N ND2 . ASN A 59 ? 0.1899 0.2453 0.2066 -0.0202 0.0428  0.0604  203 ASN A ND2 
467 N N   . VAL A 60 ? 0.1687 0.2332 0.1475 0.0269  0.0059  0.0784  204 VAL A N   
468 C CA  . VAL A 60 ? 0.1805 0.2196 0.1411 0.0207  0.0208  0.0794  204 VAL A CA  
469 C C   . VAL A 60 ? 0.2130 0.2454 0.2073 0.0004  0.0058  0.0396  204 VAL A C   
470 O O   . VAL A 60 ? 0.2360 0.2535 0.2887 0.0413  0.0270  -0.0108 204 VAL A O   
471 C CB  . VAL A 60 ? 0.1618 0.2259 0.1312 0.0204  0.0435  0.0675  204 VAL A CB  
472 C CG1 . VAL A 60 ? 0.2550 0.1779 0.1327 -0.0065 0.0073  0.0911  204 VAL A CG1 
473 C CG2 . VAL A 60 ? 0.2273 0.2070 0.1679 0.0080  -0.0294 0.0361  204 VAL A CG2 
474 N N   . GLU A 61 ? 0.2523 0.2535 0.2478 -0.0050 0.0391  0.0167  205 GLU A N   
475 C CA  . GLU A 61 ? 0.3007 0.2724 0.2990 -0.0122 0.0291  0.0149  205 GLU A CA  
476 C C   . GLU A 61 ? 0.3057 0.2687 0.3029 -0.0159 0.0301  0.0355  205 GLU A C   
477 O O   . GLU A 61 ? 0.3647 0.3045 0.3831 -0.0094 0.0603  0.0119  205 GLU A O   
478 C CB  . GLU A 61 ? 0.2826 0.2766 0.2816 -0.0082 0.0185  -0.0013 205 GLU A CB  
479 C CG  . GLU A 61 ? 0.2798 0.2995 0.2628 0.0165  0.0185  -0.0002 205 GLU A CG  
480 C CD  . GLU A 61 ? 0.3304 0.2833 0.3130 -0.0274 0.0186  0.0280  205 GLU A CD  
481 O OE1 . GLU A 61 ? 0.3300 0.3132 0.3275 -0.0545 0.0564  -0.0068 205 GLU A OE1 
482 O OE2 . GLU A 61 ? 0.4824 0.4446 0.4578 -0.0274 -0.0430 0.0315  205 GLU A OE2 
483 N N   . GLY A 62 ? 0.3186 0.2572 0.3341 0.0108  0.0235  0.0342  206 GLY A N   
484 C CA  . GLY A 62 ? 0.3470 0.3562 0.3854 0.0032  0.0118  0.0615  206 GLY A CA  
485 C C   . GLY A 62 ? 0.3631 0.3562 0.3761 0.0143  0.0278  0.0915  206 GLY A C   
486 O O   . GLY A 62 ? 0.4153 0.3924 0.4197 0.0486  0.0161  0.0997  206 GLY A O   
487 N N   . LEU A 63 ? 0.2976 0.3321 0.3227 0.0079  0.0299  0.1193  207 LEU A N   
488 C CA  . LEU A 63 ? 0.2580 0.2986 0.2562 0.0210  0.0249  0.0725  207 LEU A CA  
489 C C   . LEU A 63 ? 0.2483 0.2334 0.1914 0.0097  0.0117  0.0974  207 LEU A C   
490 O O   . LEU A 63 ? 0.2924 0.2761 0.2883 -0.0231 0.0074  0.0790  207 LEU A O   
491 C CB  . LEU A 63 ? 0.2588 0.2730 0.2206 0.0305  0.0089  0.0544  207 LEU A CB  
492 C CG  . LEU A 63 ? 0.2905 0.3211 0.2049 0.0478  -0.0261 0.0595  207 LEU A CG  
493 C CD1 . LEU A 63 ? 0.2580 0.2894 0.3065 0.0250  -0.0261 -0.0009 207 LEU A CD1 
494 C CD2 . LEU A 63 ? 0.3321 0.3814 0.1981 0.0479  -0.0455 0.0794  207 LEU A CD2 
495 N N   . ARG A 64 ? 0.2631 0.2457 0.1493 0.0198  -0.0063 0.1015  208 ARG A N   
496 C CA  . ARG A 64 ? 0.2168 0.2050 0.1826 -0.0082 0.0021  0.0574  208 ARG A CA  
497 C C   . ARG A 64 ? 0.2253 0.1685 0.1079 0.0290  -0.0293 0.0298  208 ARG A C   
498 O O   . ARG A 64 ? 0.2769 0.1876 0.1245 0.0353  -0.0112 0.0391  208 ARG A O   
499 C CB  . ARG A 64 ? 0.2371 0.2425 0.2070 0.0232  -0.0114 0.0657  208 ARG A CB  
500 C CG  . ARG A 64 ? 0.3278 0.2805 0.2651 0.0374  -0.0044 0.0689  208 ARG A CG  
501 C CD  . ARG A 64 ? 0.3778 0.4480 0.3951 0.0194  -0.0329 0.0286  208 ARG A CD  
502 N NE  . ARG A 64 ? 0.4714 0.3933 0.4672 0.0166  -0.0088 0.0030  208 ARG A NE  
503 C CZ  . ARG A 64 ? 0.4270 0.4053 0.4006 0.0343  -0.0127 -0.0018 208 ARG A CZ  
504 N NH1 . ARG A 64 ? 0.4576 0.4288 0.3584 0.0262  -0.0092 -0.0077 208 ARG A NH1 
505 N NH2 . ARG A 64 ? 0.4450 0.4075 0.3876 -0.0220 -0.0012 0.0289  208 ARG A NH2 
506 N N   . HIS A 65 ? 0.2220 0.1591 0.1330 0.0005  -0.0089 0.0281  209 HIS A N   
507 C CA  . HIS A 65 ? 0.2157 0.1594 0.1252 0.0121  -0.0365 0.0309  209 HIS A CA  
508 C C   . HIS A 65 ? 0.2092 0.1289 0.1151 0.0179  -0.0154 0.0277  209 HIS A C   
509 O O   . HIS A 65 ? 0.2334 0.1377 0.1061 0.0200  -0.0335 0.0381  209 HIS A O   
510 C CB  . HIS A 65 ? 0.2256 0.1915 0.1311 0.0050  -0.0228 0.0333  209 HIS A CB  
511 C CG  . HIS A 65 ? 0.2224 0.1470 0.1321 -0.0047 -0.0089 0.0023  209 HIS A CG  
512 N ND1 . HIS A 65 ? 0.2405 0.2024 0.0794 -0.0003 -0.0233 0.0239  209 HIS A ND1 
513 C CD2 . HIS A 65 ? 0.2156 0.1867 0.1479 0.0144  -0.0214 0.0059  209 HIS A CD2 
514 C CE1 . HIS A 65 ? 0.2210 0.2076 0.1295 -0.0101 0.0063  0.0093  209 HIS A CE1 
515 N NE2 . HIS A 65 ? 0.2442 0.1787 0.1061 0.0211  0.0085  0.0137  209 HIS A NE2 
516 N N   . ALA A 66 ? 0.2251 0.1790 0.1435 0.0138  -0.0235 0.0022  210 ALA A N   
517 C CA  . ALA A 66 ? 0.1988 0.2053 0.1633 0.0094  0.0010  0.0012  210 ALA A CA  
518 C C   . ALA A 66 ? 0.1919 0.1703 0.1289 -0.0059 -0.0294 0.0150  210 ALA A C   
519 O O   . ALA A 66 ? 0.2295 0.1603 0.1444 0.0114  -0.0331 0.0259  210 ALA A O   
520 C CB  . ALA A 66 ? 0.2079 0.2547 0.2261 0.0277  -0.0017 -0.0047 210 ALA A CB  
521 N N   . GLU A 67 ? 0.1892 0.1923 0.1518 0.0298  0.0104  0.0507  211 GLU A N   
522 C CA  . GLU A 67 ? 0.2187 0.2045 0.1617 0.0282  -0.0184 0.0153  211 GLU A CA  
523 C C   . GLU A 67 ? 0.2079 0.1755 0.1251 -0.0016 -0.0046 0.0196  211 GLU A C   
524 O O   . GLU A 67 ? 0.1988 0.1757 0.1046 0.0009  -0.0251 0.0275  211 GLU A O   
525 C CB  . GLU A 67 ? 0.2878 0.2041 0.1572 0.0291  -0.0256 0.0546  211 GLU A CB  
526 C CG  . GLU A 67 ? 0.2728 0.3172 0.1948 0.0504  -0.0195 0.0243  211 GLU A CG  
527 C CD  . GLU A 67 ? 0.3875 0.3329 0.3208 -0.0171 -0.0004 0.0544  211 GLU A CD  
528 O OE1 . GLU A 67 ? 0.4153 0.3861 0.2685 -0.0111 -0.0523 0.0621  211 GLU A OE1 
529 O OE2 . GLU A 67 ? 0.5107 0.5082 0.4696 0.0106  -0.0455 0.0277  211 GLU A OE2 
530 N N   . VAL A 68 ? 0.1826 0.1755 0.1064 0.0153  -0.0241 0.0055  212 VAL A N   
531 C CA  . VAL A 68 ? 0.1329 0.1672 0.0996 -0.0099 -0.0265 0.0228  212 VAL A CA  
532 C C   . VAL A 68 ? 0.1625 0.1241 0.1254 0.0158  -0.0156 0.0117  212 VAL A C   
533 O O   . VAL A 68 ? 0.1816 0.1291 0.1047 0.0268  -0.0214 0.0262  212 VAL A O   
534 C CB  . VAL A 68 ? 0.1668 0.1596 0.0962 -0.0089 -0.0132 0.0181  212 VAL A CB  
535 C CG1 . VAL A 68 ? 0.1574 0.1581 0.1485 0.0195  -0.0344 0.0410  212 VAL A CG1 
536 C CG2 . VAL A 68 ? 0.2124 0.1728 0.1358 -0.0249 0.0305  0.0605  212 VAL A CG2 
537 N N   . VAL A 69 ? 0.1635 0.1371 0.0675 0.0109  -0.0069 0.0207  213 VAL A N   
538 C CA  . VAL A 69 ? 0.1692 0.1522 0.1355 0.0255  0.0093  0.0145  213 VAL A CA  
539 C C   . VAL A 69 ? 0.1608 0.1613 0.0867 0.0109  0.0158  0.0202  213 VAL A C   
540 O O   . VAL A 69 ? 0.1813 0.1636 0.0971 -0.0122 -0.0033 0.0134  213 VAL A O   
541 C CB  . VAL A 69 ? 0.1557 0.1596 0.0849 0.0245  -0.0203 0.0212  213 VAL A CB  
542 C CG1 . VAL A 69 ? 0.2168 0.1442 0.1587 -0.0296 0.0070  0.0275  213 VAL A CG1 
543 C CG2 . VAL A 69 ? 0.2217 0.1880 0.1199 -0.0222 -0.0145 -0.0069 213 VAL A CG2 
544 N N   . ALA A 70 ? 0.1661 0.1499 0.1303 0.0177  -0.0297 0.0060  214 ALA A N   
545 C CA  . ALA A 70 ? 0.1654 0.1689 0.1039 0.0037  -0.0181 0.0097  214 ALA A CA  
546 C C   . ALA A 70 ? 0.1737 0.1760 0.0723 -0.0083 -0.0165 -0.0108 214 ALA A C   
547 O O   . ALA A 70 ? 0.1777 0.1729 0.1072 -0.0227 -0.0208 -0.0103 214 ALA A O   
548 C CB  . ALA A 70 ? 0.2012 0.1955 0.1250 0.0451  -0.0334 0.0195  214 ALA A CB  
549 N N   . SER A 71 ? 0.1593 0.1787 0.0629 -0.0193 -0.0293 0.0192  215 SER A N   
550 C CA  . SER A 71 ? 0.1700 0.1510 0.0822 -0.0009 -0.0048 0.0102  215 SER A CA  
551 C C   . SER A 71 ? 0.1343 0.1737 0.0839 0.0189  0.0097  0.0114  215 SER A C   
552 O O   . SER A 71 ? 0.1621 0.1577 0.0619 0.0055  -0.0065 0.0276  215 SER A O   
553 C CB  A SER A 71 ? 0.1856 0.1658 0.0748 -0.0057 -0.0095 0.0243  215 SER A CB  
554 C CB  B SER A 71 ? 0.1903 0.1761 0.0882 -0.0058 -0.0019 0.0187  215 SER A CB  
555 O OG  A SER A 71 ? 0.2248 0.2018 0.1637 0.0168  -0.0105 0.0900  215 SER A OG  
556 O OG  B SER A 71 ? 0.1916 0.1933 0.1258 0.0115  -0.0109 0.0132  215 SER A OG  
557 N N   . ILE A 72 ? 0.1632 0.1320 0.0906 0.0011  -0.0080 0.0252  216 ILE A N   
558 C CA  . ILE A 72 ? 0.1486 0.1143 0.0926 0.0048  0.0107  0.0042  216 ILE A CA  
559 C C   . ILE A 72 ? 0.1602 0.1270 0.0626 0.0100  0.0023  -0.0016 216 ILE A C   
560 O O   . ILE A 72 ? 0.1626 0.1379 0.0923 0.0056  0.0066  0.0228  216 ILE A O   
561 C CB  . ILE A 72 ? 0.1453 0.1359 0.0570 0.0038  -0.0004 -0.0002 216 ILE A CB  
562 C CG1 . ILE A 72 ? 0.1394 0.1688 0.0479 0.0038  -0.0056 0.0164  216 ILE A CG1 
563 C CG2 . ILE A 72 ? 0.1719 0.1465 0.0932 -0.0073 -0.0277 0.0522  216 ILE A CG2 
564 C CD1 . ILE A 72 ? 0.1976 0.1835 0.0676 -0.0189 0.0015  -0.0076 216 ILE A CD1 
565 N N   . LYS A 73 ? 0.1588 0.1393 0.0685 -0.0004 -0.0248 0.0306  217 LYS A N   
566 C CA  . LYS A 73 ? 0.1424 0.1560 0.0861 -0.0154 -0.0284 0.0346  217 LYS A CA  
567 C C   . LYS A 73 ? 0.1637 0.1729 0.1107 -0.0327 0.0085  0.0128  217 LYS A C   
568 O O   . LYS A 73 ? 0.1814 0.2060 0.1389 -0.0429 -0.0274 -0.0043 217 LYS A O   
569 C CB  . LYS A 73 ? 0.1570 0.1709 0.1065 -0.0197 -0.0195 0.0590  217 LYS A CB  
570 C CG  . LYS A 73 ? 0.2307 0.2140 0.0760 -0.0038 -0.0072 0.0428  217 LYS A CG  
571 C CD  . LYS A 73 ? 0.2367 0.2312 0.2223 -0.0015 0.0285  0.0037  217 LYS A CD  
572 C CE  . LYS A 73 ? 0.3110 0.2793 0.2688 0.0053  0.0069  -0.0047 217 LYS A CE  
573 N NZ  . LYS A 73 ? 0.3382 0.4328 0.4232 0.0011  0.0660  -0.0109 217 LYS A NZ  
574 N N   . ALA A 74 ? 0.1689 0.1659 0.0804 -0.0130 -0.0130 0.0216  218 ALA A N   
575 C CA  . ALA A 74 ? 0.1684 0.1614 0.1003 0.0045  -0.0362 0.0196  218 ALA A CA  
576 C C   . ALA A 74 ? 0.1580 0.1626 0.0862 -0.0202 -0.0069 0.0225  218 ALA A C   
577 O O   . ALA A 74 ? 0.1766 0.1845 0.1613 -0.0214 -0.0429 -0.0012 218 ALA A O   
578 C CB  . ALA A 74 ? 0.2336 0.1775 0.0730 -0.0191 -0.0257 0.0334  218 ALA A CB  
579 N N   . ARG A 75 ? 0.1715 0.1904 0.0769 -0.0163 -0.0212 -0.0007 219 ARG A N   
580 C CA  . ARG A 75 ? 0.2015 0.1630 0.0523 0.0050  -0.0142 0.0063  219 ARG A CA  
581 C C   . ARG A 75 ? 0.1789 0.1338 0.0539 -0.0228 -0.0045 0.0011  219 ARG A C   
582 O O   . ARG A 75 ? 0.2282 0.2149 0.0985 -0.0859 -0.0110 -0.0181 219 ARG A O   
583 C CB  . ARG A 75 ? 0.1931 0.1920 0.1001 -0.0081 0.0006  0.0223  219 ARG A CB  
584 C CG  . ARG A 75 ? 0.1935 0.2229 0.1136 -0.0180 0.0158  0.0357  219 ARG A CG  
585 C CD  . ARG A 75 ? 0.2454 0.3117 0.2371 0.0100  0.0060  0.0211  219 ARG A CD  
586 N NE  . ARG A 75 ? 0.3657 0.4157 0.2838 -0.0212 0.0015  -0.0002 219 ARG A NE  
587 C CZ  . ARG A 75 ? 0.3908 0.4606 0.4117 -0.0018 0.0432  0.0190  219 ARG A CZ  
588 N NH1 . ARG A 75 ? 0.5290 0.5517 0.5450 0.0328  0.0069  0.0151  219 ARG A NH1 
589 N NH2 . ARG A 75 ? 0.4342 0.4134 0.3672 0.0250  0.0473  -0.0071 219 ARG A NH2 
590 N N   . GLU A 76 ? 0.1906 0.1342 0.0810 -0.0138 0.0045  0.0246  220 GLU A N   
591 C CA  . GLU A 76 ? 0.1752 0.1531 0.0961 -0.0103 -0.0076 0.0410  220 GLU A CA  
592 C C   . GLU A 76 ? 0.2145 0.2008 0.1145 -0.0217 -0.0085 0.0370  220 GLU A C   
593 O O   . GLU A 76 ? 0.3242 0.2603 0.0634 -0.0712 -0.0037 0.0537  220 GLU A O   
594 C CB  . GLU A 76 ? 0.1561 0.2098 0.1714 -0.0238 -0.0197 0.0576  220 GLU A CB  
595 C CG  . GLU A 76 ? 0.1937 0.2225 0.1522 -0.0357 -0.0408 0.0531  220 GLU A CG  
596 C CD  . GLU A 76 ? 0.2439 0.2755 0.1848 -0.0047 0.0152  0.0603  220 GLU A CD  
597 O OE1 . GLU A 76 ? 0.2482 0.3189 0.2114 0.0246  0.0372  0.0724  220 GLU A OE1 
598 O OE2 . GLU A 76 ? 0.2646 0.3352 0.1404 0.0076  0.0209  0.0655  220 GLU A OE2 
599 N N   . ASP A 77 ? 0.1843 0.2008 0.0934 -0.0286 -0.0480 0.0511  221 ASP A N   
600 C CA  . ASP A 77 ? 0.1597 0.2055 0.1456 -0.0183 -0.0653 0.0560  221 ASP A CA  
601 C C   . ASP A 77 ? 0.1227 0.1361 0.1064 -0.0119 -0.0264 0.0575  221 ASP A C   
602 O O   . ASP A 77 ? 0.1601 0.1657 0.0594 -0.0174 -0.0265 0.0373  221 ASP A O   
603 C CB  . ASP A 77 ? 0.2232 0.2064 0.1459 -0.0096 -0.0690 0.0355  221 ASP A CB  
604 C CG  . ASP A 77 ? 0.3669 0.2542 0.0783 -0.0009 0.0051  -0.0009 221 ASP A CG  
605 O OD1 . ASP A 77 ? 0.3647 0.3989 0.4003 -0.0200 0.0385  0.0582  221 ASP A OD1 
606 O OD2 . ASP A 77 ? 0.4527 0.3355 0.2716 -0.0038 0.0093  -0.0725 221 ASP A OD2 
607 N N   . GLU A 78 ? 0.1554 0.1142 0.0728 -0.0205 -0.0233 0.0133  222 GLU A N   
608 C CA  . GLU A 78 ? 0.1318 0.1099 0.0780 -0.0375 -0.0015 0.0135  222 GLU A CA  
609 C C   . GLU A 78 ? 0.1387 0.1298 0.0665 -0.0191 -0.0173 0.0210  222 GLU A C   
610 O O   . GLU A 78 ? 0.1575 0.1423 0.0642 -0.0150 -0.0364 0.0390  222 GLU A O   
611 C CB  . GLU A 78 ? 0.1704 0.2029 0.1073 -0.0288 0.0078  0.0047  222 GLU A CB  
612 C CG  . GLU A 78 ? 0.2447 0.2397 0.0890 0.0046  0.0079  -0.0023 222 GLU A CG  
613 C CD  . GLU A 78 ? 0.3078 0.3510 0.2375 0.0567  0.0216  -0.0226 222 GLU A CD  
614 O OE1 . GLU A 78 ? 0.3296 0.3172 0.2840 0.0387  -0.0100 -0.0798 222 GLU A OE1 
615 O OE2 . GLU A 78 ? 0.4837 0.5435 0.2792 0.0431  0.0525  -0.0349 222 GLU A OE2 
616 N N   . ALA A 79 ? 0.1393 0.1578 0.0525 -0.0259 -0.0132 0.0306  223 ALA A N   
617 C CA  . ALA A 79 ? 0.1304 0.1454 0.1043 -0.0160 -0.0106 0.0508  223 ALA A CA  
618 C C   . ALA A 79 ? 0.1294 0.1348 0.1209 -0.0293 -0.0064 0.0455  223 ALA A C   
619 O O   . ALA A 79 ? 0.1420 0.2414 0.1307 -0.0434 -0.0207 0.0807  223 ALA A O   
620 C CB  . ALA A 79 ? 0.1790 0.1604 0.0982 0.0058  -0.0196 0.0248  223 ALA A CB  
621 N N   . ARG A 80 ? 0.1445 0.1209 0.1074 -0.0278 -0.0227 0.0482  224 ARG A N   
622 C CA  . ARG A 80 ? 0.1493 0.1311 0.0705 -0.0289 -0.0054 0.0194  224 ARG A CA  
623 C C   . ARG A 80 ? 0.1447 0.1326 0.0914 -0.0114 -0.0201 0.0049  224 ARG A C   
624 O O   . ARG A 80 ? 0.1889 0.1285 0.0789 -0.0109 -0.0445 0.0397  224 ARG A O   
625 C CB  A ARG A 80 ? 0.1872 0.1774 0.1190 -0.0351 0.0126  -0.0002 224 ARG A CB  
626 C CB  B ARG A 80 ? 0.1783 0.1422 0.1214 -0.0396 0.0133  0.0007  224 ARG A CB  
627 C CG  A ARG A 80 ? 0.2137 0.1800 0.1686 -0.0045 0.0092  0.0211  224 ARG A CG  
628 C CG  B ARG A 80 ? 0.1690 0.1221 0.0612 -0.0376 -0.0302 0.0062  224 ARG A CG  
629 C CD  A ARG A 80 ? 0.2909 0.2308 0.1835 0.0119  -0.0004 -0.0165 224 ARG A CD  
630 C CD  B ARG A 80 ? 0.1351 0.1608 0.2253 0.0136  -0.0043 -0.0482 224 ARG A CD  
631 N NE  A ARG A 80 ? 0.3112 0.3158 0.3159 -0.0130 0.0009  0.0025  224 ARG A NE  
632 N NE  B ARG A 80 ? 0.2491 0.1322 0.1642 0.0131  0.0139  -0.0477 224 ARG A NE  
633 C CZ  A ARG A 80 ? 0.3266 0.2990 0.2907 0.0241  0.0304  -0.0413 224 ARG A CZ  
634 C CZ  B ARG A 80 ? 0.2214 0.2241 0.2313 0.0010  -0.0103 -0.0188 224 ARG A CZ  
635 N NH1 A ARG A 80 ? 0.3734 0.3521 0.3674 0.0123  -0.0222 0.0176  224 ARG A NH1 
636 N NH1 B ARG A 80 ? 0.2398 0.2286 0.2211 0.0307  -0.0282 0.0556  224 ARG A NH1 
637 N NH2 A ARG A 80 ? 0.3713 0.3662 0.3553 -0.0020 -0.0007 0.0048  224 ARG A NH2 
638 N NH2 B ARG A 80 ? 0.2304 0.1959 0.2518 0.0206  -0.0062 -0.0271 224 ARG A NH2 
639 N N   . LEU A 81 ? 0.1620 0.1323 0.0532 -0.0221 0.0153  0.0070  225 LEU A N   
640 C CA  . LEU A 81 ? 0.1455 0.1261 0.0333 -0.0209 0.0019  0.0268  225 LEU A CA  
641 C C   . LEU A 81 ? 0.1143 0.1131 0.1355 -0.0175 -0.0171 0.0325  225 LEU A C   
642 O O   . LEU A 81 ? 0.1376 0.1603 0.0819 -0.0041 -0.0035 0.0444  225 LEU A O   
643 C CB  . LEU A 81 ? 0.1541 0.1526 0.0374 0.0232  -0.0189 0.0102  225 LEU A CB  
644 C CG  . LEU A 81 ? 0.1667 0.2976 0.1524 0.0282  0.0288  0.0027  225 LEU A CG  
645 C CD1 . LEU A 81 ? 0.1859 0.3526 0.0887 -0.0341 0.0482  -0.0190 225 LEU A CD1 
646 C CD2 . LEU A 81 ? 0.1844 0.2949 0.1126 0.0318  0.0085  0.0550  225 LEU A CD2 
647 N N   . LEU A 82 ? 0.1474 0.1150 0.0332 -0.0121 0.0054  -0.0014 226 LEU A N   
648 C CA  . LEU A 82 ? 0.1366 0.1270 0.0401 -0.0009 0.0135  0.0217  226 LEU A CA  
649 C C   . LEU A 82 ? 0.1079 0.1296 0.0851 -0.0006 0.0161  0.0135  226 LEU A C   
650 O O   . LEU A 82 ? 0.1489 0.1174 0.0862 0.0094  -0.0134 0.0096  226 LEU A O   
651 C CB  . LEU A 82 ? 0.1318 0.1247 0.0554 -0.0236 0.0028  0.0220  226 LEU A CB  
652 C CG  . LEU A 82 ? 0.1146 0.1572 0.0489 -0.0324 0.0148  0.0344  226 LEU A CG  
653 C CD1 . LEU A 82 ? 0.1403 0.1742 0.1170 0.0322  0.0101  0.0114  226 LEU A CD1 
654 C CD2 . LEU A 82 ? 0.1649 0.1968 0.0734 -0.0066 0.0443  0.0432  226 LEU A CD2 
655 N N   . VAL A 83 ? 0.1322 0.1137 0.1036 -0.0160 -0.0016 -0.0003 227 VAL A N   
656 C CA  . VAL A 83 ? 0.1396 0.1137 0.0737 -0.0192 0.0042  0.0160  227 VAL A CA  
657 C C   . VAL A 83 ? 0.1493 0.1285 0.0600 -0.0105 0.0070  -0.0005 227 VAL A C   
658 O O   . VAL A 83 ? 0.1495 0.1454 0.1132 -0.0074 -0.0047 -0.0085 227 VAL A O   
659 C CB  . VAL A 83 ? 0.1868 0.1148 0.0571 -0.0374 0.0062  0.0106  227 VAL A CB  
660 C CG1 . VAL A 83 ? 0.1422 0.1696 0.0806 -0.0227 0.0059  0.0201  227 VAL A CG1 
661 C CG2 . VAL A 83 ? 0.1777 0.2246 0.0965 0.0225  0.0002  0.0256  227 VAL A CG2 
662 N N   . VAL A 84 ? 0.1569 0.1371 0.0931 -0.0392 0.0198  -0.0173 228 VAL A N   
663 C CA  . VAL A 84 ? 0.1573 0.1511 0.1351 -0.0458 0.0305  -0.0173 228 VAL A CA  
664 C C   . VAL A 84 ? 0.1559 0.1766 0.1400 -0.0251 0.0142  -0.0071 228 VAL A C   
665 O O   . VAL A 84 ? 0.1776 0.2374 0.1118 -0.0259 -0.0191 -0.0273 228 VAL A O   
666 C CB  . VAL A 84 ? 0.1809 0.1856 0.1683 -0.0495 0.0217  -0.0118 228 VAL A CB  
667 C CG1 . VAL A 84 ? 0.2706 0.2407 0.1807 -0.0191 0.0409  -0.0025 228 VAL A CG1 
668 C CG2 . VAL A 84 ? 0.2186 0.1725 0.2042 -0.0213 0.0062  0.0342  228 VAL A CG2 
669 N N   . GLY A 85 ? 0.1701 0.1409 0.1744 -0.0197 -0.0041 -0.0072 229 GLY A N   
670 C CA  . GLY A 85 ? 0.1587 0.1547 0.1522 -0.0008 -0.0161 0.0106  229 GLY A CA  
671 C C   . GLY A 85 ? 0.1595 0.1913 0.1425 -0.0203 -0.0355 -0.0018 229 GLY A C   
672 O O   . GLY A 85 ? 0.2142 0.1604 0.1585 -0.0334 -0.0420 0.0319  229 GLY A O   
673 N N   . PRO A 86 ? 0.1971 0.1598 0.1631 -0.0248 -0.0072 -0.0036 230 PRO A N   
674 C CA  . PRO A 86 ? 0.1790 0.1619 0.2058 -0.0230 -0.0141 -0.0040 230 PRO A CA  
675 C C   . PRO A 86 ? 0.1626 0.1533 0.2160 -0.0058 -0.0261 -0.0244 230 PRO A C   
676 O O   . PRO A 86 ? 0.1732 0.1716 0.2461 -0.0067 -0.0388 -0.0433 230 PRO A O   
677 C CB  . PRO A 86 ? 0.2547 0.2163 0.2424 -0.0164 0.0243  -0.0345 230 PRO A CB  
678 C CG  . PRO A 86 ? 0.2703 0.2135 0.2475 -0.0159 -0.0209 -0.0155 230 PRO A CG  
679 C CD  . PRO A 86 ? 0.2076 0.1849 0.1598 -0.0392 -0.0257 0.0223  230 PRO A CD  
680 N N   . SER A 87 ? 0.1589 0.1641 0.2411 -0.0041 -0.0639 -0.0265 231 SER A N   
681 C CA  . SER A 87 ? 0.1770 0.1734 0.2112 -0.0033 -0.0367 -0.0166 231 SER A CA  
682 C C   . SER A 87 ? 0.1500 0.1692 0.1704 -0.0083 -0.0409 0.0139  231 SER A C   
683 O O   . SER A 87 ? 0.1578 0.1730 0.3197 -0.0200 -0.0626 -0.0119 231 SER A O   
684 C CB  . SER A 87 ? 0.2596 0.2464 0.3059 0.0137  -0.0116 -0.0177 231 SER A CB  
685 O OG  . SER A 87 ? 0.3583 0.2905 0.2689 -0.0029 -0.0403 -0.0112 231 SER A OG  
686 N N   . THR A 88 ? 0.1423 0.1724 0.1304 -0.0156 -0.0325 0.0078  232 THR A N   
687 C CA  . THR A 88 ? 0.1479 0.1649 0.1769 -0.0046 -0.0356 0.0082  232 THR A CA  
688 C C   . THR A 88 ? 0.1596 0.1430 0.1776 -0.0004 -0.0189 0.0234  232 THR A C   
689 O O   . THR A 88 ? 0.1642 0.1776 0.1423 -0.0118 -0.0093 0.0409  232 THR A O   
690 C CB  . THR A 88 ? 0.2135 0.1771 0.1543 -0.0018 -0.0016 0.0316  232 THR A CB  
691 O OG1 . THR A 88 ? 0.2308 0.2330 0.1760 -0.0247 0.0178  0.0336  232 THR A OG1 
692 C CG2 . THR A 88 ? 0.2042 0.1800 0.2074 0.0135  -0.0122 0.0198  232 THR A CG2 
693 N N   . ARG A 89 ? 0.1599 0.1708 0.1742 0.0068  -0.0148 0.0232  233 ARG A N   
694 C CA  . ARG A 89 ? 0.2004 0.1912 0.1725 -0.0058 -0.0025 0.0387  233 ARG A CA  
695 C C   . ARG A 89 ? 0.2071 0.1464 0.1912 0.0167  -0.0126 0.0385  233 ARG A C   
696 O O   . ARG A 89 ? 0.2136 0.2023 0.2477 0.0152  -0.0015 -0.0013 233 ARG A O   
697 C CB  A ARG A 89 ? 0.2509 0.2071 0.2231 0.0199  -0.0431 0.0482  233 ARG A CB  
698 C CB  B ARG A 89 ? 0.2535 0.2206 0.2265 0.0207  -0.0260 0.0473  233 ARG A CB  
699 C CG  A ARG A 89 ? 0.3312 0.2924 0.2623 -0.0040 -0.0093 0.0130  233 ARG A CG  
700 C CG  B ARG A 89 ? 0.3608 0.3271 0.3051 -0.0118 -0.0129 -0.0033 233 ARG A CG  
701 C CD  A ARG A 89 ? 0.4401 0.3846 0.3086 -0.0098 -0.0504 0.0457  233 ARG A CD  
702 C CD  B ARG A 89 ? 0.3995 0.4452 0.3774 0.0343  -0.0665 0.0073  233 ARG A CD  
703 N NE  A ARG A 89 ? 0.5070 0.5213 0.5379 0.0052  0.0143  -0.0130 233 ARG A NE  
704 N NE  B ARG A 89 ? 0.5697 0.5552 0.5621 -0.0257 0.0109  0.0134  233 ARG A NE  
705 C CZ  A ARG A 89 ? 0.5718 0.5963 0.6073 0.0138  -0.0132 0.0080  233 ARG A CZ  
706 C CZ  B ARG A 89 ? 0.6081 0.5771 0.5843 -0.0073 -0.0049 0.0133  233 ARG A CZ  
707 N NH1 A ARG A 89 ? 0.6683 0.6588 0.6373 -0.0047 0.0055  0.0104  233 ARG A NH1 
708 N NH1 B ARG A 89 ? 0.6400 0.6418 0.6500 0.0063  -0.0012 -0.0055 233 ARG A NH1 
709 N NH2 A ARG A 89 ? 0.5734 0.5767 0.5616 0.0123  -0.0098 0.0100  233 ARG A NH2 
710 N NH2 B ARG A 89 ? 0.5639 0.5589 0.5495 0.0121  -0.0003 0.0048  233 ARG A NH2 
711 N N   . LEU A 90 ? 0.1771 0.1734 0.1610 0.0141  0.0084  0.0249  234 LEU A N   
712 C CA  . LEU A 90 ? 0.2148 0.1671 0.1853 -0.0044 0.0038  -0.0009 234 LEU A CA  
713 C C   . LEU A 90 ? 0.2154 0.2187 0.1729 -0.0128 0.0115  -0.0211 234 LEU A C   
714 O O   . LEU A 90 ? 0.2690 0.2253 0.1624 -0.0028 -0.0012 -0.0027 234 LEU A O   
715 C CB  . LEU A 90 ? 0.2054 0.2137 0.1745 -0.0293 -0.0293 -0.0083 234 LEU A CB  
716 C CG  . LEU A 90 ? 0.3398 0.2984 0.2693 -0.0143 0.0538  0.0128  234 LEU A CG  
717 C CD1 . LEU A 90 ? 0.3444 0.3516 0.3513 0.0249  0.0280  0.0496  234 LEU A CD1 
718 C CD2 . LEU A 90 ? 0.4580 0.3633 0.2217 -0.0109 0.0723  0.0335  234 LEU A CD2 
719 O OXT . LEU A 90 ? 0.2426 0.2455 0.1568 -0.0371 -0.0106 0.0260  234 LEU A OXT 
720 C C1  . EDO B .  ? 0.3923 0.2156 0.3689 -0.0358 -0.0191 0.0040  235 EDO A C1  
721 O O1  . EDO B .  ? 0.4339 0.4134 0.5163 -0.0017 -0.0153 0.0392  235 EDO A O1  
722 C C2  . EDO B .  ? 0.4023 0.2736 0.2262 0.0115  -0.0379 0.0808  235 EDO A C2  
723 O O2  . EDO B .  ? 0.4814 0.4813 0.4782 0.0213  -0.0629 0.0269  235 EDO A O2  
724 O O   . HOH C .  ? 0.1227 0.1406 0.0787 -0.0057 -0.0393 -0.0163 1   HOH A O   
725 O O   . HOH C .  ? 0.1544 0.1578 0.0592 -0.0095 -0.0009 0.0467  2   HOH A O   
726 O O   . HOH C .  ? 0.1944 0.1541 0.0647 -0.0087 -0.0270 0.0108  3   HOH A O   
727 O O   . HOH C .  ? 0.1897 0.2166 0.1429 0.0264  -0.0791 0.0240  4   HOH A O   
728 O O   . HOH C .  ? 0.1909 0.2665 0.1779 0.0305  -0.0287 0.0378  5   HOH A O   
729 O O   . HOH C .  ? 0.2041 0.2217 0.0586 -0.0057 -0.0267 0.0370  6   HOH A O   
730 O O   . HOH C .  ? 0.2068 0.1911 0.1226 0.0148  -0.0002 -0.0125 7   HOH A O   
731 O O   . HOH C .  ? 0.2981 0.2005 0.1299 0.0432  0.0510  0.0593  8   HOH A O   
732 O O   . HOH C .  ? 0.1826 0.2557 0.1345 -0.0169 -0.0091 0.0036  9   HOH A O   
733 O O   . HOH C .  ? 0.2315 0.2508 0.1164 0.0108  0.0015  0.0044  10  HOH A O   
734 O O   . HOH C .  ? 0.3442 0.2570 0.1170 -0.0340 -0.0641 0.0513  11  HOH A O   
735 O O   . HOH C .  ? 0.1564 0.2147 0.3673 -0.0264 -0.0538 0.0045  12  HOH A O   
736 O O   . HOH C .  ? 0.1809 0.3083 0.1006 0.0025  0.0078  0.0665  13  HOH A O   
737 O O   . HOH C .  ? 0.1623 0.2470 0.1235 -0.0108 -0.0050 0.0093  15  HOH A O   
738 O O   . HOH C .  ? 0.3603 0.2722 0.1204 -0.0257 -0.0550 0.0729  16  HOH A O   
739 O O   . HOH C .  ? 0.2753 0.2168 0.1827 0.0136  -0.0263 0.0001  17  HOH A O   
740 O O   . HOH C .  ? 0.2408 0.2498 0.2096 0.0087  0.0146  0.0152  19  HOH A O   
741 O O   . HOH C .  ? 0.3084 0.3122 0.2653 -0.0327 -0.0403 0.0044  20  HOH A O   
742 O O   . HOH C .  ? 0.1769 0.3178 0.2008 -0.0257 -0.0062 0.1065  21  HOH A O   
743 O O   . HOH C .  ? 0.2642 0.3307 0.1445 -0.0227 0.0164  0.0461  22  HOH A O   
744 O O   . HOH C .  ? 0.3297 0.2706 0.2379 -0.0261 0.0128  0.0718  23  HOH A O   
745 O O   . HOH C .  ? 0.3613 0.2732 0.1755 -0.0289 -0.0820 -0.0434 24  HOH A O   
746 O O   . HOH C .  ? 0.4700 0.2936 0.2815 -0.0393 -0.0721 -0.0018 25  HOH A O   
747 O O   . HOH C .  ? 0.2345 0.2431 0.2164 -0.0731 0.0174  0.0266  27  HOH A O   
748 O O   . HOH C .  ? 0.2978 0.2578 0.2044 0.0245  -0.0453 0.0243  28  HOH A O   
749 O O   . HOH C .  ? 0.2791 0.2890 0.2691 0.0114  -0.0535 -0.0299 29  HOH A O   
750 O O   . HOH C .  ? 0.4213 0.3459 0.2186 0.0569  -0.0147 0.0159  32  HOH A O   
751 O O   . HOH C .  ? 0.3307 0.4284 0.3299 0.0278  0.0183  0.0390  33  HOH A O   
752 O O   . HOH C .  ? 0.2113 0.4124 0.4143 0.0334  -0.0771 0.0933  34  HOH A O   
753 O O   . HOH C .  ? 0.4128 0.2923 0.2846 -0.0383 -0.0500 0.0419  35  HOH A O   
754 O O   . HOH C .  ? 0.4136 0.3726 0.1424 -0.0414 0.0485  0.0795  36  HOH A O   
755 O O   . HOH C .  ? 0.3663 0.2965 0.2454 0.0316  0.0109  -0.0023 37  HOH A O   
756 O O   . HOH C .  ? 0.4732 0.3748 0.3805 0.0322  -0.0279 0.0789  38  HOH A O   
757 O O   . HOH C .  ? 0.3879 0.2446 0.2302 0.1001  0.0431  0.0216  39  HOH A O   
758 O O   . HOH C .  ? 0.3682 0.3785 0.2664 0.0360  -0.0521 0.0084  40  HOH A O   
759 O O   . HOH C .  ? 0.3643 0.4186 0.2746 0.0338  -0.0304 0.0178  42  HOH A O   
760 O O   . HOH C .  ? 0.3450 0.4723 0.2712 -0.0256 0.1216  0.0744  43  HOH A O   
761 O O   . HOH C .  ? 0.4200 0.4339 0.2394 -0.0193 0.0005  -0.0802 44  HOH A O   
762 O O   . HOH C .  ? 0.4087 0.3957 0.3460 0.0055  -0.0218 -0.0328 45  HOH A O   
763 O O   . HOH C .  ? 0.3263 0.4288 0.2357 0.0022  -0.0368 0.0040  46  HOH A O   
764 O O   . HOH C .  ? 0.4771 0.2578 0.2721 -0.0128 -0.1104 0.0025  47  HOH A O   
765 O O   . HOH C .  ? 0.4828 0.4890 0.4393 -0.0157 0.0419  0.0424  48  HOH A O   
766 O O   . HOH C .  ? 0.4282 0.3736 0.3948 0.0389  -0.0302 0.0515  49  HOH A O   
767 O O   . HOH C .  ? 0.4663 0.3704 0.4051 -0.0461 -0.0353 -0.0144 51  HOH A O   
768 O O   . HOH C .  ? 0.2551 0.3785 0.2086 0.0490  -0.0328 0.0158  52  HOH A O   
769 O O   . HOH C .  ? 0.2753 0.3307 0.3749 0.0353  0.0451  0.0142  53  HOH A O   
770 O O   . HOH C .  ? 0.2526 0.3793 0.4788 -0.0087 -0.0103 0.0343  55  HOH A O   
771 O O   . HOH C .  ? 0.3739 0.4130 0.3859 0.0291  0.0128  0.0864  56  HOH A O   
772 O O   . HOH C .  ? 0.5282 0.4679 0.4782 -0.0688 -0.0165 0.0420  57  HOH A O   
773 O O   A HOH C .  ? 0.3159 0.3382 0.1967 -0.0344 -0.0678 -0.0928 58  HOH A O   
774 O O   B HOH C .  ? 0.3385 0.3798 0.3556 -0.0093 0.0212  0.0217  58  HOH A O   
775 O O   . HOH C .  ? 0.3305 0.3340 0.2386 -0.0140 0.0015  0.0143  59  HOH A O   
776 O O   . HOH C .  ? 0.3571 0.3975 0.2431 -0.0175 -0.0335 0.0924  60  HOH A O   
777 O O   . HOH C .  ? 0.3831 0.3713 0.3093 0.0194  0.0223  0.0402  61  HOH A O   
778 O O   . HOH C .  ? 0.3281 0.3375 0.3396 0.0079  0.0534  0.0451  62  HOH A O   
779 O O   . HOH C .  ? 0.3386 0.3801 0.3398 0.0596  0.0466  0.0169  63  HOH A O   
780 O O   . HOH C .  ? 0.3597 0.3348 0.2061 -0.0795 -0.0084 -0.0289 64  HOH A O   
781 O O   . HOH C .  ? 0.4743 0.3788 0.2915 -0.0352 -0.0276 0.0306  65  HOH A O   
782 O O   . HOH C .  ? 0.5024 0.4870 0.4656 0.0414  -0.0012 0.0763  66  HOH A O   
783 O O   . HOH C .  ? 0.3708 0.2899 0.2635 0.0323  -0.0152 -0.0411 68  HOH A O   
784 O O   . HOH C .  ? 0.3774 0.3542 0.4293 0.0249  -0.0098 -0.1121 69  HOH A O   
785 O O   . HOH C .  ? 0.5137 0.4312 0.3778 0.0310  0.0157  0.0151  70  HOH A O   
786 O O   . HOH C .  ? 0.4527 0.3595 0.3253 -0.0127 -0.0283 0.0127  73  HOH A O   
787 O O   . HOH C .  ? 0.3945 0.4389 0.2722 -0.0171 0.0222  0.0472  75  HOH A O   
788 O O   . HOH C .  ? 0.2781 0.3905 0.3908 0.0677  -0.0250 -0.0334 76  HOH A O   
789 O O   . HOH C .  ? 0.3056 0.3726 0.3121 0.0055  -0.0195 0.0262  78  HOH A O   
790 O O   . HOH C .  ? 0.4701 0.4212 0.3248 -0.0030 -0.0333 0.0323  80  HOH A O   
791 O O   . HOH C .  ? 0.4232 0.4341 0.4123 0.0296  0.0086  -0.0311 81  HOH A O   
792 O O   . HOH C .  ? 0.3853 0.3375 0.2558 0.0395  0.0497  0.0328  82  HOH A O   
793 O O   . HOH C .  ? 0.4510 0.5024 0.5258 -0.0097 -0.0382 -0.0313 83  HOH A O   
794 O O   . HOH C .  ? 0.4666 0.4232 0.3752 -0.0058 0.0691  0.0703  84  HOH A O   
795 O O   . HOH C .  ? 0.3541 0.4855 0.4680 -0.0141 0.0609  0.0424  85  HOH A O   
796 O O   . HOH C .  ? 0.4866 0.3874 0.4834 0.0034  -0.0373 -0.1016 86  HOH A O   
797 O O   . HOH C .  ? 0.4936 0.4603 0.3882 0.0382  -0.0050 -0.0560 88  HOH A O   
798 O O   . HOH C .  ? 0.4304 0.4348 0.2480 -0.0232 0.0666  0.0791  89  HOH A O   
799 O O   . HOH C .  ? 0.6162 0.6382 0.6270 0.0078  -0.0007 0.0105  90  HOH A O   
800 O O   . HOH C .  ? 0.3693 0.4023 0.3373 -0.0276 0.0277  -0.0391 91  HOH A O   
801 O O   . HOH C .  ? 0.3709 0.5600 0.4002 0.0216  -0.0256 0.0171  93  HOH A O   
802 O O   . HOH C .  ? 0.5433 0.5075 0.4973 -0.0495 0.0309  0.0728  94  HOH A O   
803 O O   . HOH C .  ? 0.4389 0.4001 0.1664 -0.0214 0.0095  0.0600  95  HOH A O   
804 O O   . HOH C .  ? 0.4444 0.4334 0.3329 0.0106  -0.0075 0.0107  97  HOH A O   
805 O O   . HOH C .  ? 0.4099 0.3981 0.4388 0.1127  -0.0539 -0.0092 98  HOH A O   
806 O O   . HOH C .  ? 0.5728 0.5642 0.5739 -0.0109 0.0185  0.0454  99  HOH A O   
807 O O   . HOH C .  ? 0.5337 0.5195 0.4996 0.0013  0.0109  0.0629  100 HOH A O   
808 O O   . HOH C .  ? 0.4754 0.5728 0.5254 -0.0116 -0.0147 -0.0186 101 HOH A O   
809 O O   A HOH C .  ? 0.3310 0.3280 0.2367 -0.0060 -0.0567 0.1184  103 HOH A O   
810 O O   B HOH C .  ? 0.3835 0.3392 0.2918 -0.0074 -0.0100 -0.0072 103 HOH A O   
811 O O   B HOH C .  ? 0.2044 0.1802 0.1530 0.0064  0.0543  0.0134  104 HOH A O   
812 O O   . HOH C .  ? 0.5177 0.4919 0.5079 -0.0124 0.0021  0.0382  105 HOH A O   
813 O O   . HOH C .  ? 0.3572 0.3804 0.4134 -0.0097 -0.0477 -0.0071 106 HOH A O   
814 O O   . HOH C .  ? 0.4853 0.4934 0.4838 -0.0052 -0.0469 -0.0160 108 HOH A O   
815 O O   . HOH C .  ? 0.5956 0.5460 0.5010 0.0287  -0.0169 -0.0017 110 HOH A O   
816 O O   . HOH C .  ? 0.3830 0.3306 0.2520 0.0117  0.0120  0.0169  111 HOH A O   
817 O O   . HOH C .  ? 0.3612 0.3294 0.2754 0.0135  -0.0277 0.0795  112 HOH A O   
818 O O   . HOH C .  ? 0.3956 0.3579 0.1657 -0.0371 -0.0190 0.0485  113 HOH A O   
819 O O   . HOH C .  ? 0.3059 0.2624 0.2659 -0.0123 0.0015  0.0659  115 HOH A O   
820 O O   . HOH C .  ? 0.4310 0.4765 0.4776 -0.0102 -0.0384 -0.0405 116 HOH A O   
821 O O   . HOH C .  ? 0.3293 0.3299 0.2503 -0.0077 -0.0520 0.0491  117 HOH A O   
822 O O   A HOH C .  ? 0.3635 0.3622 0.3483 0.0226  -0.0105 0.0208  118 HOH A O   
823 O O   A HOH C .  ? 0.4497 0.4121 0.4175 0.0123  0.0036  -0.0242 119 HOH A O   
824 O O   B HOH C .  ? 0.3680 0.3061 0.3395 -0.0536 -0.0059 -0.0354 119 HOH A O   
825 O O   . HOH C .  ? 0.4477 0.5026 0.5139 0.0561  -0.0033 0.0330  120 HOH A O   
826 O O   . HOH C .  ? 0.4164 0.4854 0.4142 0.0303  0.0360  0.0497  121 HOH A O   
827 O O   . HOH C .  ? 0.3578 0.4009 0.3782 0.0444  -0.0358 -0.0027 122 HOH A O   
828 O O   . HOH C .  ? 0.4970 0.4810 0.4201 -0.0607 0.0004  -0.0249 123 HOH A O   
829 O O   . HOH C .  ? 0.6131 0.5596 0.5708 -0.0035 -0.0090 -0.0088 124 HOH A O   
830 O O   . HOH C .  ? 0.6056 0.5392 0.5469 -0.0023 -0.0002 0.0208  125 HOH A O   
831 O O   . HOH C .  ? 0.5440 0.5013 0.4552 -0.0232 0.0228  0.0319  126 HOH A O   
832 O O   . HOH C .  ? 0.5674 0.5439 0.4824 -0.0294 0.0011  0.0137  127 HOH A O   
833 O O   . HOH C .  ? 0.5057 0.5266 0.4111 -0.0355 0.0125  0.0050  128 HOH A O   
834 O O   . HOH C .  ? 0.6137 0.6203 0.6018 -0.0065 -0.0059 -0.0048 129 HOH A O   
835 O O   . HOH C .  ? 0.4635 0.5412 0.4879 0.0201  0.0038  -0.0034 130 HOH A O   
836 O O   . HOH C .  ? 0.3257 0.4105 0.4321 -0.0113 -0.0149 0.0840  131 HOH A O   
837 O O   A HOH C .  ? 0.4241 0.2942 0.3355 -0.0105 -0.0043 0.0731  132 HOH A O   
838 O O   B HOH C .  ? 0.3975 0.3348 0.3496 -0.0426 -0.0316 -0.0193 132 HOH A O   
839 O O   . HOH C .  ? 0.4591 0.4557 0.4648 0.0058  0.0054  -0.0070 133 HOH A O   
840 O O   . HOH C .  ? 0.4053 0.4250 0.4215 -0.0177 -0.0092 0.0104  134 HOH A O   
# 
loop_
_pdbx_poly_seq_scheme.asym_id 
_pdbx_poly_seq_scheme.entity_id 
_pdbx_poly_seq_scheme.seq_id 
_pdbx_poly_seq_scheme.mon_id 
_pdbx_poly_seq_scheme.ndb_seq_num 
_pdbx_poly_seq_scheme.pdb_seq_num 
_pdbx_poly_seq_scheme.auth_seq_num 
_pdbx_poly_seq_scheme.pdb_mon_id 
_pdbx_poly_seq_scheme.auth_mon_id 
_pdbx_poly_seq_scheme.pdb_strand_id 
_pdbx_poly_seq_scheme.pdb_ins_code 
_pdbx_poly_seq_scheme.hetero 
A 1 1  SER 1  145 145 SER SER A . n 
A 1 2  MET 2  146 146 MET MET A . n 
A 1 3  LEU 3  147 147 LEU LEU A . n 
A 1 4  ARG 4  148 148 ARG ARG A . n 
A 1 5  PRO 5  149 149 PRO PRO A . n 
A 1 6  ARG 6  150 150 ARG ARG A . n 
A 1 7  LEU 7  151 151 LEU LEU A . n 
A 1 8  CYS 8  152 152 CYS CYS A . n 
A 1 9  HIS 9  153 153 HIS HIS A . n 
A 1 10 LEU 10 154 154 LEU LEU A . n 
A 1 11 ARG 11 155 155 ARG ARG A . n 
A 1 12 LYS 12 156 156 LYS LYS A . n 
A 1 13 GLY 13 157 157 GLY GLY A . n 
A 1 14 PRO 14 158 158 PRO PRO A . n 
A 1 15 GLN 15 159 159 GLN GLN A . n 
A 1 16 GLY 16 160 160 GLY GLY A . n 
A 1 17 TYR 17 161 161 TYR TYR A . n 
A 1 18 GLY 18 162 162 GLY GLY A . n 
A 1 19 PHE 19 163 163 PHE PHE A . n 
A 1 20 ASN 20 164 164 ASN ASN A . n 
A 1 21 LEU 21 165 165 LEU LEU A . n 
A 1 22 HIS 22 166 166 HIS HIS A . n 
A 1 23 SER 23 167 167 SER SER A . n 
A 1 24 ASP 24 168 168 ASP ASP A . n 
A 1 25 LYS 25 169 169 LYS LYS A . n 
A 1 26 SER 26 170 170 SER SER A . n 
A 1 27 ARG 27 171 171 ARG ARG A . n 
A 1 28 PRO 28 172 172 PRO PRO A . n 
A 1 29 GLY 29 173 173 GLY GLY A . n 
A 1 30 GLN 30 174 174 GLN GLN A . n 
A 1 31 TYR 31 175 175 TYR TYR A . n 
A 1 32 ILE 32 176 176 ILE ILE A . n 
A 1 33 ARG 33 177 177 ARG ARG A . n 
A 1 34 SER 34 178 178 SER SER A . n 
A 1 35 VAL 35 179 179 VAL VAL A . n 
A 1 36 ASP 36 180 180 ASP ASP A . n 
A 1 37 PRO 37 181 181 PRO PRO A . n 
A 1 38 GLY 38 182 182 GLY GLY A . n 
A 1 39 SER 39 183 183 SER SER A . n 
A 1 40 PRO 40 184 184 PRO PRO A . n 
A 1 41 ALA 41 185 185 ALA ALA A . n 
A 1 42 ALA 42 186 186 ALA ALA A . n 
A 1 43 ARG 43 187 187 ARG ARG A . n 
A 1 44 SER 44 188 188 SER SER A . n 
A 1 45 GLY 45 189 189 GLY GLY A . n 
A 1 46 LEU 46 190 190 LEU LEU A . n 
A 1 47 ARG 47 191 191 ARG ARG A . n 
A 1 48 ALA 48 192 192 ALA ALA A . n 
A 1 49 GLN 49 193 193 GLN GLN A . n 
A 1 50 ASP 50 194 194 ASP ASP A . n 
A 1 51 ARG 51 195 195 ARG ARG A . n 
A 1 52 LEU 52 196 196 LEU LEU A . n 
A 1 53 ILE 53 197 197 ILE ILE A . n 
A 1 54 GLU 54 198 198 GLU GLU A . n 
A 1 55 VAL 55 199 199 VAL VAL A . n 
A 1 56 ASN 56 200 200 ASN ASN A . n 
A 1 57 GLY 57 201 201 GLY GLY A . n 
A 1 58 GLN 58 202 202 GLN GLN A . n 
A 1 59 ASN 59 203 203 ASN ASN A . n 
A 1 60 VAL 60 204 204 VAL VAL A . n 
A 1 61 GLU 61 205 205 GLU GLU A . n 
A 1 62 GLY 62 206 206 GLY GLY A . n 
A 1 63 LEU 63 207 207 LEU LEU A . n 
A 1 64 ARG 64 208 208 ARG ARG A . n 
A 1 65 HIS 65 209 209 HIS HIS A . n 
A 1 66 ALA 66 210 210 ALA ALA A . n 
A 1 67 GLU 67 211 211 GLU GLU A . n 
A 1 68 VAL 68 212 212 VAL VAL A . n 
A 1 69 VAL 69 213 213 VAL VAL A . n 
A 1 70 ALA 70 214 214 ALA ALA A . n 
A 1 71 SER 71 215 215 SER SER A . n 
A 1 72 ILE 72 216 216 ILE ILE A . n 
A 1 73 LYS 73 217 217 LYS LYS A . n 
A 1 74 ALA 74 218 218 ALA ALA A . n 
A 1 75 ARG 75 219 219 ARG ARG A . n 
A 1 76 GLU 76 220 220 GLU GLU A . n 
A 1 77 ASP 77 221 221 ASP ASP A . n 
A 1 78 GLU 78 222 222 GLU GLU A . n 
A 1 79 ALA 79 223 223 ALA ALA A . n 
A 1 80 ARG 80 224 224 ARG ARG A . n 
A 1 81 LEU 81 225 225 LEU LEU A . n 
A 1 82 LEU 82 226 226 LEU LEU A . n 
A 1 83 VAL 83 227 227 VAL VAL A . n 
A 1 84 VAL 84 228 228 VAL VAL A . n 
A 1 85 GLY 85 229 229 GLY GLY A . n 
A 1 86 PRO 86 230 230 PRO PRO A . n 
A 1 87 SER 87 231 231 SER SER A . n 
A 1 88 THR 88 232 232 THR THR A . n 
A 1 89 ARG 89 233 233 ARG ARG A . n 
A 1 90 LEU 90 234 234 LEU LEU A . n 
# 
_pdbx_SG_project.id                    1 
_pdbx_SG_project.project_name          ? 
_pdbx_SG_project.full_name_of_center   'Structural Genomics Consortium' 
_pdbx_SG_project.initial_of_center     SGC 
# 
loop_
_pdbx_nonpoly_scheme.asym_id 
_pdbx_nonpoly_scheme.entity_id 
_pdbx_nonpoly_scheme.mon_id 
_pdbx_nonpoly_scheme.ndb_seq_num 
_pdbx_nonpoly_scheme.pdb_seq_num 
_pdbx_nonpoly_scheme.auth_seq_num 
_pdbx_nonpoly_scheme.pdb_mon_id 
_pdbx_nonpoly_scheme.auth_mon_id 
_pdbx_nonpoly_scheme.pdb_strand_id 
_pdbx_nonpoly_scheme.pdb_ins_code 
B 2 EDO 1   235 1   EDO EDO A . 
C 3 HOH 1   1   1   HOH HOH A . 
C 3 HOH 2   2   2   HOH HOH A . 
C 3 HOH 3   3   3   HOH HOH A . 
C 3 HOH 4   4   4   HOH HOH A . 
C 3 HOH 5   5   5   HOH HOH A . 
C 3 HOH 6   6   6   HOH HOH A . 
C 3 HOH 7   7   7   HOH HOH A . 
C 3 HOH 8   8   8   HOH HOH A . 
C 3 HOH 9   9   9   HOH HOH A . 
C 3 HOH 10  10  10  HOH HOH A . 
C 3 HOH 11  11  11  HOH HOH A . 
C 3 HOH 12  12  12  HOH HOH A . 
C 3 HOH 13  13  13  HOH HOH A . 
C 3 HOH 14  15  15  HOH HOH A . 
C 3 HOH 15  16  16  HOH HOH A . 
C 3 HOH 16  17  17  HOH HOH A . 
C 3 HOH 17  19  19  HOH HOH A . 
C 3 HOH 18  20  20  HOH HOH A . 
C 3 HOH 19  21  21  HOH HOH A . 
C 3 HOH 20  22  22  HOH HOH A . 
C 3 HOH 21  23  23  HOH HOH A . 
C 3 HOH 22  24  24  HOH HOH A . 
C 3 HOH 23  25  25  HOH HOH A . 
C 3 HOH 24  27  27  HOH HOH A . 
C 3 HOH 25  28  28  HOH HOH A . 
C 3 HOH 26  29  29  HOH HOH A . 
C 3 HOH 27  32  32  HOH HOH A . 
C 3 HOH 28  33  33  HOH HOH A . 
C 3 HOH 29  34  34  HOH HOH A . 
C 3 HOH 30  35  35  HOH HOH A . 
C 3 HOH 31  36  36  HOH HOH A . 
C 3 HOH 32  37  37  HOH HOH A . 
C 3 HOH 33  38  38  HOH HOH A . 
C 3 HOH 34  39  39  HOH HOH A . 
C 3 HOH 35  40  40  HOH HOH A . 
C 3 HOH 36  42  42  HOH HOH A . 
C 3 HOH 37  43  43  HOH HOH A . 
C 3 HOH 38  44  44  HOH HOH A . 
C 3 HOH 39  45  45  HOH HOH A . 
C 3 HOH 40  46  46  HOH HOH A . 
C 3 HOH 41  47  47  HOH HOH A . 
C 3 HOH 42  48  48  HOH HOH A . 
C 3 HOH 43  49  49  HOH HOH A . 
C 3 HOH 44  51  51  HOH HOH A . 
C 3 HOH 45  52  52  HOH HOH A . 
C 3 HOH 46  53  53  HOH HOH A . 
C 3 HOH 47  55  55  HOH HOH A . 
C 3 HOH 48  56  56  HOH HOH A . 
C 3 HOH 49  57  57  HOH HOH A . 
C 3 HOH 50  58  58  HOH HOH A . 
C 3 HOH 51  59  59  HOH HOH A . 
C 3 HOH 52  60  60  HOH HOH A . 
C 3 HOH 53  61  61  HOH HOH A . 
C 3 HOH 54  62  62  HOH HOH A . 
C 3 HOH 55  63  63  HOH HOH A . 
C 3 HOH 56  64  64  HOH HOH A . 
C 3 HOH 57  65  65  HOH HOH A . 
C 3 HOH 58  66  66  HOH HOH A . 
C 3 HOH 59  68  68  HOH HOH A . 
C 3 HOH 60  69  69  HOH HOH A . 
C 3 HOH 61  70  70  HOH HOH A . 
C 3 HOH 62  73  73  HOH HOH A . 
C 3 HOH 63  75  75  HOH HOH A . 
C 3 HOH 64  76  76  HOH HOH A . 
C 3 HOH 65  78  78  HOH HOH A . 
C 3 HOH 66  80  80  HOH HOH A . 
C 3 HOH 67  81  81  HOH HOH A . 
C 3 HOH 68  82  82  HOH HOH A . 
C 3 HOH 69  83  83  HOH HOH A . 
C 3 HOH 70  84  84  HOH HOH A . 
C 3 HOH 71  85  85  HOH HOH A . 
C 3 HOH 72  86  86  HOH HOH A . 
C 3 HOH 73  88  88  HOH HOH A . 
C 3 HOH 74  89  89  HOH HOH A . 
C 3 HOH 75  90  90  HOH HOH A . 
C 3 HOH 76  91  91  HOH HOH A . 
C 3 HOH 77  93  93  HOH HOH A . 
C 3 HOH 78  94  94  HOH HOH A . 
C 3 HOH 79  95  95  HOH HOH A . 
C 3 HOH 80  97  97  HOH HOH A . 
C 3 HOH 81  98  98  HOH HOH A . 
C 3 HOH 82  99  99  HOH HOH A . 
C 3 HOH 83  100 100 HOH HOH A . 
C 3 HOH 84  101 101 HOH HOH A . 
C 3 HOH 85  103 103 HOH HOH A . 
C 3 HOH 86  104 104 HOH HOH A . 
C 3 HOH 87  105 105 HOH HOH A . 
C 3 HOH 88  106 106 HOH HOH A . 
C 3 HOH 89  108 108 HOH HOH A . 
C 3 HOH 90  110 110 HOH HOH A . 
C 3 HOH 91  111 111 HOH HOH A . 
C 3 HOH 92  112 112 HOH HOH A . 
C 3 HOH 93  113 113 HOH HOH A . 
C 3 HOH 94  115 115 HOH HOH A . 
C 3 HOH 95  116 116 HOH HOH A . 
C 3 HOH 96  117 117 HOH HOH A . 
C 3 HOH 97  118 118 HOH HOH A . 
C 3 HOH 98  119 119 HOH HOH A . 
C 3 HOH 99  120 120 HOH HOH A . 
C 3 HOH 100 121 121 HOH HOH A . 
C 3 HOH 101 122 122 HOH HOH A . 
C 3 HOH 102 123 123 HOH HOH A . 
C 3 HOH 103 124 124 HOH HOH A . 
C 3 HOH 104 125 125 HOH HOH A . 
C 3 HOH 105 126 126 HOH HOH A . 
C 3 HOH 106 127 127 HOH HOH A . 
C 3 HOH 107 128 128 HOH HOH A . 
C 3 HOH 108 129 129 HOH HOH A . 
C 3 HOH 109 130 130 HOH HOH A . 
C 3 HOH 110 131 131 HOH HOH A . 
C 3 HOH 111 132 132 HOH HOH A . 
C 3 HOH 112 133 133 HOH HOH A . 
C 3 HOH 113 134 134 HOH HOH A . 
# 
_pdbx_struct_assembly.id                   1 
_pdbx_struct_assembly.details              author_defined_assembly 
_pdbx_struct_assembly.method_details       ? 
_pdbx_struct_assembly.oligomeric_details   monomeric 
_pdbx_struct_assembly.oligomeric_count     1 
# 
_pdbx_struct_assembly_gen.assembly_id       1 
_pdbx_struct_assembly_gen.oper_expression   1 
_pdbx_struct_assembly_gen.asym_id_list      A,B,C 
# 
_pdbx_struct_oper_list.id                   1 
_pdbx_struct_oper_list.type                 'identity operation' 
_pdbx_struct_oper_list.name                 1_555 
_pdbx_struct_oper_list.symmetry_operation   x,y,z 
_pdbx_struct_oper_list.matrix[1][1]         1.0000000000 
_pdbx_struct_oper_list.matrix[1][2]         0.0000000000 
_pdbx_struct_oper_list.matrix[1][3]         0.0000000000 
_pdbx_struct_oper_list.vector[1]            0.0000000000 
_pdbx_struct_oper_list.matrix[2][1]         0.0000000000 
_pdbx_struct_oper_list.matrix[2][2]         1.0000000000 
_pdbx_struct_oper_list.matrix[2][3]         0.0000000000 
_pdbx_struct_oper_list.vector[2]            0.0000000000 
_pdbx_struct_oper_list.matrix[3][1]         0.0000000000 
_pdbx_struct_oper_list.matrix[3][2]         0.0000000000 
_pdbx_struct_oper_list.matrix[3][3]         1.0000000000 
_pdbx_struct_oper_list.vector[3]            0.0000000000 
# 
_pdbx_struct_special_symmetry.id              1 
_pdbx_struct_special_symmetry.PDB_model_num   1 
_pdbx_struct_special_symmetry.auth_asym_id    A 
_pdbx_struct_special_symmetry.auth_comp_id    HOH 
_pdbx_struct_special_symmetry.auth_seq_id     100 
_pdbx_struct_special_symmetry.PDB_ins_code    ? 
_pdbx_struct_special_symmetry.label_asym_id   C 
_pdbx_struct_special_symmetry.label_comp_id   HOH 
_pdbx_struct_special_symmetry.label_seq_id    . 
# 
loop_
_pdbx_audit_revision_history.ordinal 
_pdbx_audit_revision_history.data_content_type 
_pdbx_audit_revision_history.major_revision 
_pdbx_audit_revision_history.minor_revision 
_pdbx_audit_revision_history.revision_date 
1 'Structure model' 1 0 2006-07-18 
2 'Structure model' 1 1 2008-05-01 
3 'Structure model' 1 2 2011-07-13 
4 'Structure model' 1 3 2021-10-20 
5 'Structure model' 1 4 2023-08-30 
# 
_pdbx_audit_revision_details.ordinal             1 
_pdbx_audit_revision_details.revision_ordinal    1 
_pdbx_audit_revision_details.data_content_type   'Structure model' 
_pdbx_audit_revision_details.provider            repository 
_pdbx_audit_revision_details.type                'Initial release' 
_pdbx_audit_revision_details.description         ? 
_pdbx_audit_revision_details.details             ? 
# 
loop_
_pdbx_audit_revision_group.ordinal 
_pdbx_audit_revision_group.revision_ordinal 
_pdbx_audit_revision_group.data_content_type 
_pdbx_audit_revision_group.group 
1 2 'Structure model' 'Version format compliance' 
2 3 'Structure model' 'Version format compliance' 
3 4 'Structure model' 'Database references'       
4 4 'Structure model' 'Derived calculations'      
5 5 'Structure model' 'Data collection'           
6 5 'Structure model' 'Refinement description'    
# 
loop_
_pdbx_audit_revision_category.ordinal 
_pdbx_audit_revision_category.revision_ordinal 
_pdbx_audit_revision_category.data_content_type 
_pdbx_audit_revision_category.category 
1 4 'Structure model' database_2                    
2 4 'Structure model' struct_ref_seq_dif            
3 4 'Structure model' struct_site                   
4 5 'Structure model' chem_comp_atom                
5 5 'Structure model' chem_comp_bond                
6 5 'Structure model' pdbx_initial_refinement_model 
# 
loop_
_pdbx_audit_revision_item.ordinal 
_pdbx_audit_revision_item.revision_ordinal 
_pdbx_audit_revision_item.data_content_type 
_pdbx_audit_revision_item.item 
1 4 'Structure model' '_database_2.pdbx_DOI'                
2 4 'Structure model' '_database_2.pdbx_database_accession' 
3 4 'Structure model' '_struct_ref_seq_dif.details'         
4 4 'Structure model' '_struct_site.pdbx_auth_asym_id'      
5 4 'Structure model' '_struct_site.pdbx_auth_comp_id'      
6 4 'Structure model' '_struct_site.pdbx_auth_seq_id'       
# 
loop_
_software.name 
_software.classification 
_software.version 
_software.citation_id 
_software.pdbx_ordinal 
REFMAC refinement 5.2.0019 ? 1 
PHASER phasing    .        ? 2 
# 
_pdbx_validate_close_contact.id               1 
_pdbx_validate_close_contact.PDB_model_num    1 
_pdbx_validate_close_contact.auth_atom_id_1   O 
_pdbx_validate_close_contact.auth_asym_id_1   A 
_pdbx_validate_close_contact.auth_comp_id_1   HOH 
_pdbx_validate_close_contact.auth_seq_id_1    33 
_pdbx_validate_close_contact.PDB_ins_code_1   ? 
_pdbx_validate_close_contact.label_alt_id_1   ? 
_pdbx_validate_close_contact.auth_atom_id_2   O 
_pdbx_validate_close_contact.auth_asym_id_2   A 
_pdbx_validate_close_contact.auth_comp_id_2   HOH 
_pdbx_validate_close_contact.auth_seq_id_2    134 
_pdbx_validate_close_contact.PDB_ins_code_2   ? 
_pdbx_validate_close_contact.label_alt_id_2   ? 
_pdbx_validate_close_contact.dist             2.14 
# 
_pdbx_validate_torsion.id              1 
_pdbx_validate_torsion.PDB_model_num   1 
_pdbx_validate_torsion.auth_comp_id    GLN 
_pdbx_validate_torsion.auth_asym_id    A 
_pdbx_validate_torsion.auth_seq_id     193 
_pdbx_validate_torsion.PDB_ins_code    ? 
_pdbx_validate_torsion.label_alt_id    ? 
_pdbx_validate_torsion.phi             80.81 
_pdbx_validate_torsion.psi             -1.38 
# 
loop_
_pdbx_unobs_or_zero_occ_atoms.id 
_pdbx_unobs_or_zero_occ_atoms.PDB_model_num 
_pdbx_unobs_or_zero_occ_atoms.polymer_flag 
_pdbx_unobs_or_zero_occ_atoms.occupancy_flag 
_pdbx_unobs_or_zero_occ_atoms.auth_asym_id 
_pdbx_unobs_or_zero_occ_atoms.auth_comp_id 
_pdbx_unobs_or_zero_occ_atoms.auth_seq_id 
_pdbx_unobs_or_zero_occ_atoms.PDB_ins_code 
_pdbx_unobs_or_zero_occ_atoms.auth_atom_id 
_pdbx_unobs_or_zero_occ_atoms.label_alt_id 
_pdbx_unobs_or_zero_occ_atoms.label_asym_id 
_pdbx_unobs_or_zero_occ_atoms.label_comp_id 
_pdbx_unobs_or_zero_occ_atoms.label_seq_id 
_pdbx_unobs_or_zero_occ_atoms.label_atom_id 
1  1 Y 1 A MET 146 ? CG  ? A MET 2  CG  
2  1 Y 1 A MET 146 ? SD  ? A MET 2  SD  
3  1 Y 1 A MET 146 ? CE  ? A MET 2  CE  
4  1 Y 1 A ARG 171 ? CD  ? A ARG 27 CD  
5  1 Y 1 A ARG 171 ? NE  ? A ARG 27 NE  
6  1 Y 1 A ARG 171 ? CZ  ? A ARG 27 CZ  
7  1 Y 1 A ARG 171 ? NH1 ? A ARG 27 NH1 
8  1 Y 1 A ARG 171 ? NH2 ? A ARG 27 NH2 
9  1 Y 1 A ARG 191 ? NE  ? A ARG 47 NE  
10 1 Y 1 A ARG 191 ? CZ  ? A ARG 47 CZ  
11 1 Y 1 A ARG 191 ? NH1 ? A ARG 47 NH1 
12 1 Y 1 A ARG 191 ? NH2 ? A ARG 47 NH2 
# 
loop_
_chem_comp_atom.comp_id 
_chem_comp_atom.atom_id 
_chem_comp_atom.type_symbol 
_chem_comp_atom.pdbx_aromatic_flag 
_chem_comp_atom.pdbx_stereo_config 
_chem_comp_atom.pdbx_ordinal 
ALA N    N N N 1   
ALA CA   C N S 2   
ALA C    C N N 3   
ALA O    O N N 4   
ALA CB   C N N 5   
ALA OXT  O N N 6   
ALA H    H N N 7   
ALA H2   H N N 8   
ALA HA   H N N 9   
ALA HB1  H N N 10  
ALA HB2  H N N 11  
ALA HB3  H N N 12  
ALA HXT  H N N 13  
ARG N    N N N 14  
ARG CA   C N S 15  
ARG C    C N N 16  
ARG O    O N N 17  
ARG CB   C N N 18  
ARG CG   C N N 19  
ARG CD   C N N 20  
ARG NE   N N N 21  
ARG CZ   C N N 22  
ARG NH1  N N N 23  
ARG NH2  N N N 24  
ARG OXT  O N N 25  
ARG H    H N N 26  
ARG H2   H N N 27  
ARG HA   H N N 28  
ARG HB2  H N N 29  
ARG HB3  H N N 30  
ARG HG2  H N N 31  
ARG HG3  H N N 32  
ARG HD2  H N N 33  
ARG HD3  H N N 34  
ARG HE   H N N 35  
ARG HH11 H N N 36  
ARG HH12 H N N 37  
ARG HH21 H N N 38  
ARG HH22 H N N 39  
ARG HXT  H N N 40  
ASN N    N N N 41  
ASN CA   C N S 42  
ASN C    C N N 43  
ASN O    O N N 44  
ASN CB   C N N 45  
ASN CG   C N N 46  
ASN OD1  O N N 47  
ASN ND2  N N N 48  
ASN OXT  O N N 49  
ASN H    H N N 50  
ASN H2   H N N 51  
ASN HA   H N N 52  
ASN HB2  H N N 53  
ASN HB3  H N N 54  
ASN HD21 H N N 55  
ASN HD22 H N N 56  
ASN HXT  H N N 57  
ASP N    N N N 58  
ASP CA   C N S 59  
ASP C    C N N 60  
ASP O    O N N 61  
ASP CB   C N N 62  
ASP CG   C N N 63  
ASP OD1  O N N 64  
ASP OD2  O N N 65  
ASP OXT  O N N 66  
ASP H    H N N 67  
ASP H2   H N N 68  
ASP HA   H N N 69  
ASP HB2  H N N 70  
ASP HB3  H N N 71  
ASP HD2  H N N 72  
ASP HXT  H N N 73  
CYS N    N N N 74  
CYS CA   C N R 75  
CYS C    C N N 76  
CYS O    O N N 77  
CYS CB   C N N 78  
CYS SG   S N N 79  
CYS OXT  O N N 80  
CYS H    H N N 81  
CYS H2   H N N 82  
CYS HA   H N N 83  
CYS HB2  H N N 84  
CYS HB3  H N N 85  
CYS HG   H N N 86  
CYS HXT  H N N 87  
EDO C1   C N N 88  
EDO O1   O N N 89  
EDO C2   C N N 90  
EDO O2   O N N 91  
EDO H11  H N N 92  
EDO H12  H N N 93  
EDO HO1  H N N 94  
EDO H21  H N N 95  
EDO H22  H N N 96  
EDO HO2  H N N 97  
GLN N    N N N 98  
GLN CA   C N S 99  
GLN C    C N N 100 
GLN O    O N N 101 
GLN CB   C N N 102 
GLN CG   C N N 103 
GLN CD   C N N 104 
GLN OE1  O N N 105 
GLN NE2  N N N 106 
GLN OXT  O N N 107 
GLN H    H N N 108 
GLN H2   H N N 109 
GLN HA   H N N 110 
GLN HB2  H N N 111 
GLN HB3  H N N 112 
GLN HG2  H N N 113 
GLN HG3  H N N 114 
GLN HE21 H N N 115 
GLN HE22 H N N 116 
GLN HXT  H N N 117 
GLU N    N N N 118 
GLU CA   C N S 119 
GLU C    C N N 120 
GLU O    O N N 121 
GLU CB   C N N 122 
GLU CG   C N N 123 
GLU CD   C N N 124 
GLU OE1  O N N 125 
GLU OE2  O N N 126 
GLU OXT  O N N 127 
GLU H    H N N 128 
GLU H2   H N N 129 
GLU HA   H N N 130 
GLU HB2  H N N 131 
GLU HB3  H N N 132 
GLU HG2  H N N 133 
GLU HG3  H N N 134 
GLU HE2  H N N 135 
GLU HXT  H N N 136 
GLY N    N N N 137 
GLY CA   C N N 138 
GLY C    C N N 139 
GLY O    O N N 140 
GLY OXT  O N N 141 
GLY H    H N N 142 
GLY H2   H N N 143 
GLY HA2  H N N 144 
GLY HA3  H N N 145 
GLY HXT  H N N 146 
HIS N    N N N 147 
HIS CA   C N S 148 
HIS C    C N N 149 
HIS O    O N N 150 
HIS CB   C N N 151 
HIS CG   C Y N 152 
HIS ND1  N Y N 153 
HIS CD2  C Y N 154 
HIS CE1  C Y N 155 
HIS NE2  N Y N 156 
HIS OXT  O N N 157 
HIS H    H N N 158 
HIS H2   H N N 159 
HIS HA   H N N 160 
HIS HB2  H N N 161 
HIS HB3  H N N 162 
HIS HD1  H N N 163 
HIS HD2  H N N 164 
HIS HE1  H N N 165 
HIS HE2  H N N 166 
HIS HXT  H N N 167 
HOH O    O N N 168 
HOH H1   H N N 169 
HOH H2   H N N 170 
ILE N    N N N 171 
ILE CA   C N S 172 
ILE C    C N N 173 
ILE O    O N N 174 
ILE CB   C N S 175 
ILE CG1  C N N 176 
ILE CG2  C N N 177 
ILE CD1  C N N 178 
ILE OXT  O N N 179 
ILE H    H N N 180 
ILE H2   H N N 181 
ILE HA   H N N 182 
ILE HB   H N N 183 
ILE HG12 H N N 184 
ILE HG13 H N N 185 
ILE HG21 H N N 186 
ILE HG22 H N N 187 
ILE HG23 H N N 188 
ILE HD11 H N N 189 
ILE HD12 H N N 190 
ILE HD13 H N N 191 
ILE HXT  H N N 192 
LEU N    N N N 193 
LEU CA   C N S 194 
LEU C    C N N 195 
LEU O    O N N 196 
LEU CB   C N N 197 
LEU CG   C N N 198 
LEU CD1  C N N 199 
LEU CD2  C N N 200 
LEU OXT  O N N 201 
LEU H    H N N 202 
LEU H2   H N N 203 
LEU HA   H N N 204 
LEU HB2  H N N 205 
LEU HB3  H N N 206 
LEU HG   H N N 207 
LEU HD11 H N N 208 
LEU HD12 H N N 209 
LEU HD13 H N N 210 
LEU HD21 H N N 211 
LEU HD22 H N N 212 
LEU HD23 H N N 213 
LEU HXT  H N N 214 
LYS N    N N N 215 
LYS CA   C N S 216 
LYS C    C N N 217 
LYS O    O N N 218 
LYS CB   C N N 219 
LYS CG   C N N 220 
LYS CD   C N N 221 
LYS CE   C N N 222 
LYS NZ   N N N 223 
LYS OXT  O N N 224 
LYS H    H N N 225 
LYS H2   H N N 226 
LYS HA   H N N 227 
LYS HB2  H N N 228 
LYS HB3  H N N 229 
LYS HG2  H N N 230 
LYS HG3  H N N 231 
LYS HD2  H N N 232 
LYS HD3  H N N 233 
LYS HE2  H N N 234 
LYS HE3  H N N 235 
LYS HZ1  H N N 236 
LYS HZ2  H N N 237 
LYS HZ3  H N N 238 
LYS HXT  H N N 239 
MET N    N N N 240 
MET CA   C N S 241 
MET C    C N N 242 
MET O    O N N 243 
MET CB   C N N 244 
MET CG   C N N 245 
MET SD   S N N 246 
MET CE   C N N 247 
MET OXT  O N N 248 
MET H    H N N 249 
MET H2   H N N 250 
MET HA   H N N 251 
MET HB2  H N N 252 
MET HB3  H N N 253 
MET HG2  H N N 254 
MET HG3  H N N 255 
MET HE1  H N N 256 
MET HE2  H N N 257 
MET HE3  H N N 258 
MET HXT  H N N 259 
PHE N    N N N 260 
PHE CA   C N S 261 
PHE C    C N N 262 
PHE O    O N N 263 
PHE CB   C N N 264 
PHE CG   C Y N 265 
PHE CD1  C Y N 266 
PHE CD2  C Y N 267 
PHE CE1  C Y N 268 
PHE CE2  C Y N 269 
PHE CZ   C Y N 270 
PHE OXT  O N N 271 
PHE H    H N N 272 
PHE H2   H N N 273 
PHE HA   H N N 274 
PHE HB2  H N N 275 
PHE HB3  H N N 276 
PHE HD1  H N N 277 
PHE HD2  H N N 278 
PHE HE1  H N N 279 
PHE HE2  H N N 280 
PHE HZ   H N N 281 
PHE HXT  H N N 282 
PRO N    N N N 283 
PRO CA   C N S 284 
PRO C    C N N 285 
PRO O    O N N 286 
PRO CB   C N N 287 
PRO CG   C N N 288 
PRO CD   C N N 289 
PRO OXT  O N N 290 
PRO H    H N N 291 
PRO HA   H N N 292 
PRO HB2  H N N 293 
PRO HB3  H N N 294 
PRO HG2  H N N 295 
PRO HG3  H N N 296 
PRO HD2  H N N 297 
PRO HD3  H N N 298 
PRO HXT  H N N 299 
SER N    N N N 300 
SER CA   C N S 301 
SER C    C N N 302 
SER O    O N N 303 
SER CB   C N N 304 
SER OG   O N N 305 
SER OXT  O N N 306 
SER H    H N N 307 
SER H2   H N N 308 
SER HA   H N N 309 
SER HB2  H N N 310 
SER HB3  H N N 311 
SER HG   H N N 312 
SER HXT  H N N 313 
THR N    N N N 314 
THR CA   C N S 315 
THR C    C N N 316 
THR O    O N N 317 
THR CB   C N R 318 
THR OG1  O N N 319 
THR CG2  C N N 320 
THR OXT  O N N 321 
THR H    H N N 322 
THR H2   H N N 323 
THR HA   H N N 324 
THR HB   H N N 325 
THR HG1  H N N 326 
THR HG21 H N N 327 
THR HG22 H N N 328 
THR HG23 H N N 329 
THR HXT  H N N 330 
TYR N    N N N 331 
TYR CA   C N S 332 
TYR C    C N N 333 
TYR O    O N N 334 
TYR CB   C N N 335 
TYR CG   C Y N 336 
TYR CD1  C Y N 337 
TYR CD2  C Y N 338 
TYR CE1  C Y N 339 
TYR CE2  C Y N 340 
TYR CZ   C Y N 341 
TYR OH   O N N 342 
TYR OXT  O N N 343 
TYR H    H N N 344 
TYR H2   H N N 345 
TYR HA   H N N 346 
TYR HB2  H N N 347 
TYR HB3  H N N 348 
TYR HD1  H N N 349 
TYR HD2  H N N 350 
TYR HE1  H N N 351 
TYR HE2  H N N 352 
TYR HH   H N N 353 
TYR HXT  H N N 354 
VAL N    N N N 355 
VAL CA   C N S 356 
VAL C    C N N 357 
VAL O    O N N 358 
VAL CB   C N N 359 
VAL CG1  C N N 360 
VAL CG2  C N N 361 
VAL OXT  O N N 362 
VAL H    H N N 363 
VAL H2   H N N 364 
VAL HA   H N N 365 
VAL HB   H N N 366 
VAL HG11 H N N 367 
VAL HG12 H N N 368 
VAL HG13 H N N 369 
VAL HG21 H N N 370 
VAL HG22 H N N 371 
VAL HG23 H N N 372 
VAL HXT  H N N 373 
# 
loop_
_chem_comp_bond.comp_id 
_chem_comp_bond.atom_id_1 
_chem_comp_bond.atom_id_2 
_chem_comp_bond.value_order 
_chem_comp_bond.pdbx_aromatic_flag 
_chem_comp_bond.pdbx_stereo_config 
_chem_comp_bond.pdbx_ordinal 
ALA N   CA   sing N N 1   
ALA N   H    sing N N 2   
ALA N   H2   sing N N 3   
ALA CA  C    sing N N 4   
ALA CA  CB   sing N N 5   
ALA CA  HA   sing N N 6   
ALA C   O    doub N N 7   
ALA C   OXT  sing N N 8   
ALA CB  HB1  sing N N 9   
ALA CB  HB2  sing N N 10  
ALA CB  HB3  sing N N 11  
ALA OXT HXT  sing N N 12  
ARG N   CA   sing N N 13  
ARG N   H    sing N N 14  
ARG N   H2   sing N N 15  
ARG CA  C    sing N N 16  
ARG CA  CB   sing N N 17  
ARG CA  HA   sing N N 18  
ARG C   O    doub N N 19  
ARG C   OXT  sing N N 20  
ARG CB  CG   sing N N 21  
ARG CB  HB2  sing N N 22  
ARG CB  HB3  sing N N 23  
ARG CG  CD   sing N N 24  
ARG CG  HG2  sing N N 25  
ARG CG  HG3  sing N N 26  
ARG CD  NE   sing N N 27  
ARG CD  HD2  sing N N 28  
ARG CD  HD3  sing N N 29  
ARG NE  CZ   sing N N 30  
ARG NE  HE   sing N N 31  
ARG CZ  NH1  sing N N 32  
ARG CZ  NH2  doub N N 33  
ARG NH1 HH11 sing N N 34  
ARG NH1 HH12 sing N N 35  
ARG NH2 HH21 sing N N 36  
ARG NH2 HH22 sing N N 37  
ARG OXT HXT  sing N N 38  
ASN N   CA   sing N N 39  
ASN N   H    sing N N 40  
ASN N   H2   sing N N 41  
ASN CA  C    sing N N 42  
ASN CA  CB   sing N N 43  
ASN CA  HA   sing N N 44  
ASN C   O    doub N N 45  
ASN C   OXT  sing N N 46  
ASN CB  CG   sing N N 47  
ASN CB  HB2  sing N N 48  
ASN CB  HB3  sing N N 49  
ASN CG  OD1  doub N N 50  
ASN CG  ND2  sing N N 51  
ASN ND2 HD21 sing N N 52  
ASN ND2 HD22 sing N N 53  
ASN OXT HXT  sing N N 54  
ASP N   CA   sing N N 55  
ASP N   H    sing N N 56  
ASP N   H2   sing N N 57  
ASP CA  C    sing N N 58  
ASP CA  CB   sing N N 59  
ASP CA  HA   sing N N 60  
ASP C   O    doub N N 61  
ASP C   OXT  sing N N 62  
ASP CB  CG   sing N N 63  
ASP CB  HB2  sing N N 64  
ASP CB  HB3  sing N N 65  
ASP CG  OD1  doub N N 66  
ASP CG  OD2  sing N N 67  
ASP OD2 HD2  sing N N 68  
ASP OXT HXT  sing N N 69  
CYS N   CA   sing N N 70  
CYS N   H    sing N N 71  
CYS N   H2   sing N N 72  
CYS CA  C    sing N N 73  
CYS CA  CB   sing N N 74  
CYS CA  HA   sing N N 75  
CYS C   O    doub N N 76  
CYS C   OXT  sing N N 77  
CYS CB  SG   sing N N 78  
CYS CB  HB2  sing N N 79  
CYS CB  HB3  sing N N 80  
CYS SG  HG   sing N N 81  
CYS OXT HXT  sing N N 82  
EDO C1  O1   sing N N 83  
EDO C1  C2   sing N N 84  
EDO C1  H11  sing N N 85  
EDO C1  H12  sing N N 86  
EDO O1  HO1  sing N N 87  
EDO C2  O2   sing N N 88  
EDO C2  H21  sing N N 89  
EDO C2  H22  sing N N 90  
EDO O2  HO2  sing N N 91  
GLN N   CA   sing N N 92  
GLN N   H    sing N N 93  
GLN N   H2   sing N N 94  
GLN CA  C    sing N N 95  
GLN CA  CB   sing N N 96  
GLN CA  HA   sing N N 97  
GLN C   O    doub N N 98  
GLN C   OXT  sing N N 99  
GLN CB  CG   sing N N 100 
GLN CB  HB2  sing N N 101 
GLN CB  HB3  sing N N 102 
GLN CG  CD   sing N N 103 
GLN CG  HG2  sing N N 104 
GLN CG  HG3  sing N N 105 
GLN CD  OE1  doub N N 106 
GLN CD  NE2  sing N N 107 
GLN NE2 HE21 sing N N 108 
GLN NE2 HE22 sing N N 109 
GLN OXT HXT  sing N N 110 
GLU N   CA   sing N N 111 
GLU N   H    sing N N 112 
GLU N   H2   sing N N 113 
GLU CA  C    sing N N 114 
GLU CA  CB   sing N N 115 
GLU CA  HA   sing N N 116 
GLU C   O    doub N N 117 
GLU C   OXT  sing N N 118 
GLU CB  CG   sing N N 119 
GLU CB  HB2  sing N N 120 
GLU CB  HB3  sing N N 121 
GLU CG  CD   sing N N 122 
GLU CG  HG2  sing N N 123 
GLU CG  HG3  sing N N 124 
GLU CD  OE1  doub N N 125 
GLU CD  OE2  sing N N 126 
GLU OE2 HE2  sing N N 127 
GLU OXT HXT  sing N N 128 
GLY N   CA   sing N N 129 
GLY N   H    sing N N 130 
GLY N   H2   sing N N 131 
GLY CA  C    sing N N 132 
GLY CA  HA2  sing N N 133 
GLY CA  HA3  sing N N 134 
GLY C   O    doub N N 135 
GLY C   OXT  sing N N 136 
GLY OXT HXT  sing N N 137 
HIS N   CA   sing N N 138 
HIS N   H    sing N N 139 
HIS N   H2   sing N N 140 
HIS CA  C    sing N N 141 
HIS CA  CB   sing N N 142 
HIS CA  HA   sing N N 143 
HIS C   O    doub N N 144 
HIS C   OXT  sing N N 145 
HIS CB  CG   sing N N 146 
HIS CB  HB2  sing N N 147 
HIS CB  HB3  sing N N 148 
HIS CG  ND1  sing Y N 149 
HIS CG  CD2  doub Y N 150 
HIS ND1 CE1  doub Y N 151 
HIS ND1 HD1  sing N N 152 
HIS CD2 NE2  sing Y N 153 
HIS CD2 HD2  sing N N 154 
HIS CE1 NE2  sing Y N 155 
HIS CE1 HE1  sing N N 156 
HIS NE2 HE2  sing N N 157 
HIS OXT HXT  sing N N 158 
HOH O   H1   sing N N 159 
HOH O   H2   sing N N 160 
ILE N   CA   sing N N 161 
ILE N   H    sing N N 162 
ILE N   H2   sing N N 163 
ILE CA  C    sing N N 164 
ILE CA  CB   sing N N 165 
ILE CA  HA   sing N N 166 
ILE C   O    doub N N 167 
ILE C   OXT  sing N N 168 
ILE CB  CG1  sing N N 169 
ILE CB  CG2  sing N N 170 
ILE CB  HB   sing N N 171 
ILE CG1 CD1  sing N N 172 
ILE CG1 HG12 sing N N 173 
ILE CG1 HG13 sing N N 174 
ILE CG2 HG21 sing N N 175 
ILE CG2 HG22 sing N N 176 
ILE CG2 HG23 sing N N 177 
ILE CD1 HD11 sing N N 178 
ILE CD1 HD12 sing N N 179 
ILE CD1 HD13 sing N N 180 
ILE OXT HXT  sing N N 181 
LEU N   CA   sing N N 182 
LEU N   H    sing N N 183 
LEU N   H2   sing N N 184 
LEU CA  C    sing N N 185 
LEU CA  CB   sing N N 186 
LEU CA  HA   sing N N 187 
LEU C   O    doub N N 188 
LEU C   OXT  sing N N 189 
LEU CB  CG   sing N N 190 
LEU CB  HB2  sing N N 191 
LEU CB  HB3  sing N N 192 
LEU CG  CD1  sing N N 193 
LEU CG  CD2  sing N N 194 
LEU CG  HG   sing N N 195 
LEU CD1 HD11 sing N N 196 
LEU CD1 HD12 sing N N 197 
LEU CD1 HD13 sing N N 198 
LEU CD2 HD21 sing N N 199 
LEU CD2 HD22 sing N N 200 
LEU CD2 HD23 sing N N 201 
LEU OXT HXT  sing N N 202 
LYS N   CA   sing N N 203 
LYS N   H    sing N N 204 
LYS N   H2   sing N N 205 
LYS CA  C    sing N N 206 
LYS CA  CB   sing N N 207 
LYS CA  HA   sing N N 208 
LYS C   O    doub N N 209 
LYS C   OXT  sing N N 210 
LYS CB  CG   sing N N 211 
LYS CB  HB2  sing N N 212 
LYS CB  HB3  sing N N 213 
LYS CG  CD   sing N N 214 
LYS CG  HG2  sing N N 215 
LYS CG  HG3  sing N N 216 
LYS CD  CE   sing N N 217 
LYS CD  HD2  sing N N 218 
LYS CD  HD3  sing N N 219 
LYS CE  NZ   sing N N 220 
LYS CE  HE2  sing N N 221 
LYS CE  HE3  sing N N 222 
LYS NZ  HZ1  sing N N 223 
LYS NZ  HZ2  sing N N 224 
LYS NZ  HZ3  sing N N 225 
LYS OXT HXT  sing N N 226 
MET N   CA   sing N N 227 
MET N   H    sing N N 228 
MET N   H2   sing N N 229 
MET CA  C    sing N N 230 
MET CA  CB   sing N N 231 
MET CA  HA   sing N N 232 
MET C   O    doub N N 233 
MET C   OXT  sing N N 234 
MET CB  CG   sing N N 235 
MET CB  HB2  sing N N 236 
MET CB  HB3  sing N N 237 
MET CG  SD   sing N N 238 
MET CG  HG2  sing N N 239 
MET CG  HG3  sing N N 240 
MET SD  CE   sing N N 241 
MET CE  HE1  sing N N 242 
MET CE  HE2  sing N N 243 
MET CE  HE3  sing N N 244 
MET OXT HXT  sing N N 245 
PHE N   CA   sing N N 246 
PHE N   H    sing N N 247 
PHE N   H2   sing N N 248 
PHE CA  C    sing N N 249 
PHE CA  CB   sing N N 250 
PHE CA  HA   sing N N 251 
PHE C   O    doub N N 252 
PHE C   OXT  sing N N 253 
PHE CB  CG   sing N N 254 
PHE CB  HB2  sing N N 255 
PHE CB  HB3  sing N N 256 
PHE CG  CD1  doub Y N 257 
PHE CG  CD2  sing Y N 258 
PHE CD1 CE1  sing Y N 259 
PHE CD1 HD1  sing N N 260 
PHE CD2 CE2  doub Y N 261 
PHE CD2 HD2  sing N N 262 
PHE CE1 CZ   doub Y N 263 
PHE CE1 HE1  sing N N 264 
PHE CE2 CZ   sing Y N 265 
PHE CE2 HE2  sing N N 266 
PHE CZ  HZ   sing N N 267 
PHE OXT HXT  sing N N 268 
PRO N   CA   sing N N 269 
PRO N   CD   sing N N 270 
PRO N   H    sing N N 271 
PRO CA  C    sing N N 272 
PRO CA  CB   sing N N 273 
PRO CA  HA   sing N N 274 
PRO C   O    doub N N 275 
PRO C   OXT  sing N N 276 
PRO CB  CG   sing N N 277 
PRO CB  HB2  sing N N 278 
PRO CB  HB3  sing N N 279 
PRO CG  CD   sing N N 280 
PRO CG  HG2  sing N N 281 
PRO CG  HG3  sing N N 282 
PRO CD  HD2  sing N N 283 
PRO CD  HD3  sing N N 284 
PRO OXT HXT  sing N N 285 
SER N   CA   sing N N 286 
SER N   H    sing N N 287 
SER N   H2   sing N N 288 
SER CA  C    sing N N 289 
SER CA  CB   sing N N 290 
SER CA  HA   sing N N 291 
SER C   O    doub N N 292 
SER C   OXT  sing N N 293 
SER CB  OG   sing N N 294 
SER CB  HB2  sing N N 295 
SER CB  HB3  sing N N 296 
SER OG  HG   sing N N 297 
SER OXT HXT  sing N N 298 
THR N   CA   sing N N 299 
THR N   H    sing N N 300 
THR N   H2   sing N N 301 
THR CA  C    sing N N 302 
THR CA  CB   sing N N 303 
THR CA  HA   sing N N 304 
THR C   O    doub N N 305 
THR C   OXT  sing N N 306 
THR CB  OG1  sing N N 307 
THR CB  CG2  sing N N 308 
THR CB  HB   sing N N 309 
THR OG1 HG1  sing N N 310 
THR CG2 HG21 sing N N 311 
THR CG2 HG22 sing N N 312 
THR CG2 HG23 sing N N 313 
THR OXT HXT  sing N N 314 
TYR N   CA   sing N N 315 
TYR N   H    sing N N 316 
TYR N   H2   sing N N 317 
TYR CA  C    sing N N 318 
TYR CA  CB   sing N N 319 
TYR CA  HA   sing N N 320 
TYR C   O    doub N N 321 
TYR C   OXT  sing N N 322 
TYR CB  CG   sing N N 323 
TYR CB  HB2  sing N N 324 
TYR CB  HB3  sing N N 325 
TYR CG  CD1  doub Y N 326 
TYR CG  CD2  sing Y N 327 
TYR CD1 CE1  sing Y N 328 
TYR CD1 HD1  sing N N 329 
TYR CD2 CE2  doub Y N 330 
TYR CD2 HD2  sing N N 331 
TYR CE1 CZ   doub Y N 332 
TYR CE1 HE1  sing N N 333 
TYR CE2 CZ   sing Y N 334 
TYR CE2 HE2  sing N N 335 
TYR CZ  OH   sing N N 336 
TYR OH  HH   sing N N 337 
TYR OXT HXT  sing N N 338 
VAL N   CA   sing N N 339 
VAL N   H    sing N N 340 
VAL N   H2   sing N N 341 
VAL CA  C    sing N N 342 
VAL CA  CB   sing N N 343 
VAL CA  HA   sing N N 344 
VAL C   O    doub N N 345 
VAL C   OXT  sing N N 346 
VAL CB  CG1  sing N N 347 
VAL CB  CG2  sing N N 348 
VAL CB  HB   sing N N 349 
VAL CG1 HG11 sing N N 350 
VAL CG1 HG12 sing N N 351 
VAL CG1 HG13 sing N N 352 
VAL CG2 HG21 sing N N 353 
VAL CG2 HG22 sing N N 354 
VAL CG2 HG23 sing N N 355 
VAL OXT HXT  sing N N 356 
# 
loop_
_pdbx_entity_nonpoly.entity_id 
_pdbx_entity_nonpoly.name 
_pdbx_entity_nonpoly.comp_id 
2 1,2-ETHANEDIOL EDO 
3 water          HOH 
# 
loop_
_pdbx_initial_refinement_model.id 
_pdbx_initial_refinement_model.entity_id_list 
_pdbx_initial_refinement_model.type 
_pdbx_initial_refinement_model.source_name 
_pdbx_initial_refinement_model.accession_code 
_pdbx_initial_refinement_model.details 
1 ? 'experimental model' PDB 1I92 '1i92 and 1g9o' 
2 ? 'experimental model' PDB 1G9O '1i92 and 1g9o' 
# 
